data_6FJG
#
_entry.id   6FJG
#
_cell.length_a   74.505
_cell.length_b   205.652
_cell.length_c   146.512
_cell.angle_alpha   90.00
_cell.angle_beta   90.00
_cell.angle_gamma   90.00
#
_symmetry.space_group_name_H-M   'P 21 21 2'
#
loop_
_entity.id
_entity.type
_entity.pdbx_description
1 polymer Beta-fructofuranosidase
2 branched alpha-D-mannopyranose-(1-3)-alpha-D-mannopyranose-(1-6)-[alpha-D-mannopyranose-(1-3)]beta-D-mannopyranose-(1-4)-2-acetamido-2-deoxy-beta-D-glucopyranose-(1-4)-2-acetamido-2-deoxy-beta-D-glucopyranose
3 branched alpha-D-mannopyranose-(1-2)-alpha-D-mannopyranose-(1-2)-alpha-D-mannopyranose-(1-3)-[alpha-D-mannopyranose-(1-2)-alpha-D-mannopyranose-(1-6)-[alpha-D-mannopyranose-(1-3)]alpha-D-mannopyranose-(1-6)]beta-D-mannopyranose-(1-4)-2-acetamido-2-deoxy-beta-D-glucopyranose-(1-4)-2-acetamido-2-deoxy-beta-D-glucopyranose
4 branched 2-acetamido-2-deoxy-beta-D-glucopyranose-(1-4)-2-acetamido-2-deoxy-beta-D-glucopyranose
5 branched alpha-D-mannopyranose-(1-2)-alpha-D-mannopyranose-(1-6)-[alpha-D-mannopyranose-(1-3)]alpha-D-mannopyranose-(1-6)-[alpha-D-mannopyranose-(1-2)-alpha-D-mannopyranose-(1-3)]beta-D-mannopyranose-(1-4)-2-acetamido-2-deoxy-beta-D-glucopyranose-(1-4)-2-acetamido-2-deoxy-beta-D-glucopyranose
6 non-polymer beta-D-fructofuranose
7 non-polymer P-NITROPHENOL
8 non-polymer 1,2-ETHANEDIOL
9 non-polymer 2-acetamido-2-deoxy-beta-D-glucopyranose
10 water water
#
_entity_poly.entity_id   1
_entity_poly.type   'polypeptide(L)'
_entity_poly.pdbx_seq_one_letter_code
;MVAPLLKTLPFLAAAYAAELDLPNFSALNRRQDNSTSSSAGCSLDQTVAPGNLTLCGNATLFTTFRPKARFIAPEGWMNA
PMGLYQRADGSIHAGYQSHPKHIQWGNISQGAAYSSDFTSWTDFNGSEGYKTIWPSQIYDIRGVFDGSIIKEGIDGYPTI
LYTSTSFGPLGATLNEAEGTETQSLAYTTDDGASWIKLGYGAGQNPVIYEWPETNLTGFRDPYVFQSPRLEALLANTTSI
TNATGDHFATISGGVHGDGARLFLYRQHTTGEFIKWTYLGPLVTTGYKESYGEWSGNYGINFETAGVTRLNPAGAAWDNG
SDTTAVDFVTFGTEQGRADHQNHWPLWAAVDYEVRDNGSIEAVIAYSGVQDWGRSYAYASFPVEGYRQVSVGWIYEDDDN
VILAKQFGYQGAFTLFRDLFVKVVENVSPSTPGLFEQASWSTKNSTDGMSVTVTTLGQRVVPETLAAYKGNSTVSTLAPV
MLNESAAAYTPFSSQPTDRFYALTGSFEFGLNTTAKAGFRVLASEEEYTDIWFDPASENLTVVRTASSLIKSFGNDTELA
KVKLYEIVGAESKTLNLTVFVDGSVIEIYANDEVALSTRAYPWLANSTGAGLLADGTTAGDVVGVSGLELWDGLVDAWPA
RPANTSQGLVWDGPTAAMYGLFAGY
;
_entity_poly.pdbx_strand_id   A,B
#
loop_
_chem_comp.id
_chem_comp.type
_chem_comp.name
_chem_comp.formula
BMA D-saccharide, beta linking beta-D-mannopyranose 'C6 H12 O6'
EDO non-polymer 1,2-ETHANEDIOL 'C2 H6 O2'
FRU D-saccharide, beta linking beta-D-fructofuranose 'C6 H12 O6'
MAN D-saccharide, alpha linking alpha-D-mannopyranose 'C6 H12 O6'
NAG D-saccharide, beta linking 2-acetamido-2-deoxy-beta-D-glucopyranose 'C8 H15 N O6'
NPO non-polymer P-NITROPHENOL 'C6 H5 N O3'
#
# COMPACT_ATOMS: atom_id res chain seq x y z
N CYS A 42 -8.29 -2.73 40.66
CA CYS A 42 -9.23 -3.80 40.17
C CYS A 42 -8.59 -5.09 39.61
N SER A 43 -9.41 -6.13 39.55
CA SER A 43 -8.98 -7.40 38.98
C SER A 43 -9.35 -7.48 37.50
N LEU A 44 -8.36 -7.90 36.70
CA LEU A 44 -8.52 -8.11 35.27
C LEU A 44 -8.50 -9.59 34.93
N ASP A 45 -8.95 -10.42 35.87
CA ASP A 45 -8.99 -11.86 35.68
C ASP A 45 -10.21 -12.22 34.85
N GLN A 46 -9.96 -12.55 33.58
CA GLN A 46 -11.02 -12.91 32.65
C GLN A 46 -11.38 -14.42 32.65
N THR A 47 -10.90 -15.17 33.64
CA THR A 47 -11.34 -16.55 33.85
C THR A 47 -12.41 -16.66 34.93
N VAL A 48 -12.73 -15.55 35.59
CA VAL A 48 -13.80 -15.51 36.60
C VAL A 48 -14.75 -14.36 36.26
N ALA A 49 -15.87 -14.30 36.98
CA ALA A 49 -16.85 -13.24 36.80
C ALA A 49 -16.20 -11.87 36.99
N PRO A 50 -16.67 -10.87 36.24
CA PRO A 50 -16.10 -9.52 36.41
C PRO A 50 -16.47 -8.93 37.75
N GLY A 51 -15.53 -8.20 38.33
CA GLY A 51 -15.78 -7.48 39.56
C GLY A 51 -16.49 -6.17 39.27
N ASN A 52 -16.24 -5.22 40.16
CA ASN A 52 -16.72 -3.88 39.98
C ASN A 52 -15.65 -3.17 39.15
N LEU A 53 -15.88 -3.15 37.83
CA LEU A 53 -14.89 -2.59 36.93
C LEU A 53 -14.83 -1.06 36.97
N THR A 54 -15.81 -0.41 37.59
CA THR A 54 -15.78 1.05 37.77
C THR A 54 -14.66 1.50 38.72
N LEU A 55 -14.11 0.56 39.50
CA LEU A 55 -12.97 0.84 40.36
C LEU A 55 -11.63 0.79 39.61
N CYS A 56 -11.63 0.28 38.38
CA CYS A 56 -10.40 0.20 37.59
C CYS A 56 -9.93 1.60 37.18
N GLY A 57 -8.62 1.73 37.02
CA GLY A 57 -7.99 2.99 36.63
C GLY A 57 -8.25 3.34 35.16
N ASN A 58 -7.82 4.54 34.80
CA ASN A 58 -7.99 5.04 33.43
C ASN A 58 -7.21 4.15 32.47
N ALA A 59 -7.87 3.74 31.38
CA ALA A 59 -7.27 2.96 30.31
C ALA A 59 -6.76 1.57 30.76
N THR A 60 -7.23 1.07 31.90
CA THR A 60 -6.83 -0.28 32.34
C THR A 60 -7.53 -1.36 31.53
N LEU A 61 -8.65 -1.01 30.90
CA LEU A 61 -9.35 -1.90 29.97
C LEU A 61 -9.10 -1.52 28.49
N PHE A 62 -7.95 -0.90 28.20
CA PHE A 62 -7.67 -0.40 26.84
C PHE A 62 -7.70 -1.48 25.78
N THR A 63 -7.04 -2.61 26.03
CA THR A 63 -6.97 -3.67 25.02
C THR A 63 -8.11 -4.71 25.10
N THR A 64 -8.87 -4.72 26.19
CA THR A 64 -9.82 -5.80 26.49
C THR A 64 -10.85 -6.05 25.42
N PHE A 65 -11.45 -4.96 24.92
CA PHE A 65 -12.55 -5.02 23.96
C PHE A 65 -12.22 -4.30 22.65
N ARG A 66 -10.95 -3.97 22.43
CA ARG A 66 -10.59 -3.00 21.41
C ARG A 66 -10.46 -3.62 20.03
N PRO A 67 -11.14 -3.02 19.02
CA PRO A 67 -10.88 -3.50 17.66
C PRO A 67 -9.42 -3.38 17.23
N LYS A 68 -8.97 -4.35 16.44
CA LYS A 68 -7.61 -4.38 15.89
C LYS A 68 -7.53 -4.34 14.37
N ALA A 69 -8.62 -4.66 13.68
CA ALA A 69 -8.62 -4.86 12.22
C ALA A 69 -9.27 -3.74 11.43
N ARG A 70 -9.49 -2.60 12.06
CA ARG A 70 -10.22 -1.49 11.42
C ARG A 70 -9.66 -0.14 11.81
N PHE A 71 -10.20 0.89 11.17
CA PHE A 71 -9.81 2.26 11.45
C PHE A 71 -10.33 2.66 12.83
N ILE A 72 -9.44 3.15 13.67
CA ILE A 72 -9.76 3.66 15.00
C ILE A 72 -8.67 4.65 15.39
N ALA A 73 -9.01 5.68 16.16
CA ALA A 73 -8.03 6.64 16.68
C ALA A 73 -7.01 5.95 17.58
N PRO A 74 -5.81 6.56 17.76
CA PRO A 74 -4.87 5.93 18.71
C PRO A 74 -5.41 5.82 20.14
N GLU A 75 -6.23 6.78 20.56
CA GLU A 75 -6.80 6.81 21.92
C GLU A 75 -7.86 7.89 21.98
N GLY A 76 -8.64 7.89 23.06
CA GLY A 76 -9.59 8.96 23.30
C GLY A 76 -10.84 8.88 22.46
N TRP A 77 -11.52 10.01 22.37
CA TRP A 77 -12.81 10.10 21.73
C TRP A 77 -12.65 10.30 20.22
N MET A 78 -13.42 9.55 19.44
CA MET A 78 -13.60 9.85 18.03
C MET A 78 -15.07 9.77 17.66
N ASN A 79 -15.49 10.51 16.64
CA ASN A 79 -16.79 10.32 16.02
C ASN A 79 -16.68 10.33 14.47
N ALA A 80 -17.39 11.23 13.79
CA ALA A 80 -17.59 11.15 12.34
C ALA A 80 -16.32 11.13 11.52
N PRO A 81 -16.28 10.29 10.47
CA PRO A 81 -15.29 10.47 9.43
C PRO A 81 -15.44 11.85 8.78
N MET A 82 -14.32 12.39 8.33
CA MET A 82 -14.30 13.67 7.63
C MET A 82 -13.08 13.76 6.72
N GLY A 83 -13.11 14.72 5.80
CA GLY A 83 -11.95 15.06 4.98
C GLY A 83 -11.40 13.90 4.16
N LEU A 84 -12.29 13.02 3.70
CA LEU A 84 -11.90 11.82 3.00
C LEU A 84 -11.54 12.16 1.55
N TYR A 85 -10.36 11.72 1.12
CA TYR A 85 -9.99 11.84 -0.30
C TYR A 85 -8.87 10.91 -0.68
N GLN A 86 -8.85 10.56 -1.96
CA GLN A 86 -7.76 9.81 -2.53
C GLN A 86 -6.71 10.81 -2.98
N ARG A 87 -5.52 10.67 -2.42
CA ARG A 87 -4.41 11.57 -2.68
C ARG A 87 -3.80 11.29 -4.05
N ALA A 88 -2.96 12.20 -4.50
CA ALA A 88 -2.33 12.09 -5.83
C ALA A 88 -1.52 10.81 -6.03
N ASP A 89 -0.93 10.28 -4.95
CA ASP A 89 -0.16 9.03 -5.03
C ASP A 89 -1.02 7.76 -4.98
N GLY A 90 -2.35 7.93 -4.95
CA GLY A 90 -3.31 6.83 -4.93
C GLY A 90 -3.71 6.36 -3.55
N SER A 91 -3.00 6.82 -2.52
CA SER A 91 -3.35 6.48 -1.13
C SER A 91 -4.62 7.21 -0.68
N ILE A 92 -5.21 6.70 0.39
CA ILE A 92 -6.44 7.25 0.94
C ILE A 92 -6.11 8.06 2.19
N HIS A 93 -6.56 9.32 2.21
CA HIS A 93 -6.50 10.16 3.41
C HIS A 93 -7.84 10.09 4.11
N ALA A 94 -7.84 9.72 5.40
CA ALA A 94 -9.04 9.70 6.21
C ALA A 94 -8.84 10.59 7.42
N GLY A 95 -9.75 11.55 7.56
CA GLY A 95 -9.86 12.33 8.78
C GLY A 95 -10.98 11.81 9.66
N TYR A 96 -11.01 12.30 10.89
CA TYR A 96 -12.09 11.98 11.81
C TYR A 96 -12.20 13.01 12.91
N GLN A 97 -13.42 13.23 13.35
CA GLN A 97 -13.69 14.06 14.53
C GLN A 97 -13.03 13.42 15.74
N SER A 98 -12.18 14.20 16.42
CA SER A 98 -11.26 13.69 17.44
C SER A 98 -11.16 14.58 18.67
N HIS A 99 -11.13 13.94 19.85
CA HIS A 99 -10.83 14.63 21.14
C HIS A 99 -9.86 13.75 21.94
N PRO A 100 -8.54 13.88 21.67
CA PRO A 100 -7.53 13.10 22.35
C PRO A 100 -7.54 13.31 23.86
N LYS A 101 -7.19 12.25 24.59
CA LYS A 101 -7.00 12.30 26.04
C LYS A 101 -8.29 12.63 26.81
N HIS A 102 -9.45 12.42 26.16
CA HIS A 102 -10.75 12.59 26.73
C HIS A 102 -11.61 11.43 26.23
N ILE A 103 -12.70 11.13 26.93
CA ILE A 103 -13.64 10.10 26.47
C ILE A 103 -15.07 10.60 26.20
N GLN A 104 -15.22 11.93 26.18
CA GLN A 104 -16.41 12.57 25.65
C GLN A 104 -16.00 13.61 24.62
N TRP A 105 -16.98 14.01 23.82
CA TRP A 105 -16.80 14.98 22.74
C TRP A 105 -16.37 16.35 23.28
N GLY A 106 -15.59 17.07 22.47
CA GLY A 106 -15.22 18.45 22.79
C GLY A 106 -13.98 18.88 22.03
N ASN A 107 -13.72 20.18 22.04
CA ASN A 107 -12.61 20.80 21.29
C ASN A 107 -12.40 20.10 19.98
N ILE A 108 -13.48 19.84 19.27
CA ILE A 108 -13.43 18.79 18.27
C ILE A 108 -12.50 19.20 17.11
N SER A 109 -11.67 18.25 16.70
CA SER A 109 -10.55 18.48 15.79
C SER A 109 -10.55 17.39 14.74
N GLN A 110 -9.79 17.59 13.67
CA GLN A 110 -9.52 16.52 12.70
C GLN A 110 -8.28 15.74 13.08
N GLY A 111 -8.46 14.47 13.45
CA GLY A 111 -7.37 13.50 13.51
C GLY A 111 -7.26 12.90 12.13
N ALA A 112 -6.09 12.37 11.77
CA ALA A 112 -5.92 11.86 10.42
C ALA A 112 -4.92 10.74 10.28
N ALA A 113 -5.10 9.96 9.23
CA ALA A 113 -4.22 8.85 8.90
C ALA A 113 -4.34 8.54 7.42
N TYR A 114 -3.45 7.69 6.93
CA TYR A 114 -3.48 7.32 5.52
C TYR A 114 -3.22 5.83 5.29
N SER A 115 -3.63 5.35 4.12
CA SER A 115 -3.52 3.94 3.77
C SER A 115 -3.46 3.77 2.27
N SER A 116 -2.70 2.78 1.80
CA SER A 116 -2.73 2.47 0.37
C SER A 116 -3.79 1.44 -0.04
N ASP A 117 -4.49 0.83 0.93
CA ASP A 117 -5.43 -0.27 0.63
C ASP A 117 -6.71 -0.31 1.50
N PHE A 118 -7.05 0.84 2.11
CA PHE A 118 -8.17 0.98 3.05
C PHE A 118 -8.04 0.18 4.35
N THR A 119 -6.96 -0.58 4.51
CA THR A 119 -6.95 -1.68 5.48
C THR A 119 -5.83 -1.55 6.50
N SER A 120 -4.60 -1.32 6.03
CA SER A 120 -3.45 -1.07 6.86
C SER A 120 -3.19 0.43 6.85
N TRP A 121 -3.17 1.05 8.03
CA TRP A 121 -3.11 2.51 8.18
C TRP A 121 -1.87 3.00 8.91
N THR A 122 -1.53 4.27 8.67
CA THR A 122 -0.44 4.95 9.34
C THR A 122 -0.93 6.31 9.84
N ASP A 123 -0.68 6.61 11.11
CA ASP A 123 -1.06 7.92 11.66
C ASP A 123 -0.17 9.02 11.13
N PHE A 124 -0.74 10.19 10.88
CA PHE A 124 0.10 11.40 10.79
C PHE A 124 0.69 11.73 12.17
N ASN A 125 1.87 12.34 12.17
CA ASN A 125 2.51 12.77 13.41
C ASN A 125 3.14 14.13 13.17
N GLY A 126 2.57 15.16 13.78
CA GLY A 126 3.05 16.53 13.64
C GLY A 126 3.13 17.19 14.99
N SER A 127 3.12 18.51 15.00
CA SER A 127 3.23 19.26 16.25
C SER A 127 2.06 19.02 17.21
N GLU A 128 0.89 18.66 16.67
CA GLU A 128 -0.28 18.30 17.50
C GLU A 128 -0.58 16.80 17.47
N GLY A 129 0.47 15.99 17.44
CA GLY A 129 0.32 14.55 17.41
C GLY A 129 -0.34 14.07 16.13
N TYR A 130 -1.48 13.39 16.27
CA TYR A 130 -2.21 12.90 15.11
C TYR A 130 -3.30 13.85 14.64
N LYS A 131 -3.46 14.99 15.30
CA LYS A 131 -4.38 16.02 14.79
C LYS A 131 -3.73 16.79 13.66
N THR A 132 -4.56 17.22 12.71
CA THR A 132 -4.09 18.08 11.62
C THR A 132 -4.90 19.38 11.43
N ILE A 133 -6.10 19.47 12.02
CA ILE A 133 -6.86 20.74 12.09
C ILE A 133 -7.51 20.78 13.46
N TRP A 134 -7.45 21.95 14.10
CA TRP A 134 -7.97 22.13 15.44
C TRP A 134 -8.54 23.53 15.60
N PRO A 135 -9.42 23.71 16.59
CA PRO A 135 -9.93 25.06 16.90
C PRO A 135 -8.79 26.04 17.18
N SER A 136 -8.81 27.19 16.50
CA SER A 136 -7.72 28.16 16.62
C SER A 136 -8.08 29.62 16.37
N GLN A 137 -9.31 29.87 15.92
CA GLN A 137 -9.73 31.20 15.51
C GLN A 137 -11.10 31.47 16.09
N ILE A 138 -11.49 32.73 16.22
CA ILE A 138 -12.80 33.05 16.76
C ILE A 138 -13.94 32.32 16.04
N TYR A 139 -13.79 32.10 14.74
CA TYR A 139 -14.85 31.47 13.93
C TYR A 139 -14.95 29.95 14.07
N ASP A 140 -13.90 29.28 14.55
CA ASP A 140 -13.93 27.82 14.75
C ASP A 140 -13.50 27.37 16.15
N ILE A 141 -13.42 28.28 17.10
CA ILE A 141 -12.84 27.94 18.42
C ILE A 141 -13.72 26.95 19.19
N ARG A 142 -15.00 26.86 18.85
CA ARG A 142 -15.91 25.93 19.53
C ARG A 142 -15.85 24.53 18.95
N GLY A 143 -15.15 24.36 17.82
CA GLY A 143 -15.01 23.05 17.20
C GLY A 143 -14.84 23.15 15.69
N VAL A 144 -13.94 22.33 15.18
CA VAL A 144 -13.76 22.07 13.75
C VAL A 144 -14.63 20.86 13.46
N PHE A 145 -15.83 21.11 12.97
CA PHE A 145 -16.83 20.08 12.70
C PHE A 145 -16.51 19.41 11.35
N ASP A 146 -17.41 18.56 10.88
CA ASP A 146 -17.22 17.80 9.64
C ASP A 146 -16.95 18.71 8.44
N GLY A 147 -16.21 18.19 7.47
CA GLY A 147 -15.92 18.88 6.23
C GLY A 147 -15.51 17.89 5.16
N SER A 148 -15.44 18.37 3.92
CA SER A 148 -15.14 17.51 2.77
C SER A 148 -14.18 18.23 1.84
N ILE A 149 -13.66 17.47 0.87
CA ILE A 149 -12.49 17.87 0.11
C ILE A 149 -12.79 18.33 -1.33
N ILE A 150 -12.23 19.48 -1.65
CA ILE A 150 -12.07 19.97 -3.03
C ILE A 150 -10.67 19.56 -3.46
N LYS A 151 -10.58 18.60 -4.39
CA LYS A 151 -9.26 18.03 -4.70
C LYS A 151 -8.33 19.02 -5.38
N GLU A 152 -8.89 19.84 -6.28
CA GLU A 152 -8.14 20.89 -6.93
C GLU A 152 -8.69 22.24 -6.48
N GLY A 153 -8.18 22.71 -5.35
CA GLY A 153 -8.72 23.88 -4.67
C GLY A 153 -7.79 25.07 -4.70
N ILE A 154 -7.58 25.67 -3.53
CA ILE A 154 -6.84 26.92 -3.40
C ILE A 154 -5.41 26.71 -3.91
N ASP A 155 -4.99 27.53 -4.87
CA ASP A 155 -3.66 27.42 -5.50
C ASP A 155 -3.35 26.02 -6.07
N GLY A 156 -4.40 25.29 -6.45
CA GLY A 156 -4.31 23.93 -6.95
C GLY A 156 -4.19 22.82 -5.91
N TYR A 157 -4.19 23.18 -4.64
CA TYR A 157 -4.00 22.21 -3.56
C TYR A 157 -5.29 21.60 -3.06
N PRO A 158 -5.21 20.39 -2.50
CA PRO A 158 -6.39 19.85 -1.85
C PRO A 158 -6.85 20.81 -0.75
N THR A 159 -8.15 21.04 -0.71
CA THR A 159 -8.77 22.07 0.10
C THR A 159 -9.97 21.46 0.83
N ILE A 160 -10.10 21.75 2.12
CA ILE A 160 -11.25 21.29 2.89
C ILE A 160 -12.20 22.46 3.12
N LEU A 161 -13.49 22.22 2.87
CA LEU A 161 -14.57 23.09 3.30
C LEU A 161 -15.19 22.42 4.51
N TYR A 162 -15.15 23.10 5.66
CA TYR A 162 -15.59 22.50 6.95
C TYR A 162 -16.48 23.44 7.73
N THR A 163 -17.25 22.87 8.64
CA THR A 163 -18.05 23.69 9.53
C THR A 163 -17.20 24.21 10.68
N SER A 164 -17.02 25.53 10.69
CA SER A 164 -16.34 26.25 11.75
C SER A 164 -17.38 26.75 12.74
N THR A 165 -17.26 26.33 14.01
CA THR A 165 -18.23 26.69 15.03
C THR A 165 -17.68 27.67 16.04
N SER A 166 -18.54 28.60 16.47
CA SER A 166 -18.23 29.56 17.50
C SER A 166 -19.25 29.43 18.64
N PHE A 167 -19.33 30.46 19.47
N PHE A 167 -19.33 30.46 19.49
CA PHE A 167 -20.13 30.42 20.69
CA PHE A 167 -20.13 30.42 20.70
C PHE A 167 -21.62 30.47 20.41
C PHE A 167 -21.62 30.47 20.41
N GLY A 168 -22.40 30.06 21.40
CA GLY A 168 -23.87 30.20 21.37
C GLY A 168 -24.55 28.86 21.43
N PRO A 169 -25.86 28.86 21.71
CA PRO A 169 -26.59 27.60 21.66
C PRO A 169 -26.44 26.94 20.29
N LEU A 170 -26.13 25.65 20.29
CA LEU A 170 -25.91 24.90 19.05
C LEU A 170 -26.65 23.58 19.18
N GLY A 171 -27.67 23.40 18.35
CA GLY A 171 -28.38 22.14 18.31
C GLY A 171 -29.79 22.29 17.80
N ALA A 172 -30.31 21.18 17.27
CA ALA A 172 -31.63 21.15 16.65
C ALA A 172 -32.79 21.35 17.63
N THR A 173 -32.56 21.08 18.91
CA THR A 173 -33.57 21.31 19.95
C THR A 173 -33.33 22.59 20.76
N LEU A 174 -32.36 23.41 20.35
CA LEU A 174 -32.05 24.66 21.02
C LEU A 174 -32.34 25.83 20.09
N ASN A 175 -32.18 27.04 20.59
CA ASN A 175 -32.45 28.24 19.80
C ASN A 175 -31.14 28.78 19.22
N GLU A 176 -30.63 28.10 18.19
CA GLU A 176 -29.38 28.51 17.55
C GLU A 176 -29.58 29.79 16.76
N ALA A 177 -28.52 30.58 16.69
CA ALA A 177 -28.48 31.80 15.90
C ALA A 177 -27.40 31.74 14.85
N GLU A 178 -27.59 32.58 13.84
CA GLU A 178 -26.66 32.79 12.76
C GLU A 178 -25.27 33.16 13.31
N GLY A 179 -24.23 32.58 12.74
CA GLY A 179 -22.85 32.81 13.16
C GLY A 179 -22.26 31.67 13.98
N THR A 180 -23.10 30.96 14.73
CA THR A 180 -22.61 29.88 15.58
C THR A 180 -22.03 28.74 14.72
N GLU A 181 -22.66 28.45 13.59
CA GLU A 181 -22.13 27.51 12.61
C GLU A 181 -21.91 28.23 11.30
N THR A 182 -20.66 28.30 10.87
CA THR A 182 -20.31 28.86 9.56
C THR A 182 -19.47 27.82 8.81
N GLN A 183 -19.13 28.13 7.56
CA GLN A 183 -18.35 27.21 6.73
C GLN A 183 -17.07 27.91 6.28
N SER A 184 -15.95 27.23 6.46
CA SER A 184 -14.61 27.80 6.27
C SER A 184 -13.72 26.91 5.42
N LEU A 185 -12.68 27.50 4.84
CA LEU A 185 -11.71 26.79 4.01
C LEU A 185 -10.32 26.68 4.63
N ALA A 186 -9.66 25.56 4.33
CA ALA A 186 -8.24 25.39 4.58
C ALA A 186 -7.66 24.52 3.48
N TYR A 187 -6.37 24.67 3.21
CA TYR A 187 -5.69 23.89 2.16
C TYR A 187 -4.42 23.25 2.67
N THR A 188 -3.98 22.18 2.00
CA THR A 188 -2.76 21.47 2.39
C THR A 188 -1.72 21.50 1.27
N THR A 189 -0.50 21.90 1.62
CA THR A 189 0.63 21.88 0.69
C THR A 189 1.50 20.64 0.89
N ASP A 190 1.14 19.78 1.86
CA ASP A 190 1.95 18.61 2.21
C ASP A 190 1.11 17.34 2.32
N ASP A 191 0.12 17.22 1.45
CA ASP A 191 -0.69 16.01 1.33
C ASP A 191 -1.38 15.58 2.63
N GLY A 192 -1.83 16.55 3.42
CA GLY A 192 -2.61 16.27 4.63
C GLY A 192 -1.82 16.24 5.92
N ALA A 193 -0.50 16.44 5.87
CA ALA A 193 0.26 16.51 7.13
C ALA A 193 -0.11 17.77 7.92
N SER A 194 -0.45 18.85 7.21
CA SER A 194 -0.88 20.09 7.84
C SER A 194 -1.85 20.82 6.93
N TRP A 195 -2.65 21.72 7.51
CA TRP A 195 -3.59 22.55 6.73
C TRP A 195 -3.41 24.00 7.13
N ILE A 196 -3.51 24.88 6.13
CA ILE A 196 -3.47 26.31 6.32
C ILE A 196 -4.86 26.87 6.09
N LYS A 197 -5.41 27.53 7.11
CA LYS A 197 -6.72 28.18 7.00
C LYS A 197 -6.58 29.50 6.26
N LEU A 198 -7.59 29.85 5.48
CA LEU A 198 -7.67 31.22 5.00
C LEU A 198 -7.79 32.16 6.19
N GLY A 199 -7.38 33.40 5.99
CA GLY A 199 -7.49 34.41 7.04
C GLY A 199 -8.91 34.70 7.48
N TYR A 200 -9.07 35.19 8.71
CA TYR A 200 -10.35 35.66 9.17
C TYR A 200 -10.66 37.03 8.58
N GLY A 201 -11.83 37.17 7.96
CA GLY A 201 -12.33 38.50 7.62
C GLY A 201 -13.17 38.57 6.37
N ALA A 202 -13.45 39.80 5.96
CA ALA A 202 -14.28 40.06 4.79
C ALA A 202 -13.60 39.53 3.54
N GLY A 203 -14.34 38.72 2.78
CA GLY A 203 -13.83 38.08 1.58
C GLY A 203 -12.90 36.90 1.81
N GLN A 204 -12.82 36.45 3.06
N GLN A 204 -12.76 36.46 3.06
CA GLN A 204 -11.94 35.36 3.46
CA GLN A 204 -11.95 35.30 3.41
C GLN A 204 -12.80 34.43 4.35
C GLN A 204 -12.81 34.43 4.34
N ASN A 205 -12.22 33.77 5.36
CA ASN A 205 -13.01 32.93 6.25
C ASN A 205 -13.85 33.70 7.26
N PRO A 206 -15.02 33.18 7.65
CA PRO A 206 -15.69 32.04 7.01
C PRO A 206 -16.29 32.46 5.67
N VAL A 207 -16.36 31.52 4.74
CA VAL A 207 -16.84 31.81 3.37
C VAL A 207 -18.36 31.69 3.20
N ILE A 208 -19.02 30.89 4.04
CA ILE A 208 -20.49 30.80 4.06
C ILE A 208 -20.91 31.02 5.50
N TYR A 209 -21.72 32.04 5.73
CA TYR A 209 -22.17 32.42 7.06
C TYR A 209 -23.64 32.83 7.16
N GLU A 210 -24.24 33.33 6.08
CA GLU A 210 -25.63 33.72 6.08
C GLU A 210 -26.51 32.51 6.01
N TRP A 211 -27.49 32.45 6.90
CA TRP A 211 -28.48 31.40 6.87
C TRP A 211 -29.38 31.58 5.65
N PRO A 212 -29.62 30.49 4.89
CA PRO A 212 -30.49 30.63 3.71
C PRO A 212 -31.98 30.77 4.05
N GLU A 213 -32.41 30.31 5.22
CA GLU A 213 -33.79 30.48 5.69
C GLU A 213 -33.69 30.80 7.19
N THR A 214 -34.73 31.38 7.79
CA THR A 214 -34.67 31.66 9.24
C THR A 214 -34.96 30.41 10.06
N ASN A 215 -34.63 30.51 11.35
CA ASN A 215 -34.97 29.49 12.37
C ASN A 215 -34.49 28.08 12.02
N LEU A 216 -33.24 28.00 11.59
CA LEU A 216 -32.63 26.70 11.30
C LEU A 216 -32.40 25.88 12.57
N THR A 217 -32.58 24.57 12.41
CA THR A 217 -32.23 23.58 13.42
C THR A 217 -30.74 23.23 13.35
N GLY A 218 -30.09 23.51 12.23
CA GLY A 218 -28.67 23.21 12.04
C GLY A 218 -28.19 23.73 10.72
N PHE A 219 -26.88 23.85 10.56
CA PHE A 219 -26.30 24.45 9.35
C PHE A 219 -24.85 23.99 9.27
N ARG A 220 -24.66 22.73 8.85
CA ARG A 220 -23.32 22.14 8.95
C ARG A 220 -23.09 21.02 7.98
N ASP A 221 -21.84 20.55 7.97
CA ASP A 221 -21.40 19.36 7.26
C ASP A 221 -21.42 19.58 5.73
N PRO A 222 -20.64 20.56 5.26
CA PRO A 222 -20.63 20.87 3.84
C PRO A 222 -20.04 19.72 3.05
N TYR A 223 -20.79 19.28 2.02
CA TYR A 223 -20.37 18.17 1.20
C TYR A 223 -20.15 18.69 -0.20
N VAL A 224 -18.87 18.77 -0.61
CA VAL A 224 -18.52 19.32 -1.91
C VAL A 224 -18.37 18.20 -2.92
N PHE A 225 -18.94 18.40 -4.12
CA PHE A 225 -18.91 17.37 -5.15
C PHE A 225 -19.03 18.01 -6.52
N GLN A 226 -18.49 17.32 -7.52
CA GLN A 226 -18.69 17.68 -8.92
C GLN A 226 -19.83 16.82 -9.42
N SER A 227 -20.57 17.35 -10.40
CA SER A 227 -21.75 16.66 -10.90
C SER A 227 -22.07 17.07 -12.33
N PRO A 228 -21.57 16.31 -13.30
CA PRO A 228 -22.00 16.54 -14.70
C PRO A 228 -23.53 16.53 -14.85
N ARG A 229 -24.19 15.66 -14.08
CA ARG A 229 -25.66 15.59 -14.02
C ARG A 229 -26.31 16.92 -13.62
N LEU A 230 -25.91 17.47 -12.47
CA LEU A 230 -26.48 18.75 -12.05
C LEU A 230 -26.08 19.90 -12.95
N GLU A 231 -24.85 19.88 -13.49
CA GLU A 231 -24.43 20.92 -14.44
C GLU A 231 -25.32 20.94 -15.69
N ALA A 232 -25.61 19.76 -16.22
CA ALA A 232 -26.48 19.64 -17.40
C ALA A 232 -27.90 20.12 -17.10
N LEU A 233 -28.43 19.76 -15.94
CA LEU A 233 -29.76 20.20 -15.54
C LEU A 233 -29.88 21.70 -15.37
N LEU A 234 -28.83 22.34 -14.86
CA LEU A 234 -28.87 23.77 -14.56
C LEU A 234 -28.39 24.68 -15.69
N ALA A 235 -27.83 24.10 -16.76
CA ALA A 235 -27.15 24.86 -17.79
C ALA A 235 -28.02 25.92 -18.47
N ASN A 236 -29.32 25.64 -18.59
CA ASN A 236 -30.27 26.57 -19.21
C ASN A 236 -30.75 27.70 -18.29
N THR A 237 -30.38 27.65 -17.00
CA THR A 237 -30.83 28.59 -15.99
C THR A 237 -29.72 29.45 -15.37
N THR A 238 -28.48 29.30 -15.81
CA THR A 238 -27.35 29.97 -15.15
C THR A 238 -27.42 31.51 -15.23
N SER A 239 -28.13 32.06 -16.23
CA SER A 239 -28.45 33.49 -16.24
C SER A 239 -29.26 33.98 -15.07
N ILE A 240 -30.08 33.11 -14.47
CA ILE A 240 -30.93 33.49 -13.35
C ILE A 240 -30.11 33.70 -12.06
N THR A 241 -29.17 32.81 -11.82
CA THR A 241 -28.37 32.79 -10.58
C THR A 241 -26.94 33.32 -10.74
N ASN A 242 -26.42 33.32 -11.97
CA ASN A 242 -25.01 33.63 -12.27
C ASN A 242 -23.99 32.63 -11.69
N ALA A 243 -24.44 31.47 -11.20
CA ALA A 243 -23.53 30.49 -10.62
C ALA A 243 -23.19 29.47 -11.70
N THR A 244 -21.93 29.43 -12.08
CA THR A 244 -21.46 28.58 -13.18
C THR A 244 -20.27 27.69 -12.83
N GLY A 245 -19.91 27.59 -11.56
CA GLY A 245 -18.78 26.77 -11.16
C GLY A 245 -19.01 25.28 -11.33
N ASP A 246 -17.92 24.52 -11.29
CA ASP A 246 -17.96 23.08 -11.47
C ASP A 246 -18.06 22.30 -10.15
N HIS A 247 -18.12 22.99 -9.01
CA HIS A 247 -18.37 22.33 -7.72
C HIS A 247 -19.70 22.74 -7.14
N PHE A 248 -20.39 21.77 -6.54
CA PHE A 248 -21.59 21.99 -5.78
C PHE A 248 -21.27 21.68 -4.32
N ALA A 249 -22.06 22.24 -3.41
CA ALA A 249 -21.96 21.88 -1.99
C ALA A 249 -23.33 21.83 -1.36
N THR A 250 -23.59 20.76 -0.60
CA THR A 250 -24.77 20.73 0.23
C THR A 250 -24.40 21.06 1.67
N ILE A 251 -25.33 21.72 2.36
CA ILE A 251 -25.24 21.94 3.80
C ILE A 251 -26.46 21.32 4.47
N SER A 252 -26.22 20.57 5.55
CA SER A 252 -27.25 19.82 6.24
C SER A 252 -27.89 20.62 7.37
N GLY A 253 -29.22 20.54 7.46
CA GLY A 253 -29.92 21.20 8.54
C GLY A 253 -31.40 20.89 8.55
N GLY A 254 -32.20 21.94 8.75
CA GLY A 254 -33.63 21.82 8.89
C GLY A 254 -34.18 23.13 9.40
N VAL A 255 -35.50 23.16 9.60
CA VAL A 255 -36.22 24.36 10.04
C VAL A 255 -37.06 23.99 11.25
N HIS A 256 -37.01 24.83 12.29
CA HIS A 256 -37.70 24.54 13.54
C HIS A 256 -39.20 24.30 13.31
N GLY A 257 -39.67 23.17 13.82
CA GLY A 257 -41.05 22.74 13.69
C GLY A 257 -41.48 22.21 12.34
N ASP A 258 -40.61 22.26 11.32
CA ASP A 258 -41.02 21.98 9.93
C ASP A 258 -40.13 20.99 9.17
N GLY A 259 -39.33 20.21 9.90
CA GLY A 259 -38.56 19.13 9.31
C GLY A 259 -37.17 19.49 8.81
N ALA A 260 -36.48 18.47 8.31
CA ALA A 260 -35.10 18.57 7.86
C ALA A 260 -35.00 19.18 6.49
N ARG A 261 -33.80 19.70 6.19
CA ARG A 261 -33.50 20.31 4.90
C ARG A 261 -32.07 20.01 4.52
N LEU A 262 -31.85 19.73 3.23
CA LEU A 262 -30.52 19.74 2.65
C LEU A 262 -30.45 20.90 1.68
N PHE A 263 -29.58 21.87 1.96
CA PHE A 263 -29.48 23.10 1.18
C PHE A 263 -28.42 22.95 0.11
N LEU A 264 -28.74 23.34 -1.13
CA LEU A 264 -27.79 23.23 -2.23
C LEU A 264 -27.17 24.58 -2.61
N TYR A 265 -25.83 24.60 -2.64
CA TYR A 265 -25.03 25.72 -3.11
C TYR A 265 -24.28 25.30 -4.36
N ARG A 266 -23.97 26.29 -5.20
CA ARG A 266 -23.08 26.10 -6.32
C ARG A 266 -21.98 27.14 -6.27
N GLN A 267 -20.76 26.67 -6.48
CA GLN A 267 -19.58 27.51 -6.64
C GLN A 267 -19.88 28.55 -7.71
N HIS A 268 -19.66 29.82 -7.40
CA HIS A 268 -20.08 30.89 -8.30
C HIS A 268 -19.30 30.88 -9.61
N THR A 269 -17.98 30.73 -9.50
CA THR A 269 -17.09 30.77 -10.67
C THR A 269 -16.04 29.67 -10.55
N THR A 270 -15.83 28.93 -11.64
CA THR A 270 -14.81 27.89 -11.70
C THR A 270 -13.45 28.48 -11.34
N GLY A 271 -12.69 27.72 -10.55
CA GLY A 271 -11.36 28.13 -10.11
C GLY A 271 -11.30 29.18 -9.01
N GLU A 272 -12.45 29.55 -8.46
CA GLU A 272 -12.52 30.53 -7.38
C GLU A 272 -13.36 29.93 -6.25
N PHE A 273 -12.88 30.02 -5.01
CA PHE A 273 -13.43 29.22 -3.91
C PHE A 273 -14.05 29.97 -2.75
N ILE A 274 -14.11 31.30 -2.86
CA ILE A 274 -14.66 32.15 -1.81
C ILE A 274 -16.18 32.23 -1.93
N LYS A 275 -16.69 32.44 -3.16
CA LYS A 275 -18.11 32.69 -3.38
C LYS A 275 -18.90 31.44 -3.76
N TRP A 276 -19.89 31.12 -2.93
CA TRP A 276 -20.79 29.99 -3.12
C TRP A 276 -22.20 30.56 -3.11
N THR A 277 -22.95 30.29 -4.17
CA THR A 277 -24.29 30.83 -4.32
C THR A 277 -25.34 29.82 -3.87
N TYR A 278 -26.22 30.25 -2.96
CA TYR A 278 -27.33 29.41 -2.52
C TYR A 278 -28.35 29.30 -3.63
N LEU A 279 -28.67 28.08 -4.02
CA LEU A 279 -29.67 27.82 -5.08
C LEU A 279 -31.04 27.59 -4.49
N GLY A 280 -31.12 26.66 -3.56
CA GLY A 280 -32.38 26.32 -2.91
C GLY A 280 -32.27 25.02 -2.13
N PRO A 281 -33.36 24.62 -1.46
CA PRO A 281 -33.40 23.33 -0.78
C PRO A 281 -33.43 22.19 -1.79
N LEU A 282 -32.53 21.23 -1.60
CA LEU A 282 -32.43 20.06 -2.45
C LEU A 282 -33.38 18.99 -1.95
N VAL A 283 -33.31 18.70 -0.66
CA VAL A 283 -34.21 17.73 -0.01
C VAL A 283 -34.98 18.43 1.10
N THR A 284 -36.29 18.23 1.09
CA THR A 284 -37.19 18.77 2.09
C THR A 284 -38.06 17.63 2.59
N THR A 285 -38.01 17.36 3.89
CA THR A 285 -38.84 16.34 4.50
C THR A 285 -39.61 16.95 5.66
N GLY A 286 -40.64 16.24 6.10
CA GLY A 286 -41.51 16.71 7.16
C GLY A 286 -41.01 16.38 8.54
N TYR A 287 -41.54 17.12 9.52
CA TYR A 287 -41.22 16.91 10.92
C TYR A 287 -41.57 15.49 11.40
N LYS A 288 -40.53 14.71 11.69
CA LYS A 288 -40.65 13.29 12.04
C LYS A 288 -41.44 12.44 11.04
N GLU A 289 -41.38 12.82 9.76
CA GLU A 289 -41.97 12.05 8.66
C GLU A 289 -41.25 10.71 8.52
N SER A 290 -42.00 9.64 8.27
CA SER A 290 -41.41 8.33 7.93
C SER A 290 -41.99 7.84 6.62
N TYR A 291 -41.16 7.33 5.72
CA TYR A 291 -41.65 6.65 4.51
C TYR A 291 -42.11 5.23 4.81
N GLY A 292 -41.79 4.72 5.99
CA GLY A 292 -42.31 3.43 6.46
C GLY A 292 -41.28 2.56 7.15
N GLU A 293 -41.67 1.31 7.32
CA GLU A 293 -40.94 0.29 8.08
C GLU A 293 -39.53 -0.02 7.54
N TRP A 294 -39.34 0.18 6.24
CA TRP A 294 -38.06 -0.09 5.58
C TRP A 294 -37.15 1.13 5.52
N SER A 295 -37.57 2.25 6.12
CA SER A 295 -37.00 3.55 5.77
C SER A 295 -36.62 4.45 6.94
N GLY A 296 -36.61 3.93 8.16
CA GLY A 296 -36.34 4.73 9.35
C GLY A 296 -37.30 5.90 9.49
N ASN A 297 -36.79 7.05 9.91
CA ASN A 297 -37.60 8.24 10.12
C ASN A 297 -36.72 9.45 9.79
N TYR A 298 -37.33 10.45 9.15
CA TYR A 298 -36.58 11.63 8.71
C TYR A 298 -36.30 12.65 9.82
N GLY A 299 -36.81 12.42 11.02
CA GLY A 299 -36.48 13.23 12.20
C GLY A 299 -36.78 14.70 12.01
N ILE A 300 -35.94 15.55 12.62
CA ILE A 300 -36.13 16.99 12.59
C ILE A 300 -35.00 17.79 11.94
N ASN A 301 -33.89 17.13 11.63
CA ASN A 301 -32.65 17.81 11.22
C ASN A 301 -31.75 16.78 10.57
N PHE A 302 -31.11 17.16 9.47
CA PHE A 302 -30.12 16.30 8.82
C PHE A 302 -28.72 16.60 9.31
N GLU A 303 -27.89 15.57 9.30
CA GLU A 303 -26.44 15.69 9.54
C GLU A 303 -25.69 14.85 8.51
N THR A 304 -24.47 15.28 8.20
CA THR A 304 -23.53 14.56 7.33
C THR A 304 -24.13 14.06 6.01
N ALA A 305 -24.95 14.88 5.37
CA ALA A 305 -25.57 14.47 4.11
C ALA A 305 -24.59 14.58 2.96
N GLY A 306 -24.69 13.64 2.02
CA GLY A 306 -23.93 13.68 0.78
C GLY A 306 -24.80 13.32 -0.41
N VAL A 307 -24.27 13.59 -1.60
CA VAL A 307 -24.95 13.40 -2.87
C VAL A 307 -24.02 12.64 -3.80
N THR A 308 -24.54 11.58 -4.42
CA THR A 308 -23.75 10.82 -5.38
C THR A 308 -24.63 10.32 -6.52
N ARG A 309 -23.98 9.67 -7.49
CA ARG A 309 -24.66 9.07 -8.64
C ARG A 309 -23.94 7.77 -8.91
N LEU A 310 -24.72 6.69 -9.01
CA LEU A 310 -24.18 5.34 -9.08
C LEU A 310 -24.82 4.59 -10.24
N ASN A 311 -24.13 3.56 -10.69
CA ASN A 311 -24.69 2.59 -11.64
C ASN A 311 -24.33 1.20 -11.14
N PRO A 312 -24.71 0.13 -11.87
CA PRO A 312 -24.43 -1.19 -11.32
C PRO A 312 -22.97 -1.52 -11.01
N ALA A 313 -22.03 -0.86 -11.69
CA ALA A 313 -20.59 -1.09 -11.47
C ALA A 313 -19.96 -0.26 -10.34
N GLY A 314 -20.61 0.84 -9.93
CA GLY A 314 -20.01 1.77 -8.96
C GLY A 314 -20.47 3.20 -9.17
N ALA A 315 -19.54 4.14 -9.22
CA ALA A 315 -19.82 5.56 -9.40
C ALA A 315 -20.12 5.84 -10.87
N ALA A 316 -21.07 6.72 -11.11
CA ALA A 316 -21.45 7.12 -12.46
C ALA A 316 -21.23 8.61 -12.61
N TRP A 317 -20.47 9.00 -13.62
CA TRP A 317 -20.15 10.41 -13.89
C TRP A 317 -20.79 10.94 -15.19
N ASP A 318 -21.83 10.27 -15.69
CA ASP A 318 -22.58 10.74 -16.84
C ASP A 318 -23.47 11.93 -16.49
N ASN A 319 -23.97 12.59 -17.53
CA ASN A 319 -24.83 13.77 -17.38
C ASN A 319 -26.35 13.47 -17.31
N GLY A 320 -26.72 12.20 -17.19
CA GLY A 320 -28.12 11.77 -17.29
C GLY A 320 -28.33 10.77 -18.41
N SER A 321 -27.37 10.69 -19.33
CA SER A 321 -27.44 9.79 -20.50
C SER A 321 -27.38 8.30 -20.19
N ASP A 322 -26.76 7.92 -19.07
CA ASP A 322 -26.72 6.52 -18.65
C ASP A 322 -28.05 6.16 -17.98
N THR A 323 -28.88 5.39 -18.70
CA THR A 323 -30.18 4.98 -18.17
C THR A 323 -30.10 3.98 -17.01
N THR A 324 -28.93 3.38 -16.78
CA THR A 324 -28.74 2.45 -15.65
C THR A 324 -28.31 3.17 -14.36
N ALA A 325 -28.06 4.48 -14.44
CA ALA A 325 -27.56 5.24 -13.29
C ALA A 325 -28.70 5.84 -12.48
N VAL A 326 -28.44 6.00 -11.18
CA VAL A 326 -29.41 6.48 -10.22
C VAL A 326 -28.74 7.53 -9.34
N ASP A 327 -29.47 8.62 -9.06
CA ASP A 327 -29.01 9.66 -8.13
C ASP A 327 -29.41 9.29 -6.72
N PHE A 328 -28.45 9.40 -5.77
CA PHE A 328 -28.71 9.05 -4.39
C PHE A 328 -28.26 10.17 -3.48
N VAL A 329 -28.96 10.29 -2.35
CA VAL A 329 -28.52 11.14 -1.25
C VAL A 329 -28.35 10.22 -0.04
N THR A 330 -27.27 10.38 0.70
CA THR A 330 -27.10 9.67 1.98
C THR A 330 -27.11 10.73 3.05
N PHE A 331 -27.70 10.43 4.22
CA PHE A 331 -27.89 11.45 5.23
C PHE A 331 -28.24 10.83 6.58
N GLY A 332 -27.78 11.48 7.64
CA GLY A 332 -28.20 11.16 8.98
C GLY A 332 -29.38 12.00 9.38
N THR A 333 -30.25 11.45 10.22
CA THR A 333 -31.34 12.24 10.81
C THR A 333 -31.31 12.13 12.31
N GLU A 334 -31.77 13.18 12.96
CA GLU A 334 -31.85 13.19 14.40
C GLU A 334 -33.25 13.47 14.96
N GLN A 335 -33.46 12.93 16.16
CA GLN A 335 -34.69 13.05 16.93
C GLN A 335 -35.91 12.39 16.28
N GLY A 336 -35.67 11.40 15.43
CA GLY A 336 -36.75 10.58 14.86
C GLY A 336 -36.65 9.12 15.27
N ARG A 337 -36.00 8.85 16.39
CA ARG A 337 -35.75 7.47 16.82
C ARG A 337 -35.67 7.43 18.33
N ALA A 338 -36.30 6.41 18.92
CA ALA A 338 -36.42 6.29 20.37
C ALA A 338 -35.15 5.76 21.04
N ASP A 339 -34.23 5.22 20.27
CA ASP A 339 -33.00 4.65 20.80
C ASP A 339 -31.88 4.93 19.77
N HIS A 340 -30.74 4.24 19.87
CA HIS A 340 -29.61 4.48 18.96
C HIS A 340 -29.24 5.96 18.91
N GLN A 341 -29.19 6.58 20.09
CA GLN A 341 -28.81 7.98 20.24
C GLN A 341 -29.69 8.94 19.39
N ASN A 342 -30.94 8.53 19.17
CA ASN A 342 -31.91 9.26 18.36
C ASN A 342 -31.50 9.48 16.90
N HIS A 343 -30.63 8.60 16.39
CA HIS A 343 -29.97 8.80 15.10
C HIS A 343 -30.24 7.68 14.09
N TRP A 344 -30.67 8.08 12.88
CA TRP A 344 -30.84 7.17 11.75
C TRP A 344 -29.85 7.52 10.64
N PRO A 345 -29.04 6.55 10.17
CA PRO A 345 -28.25 6.71 8.95
C PRO A 345 -29.02 6.18 7.74
N LEU A 346 -29.49 7.10 6.89
CA LEU A 346 -30.43 6.78 5.83
C LEU A 346 -29.83 7.05 4.46
N TRP A 347 -30.55 6.60 3.43
CA TRP A 347 -30.26 6.97 2.05
C TRP A 347 -31.58 7.03 1.28
N ALA A 348 -31.56 7.75 0.17
CA ALA A 348 -32.72 7.83 -0.71
C ALA A 348 -32.28 7.92 -2.16
N ALA A 349 -33.01 7.22 -3.03
CA ALA A 349 -32.90 7.44 -4.46
C ALA A 349 -33.79 8.64 -4.79
N VAL A 350 -33.31 9.52 -5.64
CA VAL A 350 -34.00 10.77 -5.94
C VAL A 350 -34.09 11.02 -7.44
N ASP A 351 -35.14 11.72 -7.84
CA ASP A 351 -35.29 12.22 -9.21
C ASP A 351 -35.25 13.73 -9.17
N TYR A 352 -34.31 14.31 -9.90
CA TYR A 352 -34.09 15.75 -9.87
C TYR A 352 -35.09 16.47 -10.78
N GLU A 353 -35.64 17.58 -10.29
CA GLU A 353 -36.47 18.51 -11.06
C GLU A 353 -35.85 19.90 -10.98
N VAL A 354 -35.85 20.62 -12.09
CA VAL A 354 -35.32 21.99 -12.12
C VAL A 354 -36.44 22.97 -11.81
N ARG A 355 -36.21 23.84 -10.82
CA ARG A 355 -37.16 24.88 -10.47
C ARG A 355 -36.96 26.10 -11.37
N ASP A 356 -38.01 26.92 -11.46
CA ASP A 356 -37.96 28.14 -12.27
C ASP A 356 -36.88 29.14 -11.83
N ASN A 357 -36.53 29.15 -10.54
CA ASN A 357 -35.45 30.04 -10.04
C ASN A 357 -34.02 29.49 -10.19
N GLY A 358 -33.85 28.42 -10.97
CA GLY A 358 -32.53 27.89 -11.27
C GLY A 358 -31.94 27.07 -10.13
N SER A 359 -32.80 26.35 -9.41
CA SER A 359 -32.40 25.45 -8.33
C SER A 359 -32.93 24.05 -8.64
N ILE A 360 -32.62 23.09 -7.76
CA ILE A 360 -32.96 21.70 -7.99
C ILE A 360 -33.78 21.15 -6.83
N GLU A 361 -34.91 20.52 -7.14
CA GLU A 361 -35.64 19.74 -6.15
C GLU A 361 -35.31 18.27 -6.35
N ALA A 362 -34.80 17.61 -5.30
CA ALA A 362 -34.56 16.17 -5.33
C ALA A 362 -35.77 15.48 -4.74
N VAL A 363 -36.59 14.90 -5.60
CA VAL A 363 -37.80 14.23 -5.19
C VAL A 363 -37.49 12.79 -4.85
N ILE A 364 -37.82 12.37 -3.64
CA ILE A 364 -37.50 11.02 -3.17
C ILE A 364 -38.34 9.97 -3.91
N ALA A 365 -37.67 9.02 -4.55
CA ALA A 365 -38.29 7.93 -5.31
C ALA A 365 -38.49 6.68 -4.46
N TYR A 366 -37.48 6.36 -3.67
CA TYR A 366 -37.55 5.33 -2.64
C TYR A 366 -36.46 5.60 -1.62
N SER A 367 -36.57 5.00 -0.45
CA SER A 367 -35.82 5.47 0.71
C SER A 367 -35.50 4.31 1.63
N GLY A 368 -34.23 4.22 2.03
CA GLY A 368 -33.77 3.10 2.82
C GLY A 368 -32.86 3.48 3.98
N VAL A 369 -32.19 2.46 4.51
CA VAL A 369 -31.35 2.59 5.71
C VAL A 369 -29.94 2.14 5.32
N GLN A 370 -28.94 2.94 5.64
CA GLN A 370 -27.56 2.59 5.31
C GLN A 370 -26.96 1.56 6.29
N ASP A 371 -27.35 1.63 7.56
CA ASP A 371 -26.93 0.67 8.58
C ASP A 371 -27.99 0.71 9.68
N TRP A 372 -28.43 -0.46 10.12
CA TRP A 372 -29.54 -0.57 11.08
C TRP A 372 -29.12 -0.57 12.56
N GLY A 373 -27.81 -0.49 12.84
CA GLY A 373 -27.30 -0.63 14.20
C GLY A 373 -26.68 0.64 14.75
N ARG A 374 -25.68 0.46 15.60
CA ARG A 374 -25.03 1.54 16.33
C ARG A 374 -23.97 2.24 15.48
N SER A 375 -24.39 2.77 14.34
CA SER A 375 -23.51 3.55 13.48
C SER A 375 -24.24 4.75 12.92
N TYR A 376 -23.47 5.74 12.48
CA TYR A 376 -23.98 7.03 12.05
C TYR A 376 -22.87 7.77 11.32
N ALA A 377 -23.23 8.90 10.71
CA ALA A 377 -22.25 9.83 10.15
C ALA A 377 -21.47 9.22 9.00
N TYR A 378 -22.19 8.57 8.09
CA TYR A 378 -21.58 8.02 6.88
C TYR A 378 -21.15 9.12 5.93
N ALA A 379 -19.92 9.01 5.44
CA ALA A 379 -19.37 9.89 4.41
C ALA A 379 -19.01 9.02 3.21
N SER A 380 -19.20 9.54 2.00
CA SER A 380 -18.76 8.84 0.80
C SER A 380 -17.85 9.75 -0.02
N PHE A 381 -16.96 9.12 -0.77
CA PHE A 381 -15.97 9.84 -1.56
C PHE A 381 -15.56 9.06 -2.81
N PRO A 382 -15.14 9.78 -3.87
CA PRO A 382 -14.77 9.09 -5.10
C PRO A 382 -13.41 8.42 -5.02
N VAL A 383 -13.31 7.25 -5.64
CA VAL A 383 -12.06 6.50 -5.70
C VAL A 383 -11.85 6.07 -7.15
N GLU A 384 -10.59 6.07 -7.59
CA GLU A 384 -10.25 5.76 -8.99
C GLU A 384 -10.79 4.39 -9.40
N GLY A 385 -11.09 4.25 -10.69
CA GLY A 385 -11.80 3.06 -11.19
C GLY A 385 -13.31 3.14 -11.06
N TYR A 386 -13.83 4.38 -11.03
CA TYR A 386 -15.27 4.62 -11.05
C TYR A 386 -15.94 4.01 -9.82
N ARG A 387 -15.38 4.32 -8.65
CA ARG A 387 -15.90 3.84 -7.38
C ARG A 387 -16.36 5.00 -6.52
N GLN A 388 -17.37 4.73 -5.69
CA GLN A 388 -17.77 5.63 -4.61
C GLN A 388 -17.72 4.78 -3.34
N VAL A 389 -16.91 5.21 -2.38
CA VAL A 389 -16.64 4.44 -1.17
C VAL A 389 -17.23 5.18 0.02
N SER A 390 -17.91 4.45 0.90
CA SER A 390 -18.61 5.01 2.06
C SER A 390 -18.04 4.40 3.33
N VAL A 391 -17.98 5.21 4.39
CA VAL A 391 -17.52 4.74 5.69
C VAL A 391 -18.24 5.55 6.76
N GLY A 392 -18.54 4.91 7.88
CA GLY A 392 -19.24 5.58 8.99
C GLY A 392 -18.54 5.36 10.31
N TRP A 393 -19.20 5.83 11.37
CA TRP A 393 -18.70 5.72 12.74
C TRP A 393 -19.60 4.77 13.52
N ILE A 394 -18.95 3.84 14.21
CA ILE A 394 -19.61 2.92 15.16
C ILE A 394 -19.32 3.43 16.57
N TYR A 395 -20.36 3.87 17.25
CA TYR A 395 -20.25 4.31 18.64
C TYR A 395 -20.26 3.09 19.57
N GLU A 396 -19.87 3.32 20.82
CA GLU A 396 -19.87 2.24 21.83
C GLU A 396 -21.31 1.99 22.28
N ASP A 397 -21.52 0.98 23.13
CA ASP A 397 -22.84 0.79 23.76
C ASP A 397 -22.68 0.92 25.28
N ASP A 398 -22.30 2.13 25.67
CA ASP A 398 -22.06 2.50 27.07
C ASP A 398 -22.58 3.93 27.22
N ASP A 399 -23.87 4.12 26.93
CA ASP A 399 -24.46 5.47 26.86
C ASP A 399 -24.48 6.23 28.17
N ASN A 400 -24.42 5.51 29.31
CA ASN A 400 -24.30 6.15 30.62
C ASN A 400 -22.86 6.42 31.04
N VAL A 401 -21.89 6.13 30.17
CA VAL A 401 -20.50 6.51 30.33
C VAL A 401 -19.91 5.89 31.62
N ILE A 402 -20.22 4.61 31.81
CA ILE A 402 -19.86 3.89 33.04
C ILE A 402 -18.42 3.37 33.01
N LEU A 403 -17.98 2.86 31.85
CA LEU A 403 -16.63 2.31 31.72
C LEU A 403 -15.76 3.02 30.66
N ALA A 404 -16.20 4.18 30.20
CA ALA A 404 -15.46 4.91 29.16
C ALA A 404 -14.05 5.29 29.61
N LYS A 405 -13.90 5.81 30.84
CA LYS A 405 -12.57 6.15 31.34
C LYS A 405 -11.65 4.94 31.46
N GLN A 406 -12.24 3.81 31.88
CA GLN A 406 -11.52 2.56 31.98
C GLN A 406 -11.06 2.05 30.60
N PHE A 407 -11.88 2.23 29.57
CA PHE A 407 -11.45 1.95 28.18
C PHE A 407 -10.26 2.85 27.81
N GLY A 408 -10.42 4.15 28.06
CA GLY A 408 -9.45 5.15 27.60
C GLY A 408 -9.64 5.58 26.15
N TYR A 409 -10.76 5.19 25.55
CA TYR A 409 -11.11 5.56 24.16
C TYR A 409 -12.61 5.33 23.99
N GLN A 410 -13.18 5.96 22.96
CA GLN A 410 -14.54 5.67 22.49
C GLN A 410 -14.59 5.77 20.97
N GLY A 411 -15.17 4.78 20.31
CA GLY A 411 -15.54 4.87 18.90
C GLY A 411 -14.60 4.13 17.97
N ALA A 412 -15.12 3.77 16.80
CA ALA A 412 -14.31 3.23 15.69
C ALA A 412 -15.03 3.57 14.38
N PHE A 413 -14.37 3.35 13.24
CA PHE A 413 -15.10 3.37 11.98
C PHE A 413 -15.77 2.01 11.72
N THR A 414 -16.70 2.04 10.79
CA THR A 414 -17.15 0.84 10.08
C THR A 414 -16.05 0.40 9.12
N LEU A 415 -16.26 -0.70 8.43
CA LEU A 415 -15.42 -1.00 7.28
C LEU A 415 -15.78 -0.06 6.14
N PHE A 416 -14.86 0.06 5.19
CA PHE A 416 -15.07 0.89 4.01
C PHE A 416 -15.88 0.07 3.01
N ARG A 417 -16.88 0.71 2.41
CA ARG A 417 -17.86 0.02 1.59
C ARG A 417 -17.94 0.61 0.20
N ASP A 418 -17.86 -0.22 -0.84
CA ASP A 418 -18.20 0.23 -2.18
C ASP A 418 -19.70 0.38 -2.29
N LEU A 419 -20.15 1.53 -2.79
CA LEU A 419 -21.54 1.73 -3.18
C LEU A 419 -21.72 1.46 -4.67
N PHE A 420 -22.90 0.96 -5.02
CA PHE A 420 -23.26 0.63 -6.39
C PHE A 420 -24.78 0.46 -6.46
N VAL A 421 -25.32 0.41 -7.67
CA VAL A 421 -26.75 0.09 -7.84
C VAL A 421 -26.88 -1.43 -7.86
N LYS A 422 -27.58 -1.98 -6.87
CA LYS A 422 -27.84 -3.41 -6.81
C LYS A 422 -29.05 -3.69 -7.70
N VAL A 423 -28.86 -4.59 -8.68
CA VAL A 423 -29.92 -4.96 -9.61
C VAL A 423 -30.16 -6.46 -9.45
N VAL A 424 -31.43 -6.86 -9.23
CA VAL A 424 -31.80 -8.27 -9.15
C VAL A 424 -32.74 -8.55 -10.30
N GLU A 425 -32.35 -9.48 -11.16
CA GLU A 425 -33.14 -9.83 -12.34
C GLU A 425 -34.00 -11.04 -12.08
N ASN A 426 -35.06 -11.16 -12.88
CA ASN A 426 -35.94 -12.33 -12.88
C ASN A 426 -36.56 -12.59 -11.52
N VAL A 427 -37.01 -11.51 -10.88
CA VAL A 427 -37.66 -11.63 -9.60
C VAL A 427 -39.11 -12.05 -9.84
N SER A 428 -39.55 -13.01 -9.03
CA SER A 428 -40.92 -13.51 -9.03
C SER A 428 -41.88 -12.47 -8.48
N PRO A 429 -42.96 -12.15 -9.24
CA PRO A 429 -44.01 -11.27 -8.72
C PRO A 429 -44.71 -11.75 -7.45
N SER A 430 -44.59 -13.01 -7.07
CA SER A 430 -45.19 -13.48 -5.83
C SER A 430 -44.29 -13.29 -4.60
N THR A 431 -43.12 -12.66 -4.78
CA THR A 431 -42.32 -12.21 -3.65
C THR A 431 -43.21 -11.35 -2.74
N PRO A 432 -43.39 -11.75 -1.48
CA PRO A 432 -44.27 -10.98 -0.60
C PRO A 432 -43.85 -9.51 -0.47
N GLY A 433 -44.83 -8.61 -0.54
CA GLY A 433 -44.58 -7.18 -0.34
C GLY A 433 -43.81 -6.48 -1.46
N LEU A 434 -43.60 -7.14 -2.60
CA LEU A 434 -42.67 -6.65 -3.61
C LEU A 434 -43.05 -5.30 -4.22
N PHE A 435 -44.35 -5.06 -4.38
CA PHE A 435 -44.82 -3.86 -5.06
C PHE A 435 -45.11 -2.68 -4.15
N GLU A 436 -44.79 -2.82 -2.86
CA GLU A 436 -44.65 -1.68 -1.97
C GLU A 436 -43.53 -0.73 -2.42
N GLN A 437 -42.48 -1.27 -3.07
CA GLN A 437 -41.38 -0.46 -3.61
C GLN A 437 -40.85 0.54 -2.54
N ALA A 438 -40.66 0.02 -1.34
CA ALA A 438 -40.32 0.84 -0.15
C ALA A 438 -38.91 1.42 -0.20
N SER A 439 -37.91 0.56 -0.12
CA SER A 439 -36.50 0.94 -0.30
C SER A 439 -35.92 0.33 -1.60
N TRP A 440 -36.78 0.06 -2.59
CA TRP A 440 -36.34 -0.45 -3.89
C TRP A 440 -37.36 0.00 -4.94
N SER A 441 -37.01 -0.10 -6.21
CA SER A 441 -37.97 0.08 -7.29
C SER A 441 -38.12 -1.21 -8.06
N THR A 442 -39.26 -1.34 -8.74
CA THR A 442 -39.57 -2.52 -9.56
C THR A 442 -39.88 -2.07 -10.97
N LYS A 443 -39.44 -2.86 -11.94
CA LYS A 443 -39.78 -2.66 -13.33
C LYS A 443 -40.24 -4.00 -13.88
N ASN A 444 -41.50 -4.07 -14.30
CA ASN A 444 -42.04 -5.29 -14.90
C ASN A 444 -41.42 -5.59 -16.25
N SER A 445 -41.26 -6.87 -16.55
CA SER A 445 -40.99 -7.32 -17.92
C SER A 445 -42.18 -6.97 -18.81
N THR A 446 -41.98 -6.94 -20.13
CA THR A 446 -43.07 -6.67 -21.07
C THR A 446 -44.30 -7.57 -20.83
N ASP A 447 -44.05 -8.85 -20.59
CA ASP A 447 -45.13 -9.83 -20.38
C ASP A 447 -45.68 -9.89 -18.95
N GLY A 448 -45.12 -9.12 -18.02
CA GLY A 448 -45.62 -9.06 -16.64
C GLY A 448 -45.33 -10.25 -15.74
N MET A 449 -44.50 -11.17 -16.22
CA MET A 449 -44.22 -12.44 -15.52
C MET A 449 -42.96 -12.41 -14.65
N SER A 450 -42.14 -11.37 -14.84
CA SER A 450 -40.95 -11.18 -13.98
C SER A 450 -40.69 -9.70 -13.76
N VAL A 451 -39.86 -9.43 -12.74
CA VAL A 451 -39.61 -8.07 -12.28
C VAL A 451 -38.09 -7.87 -12.15
N THR A 452 -37.63 -6.68 -12.50
CA THR A 452 -36.26 -6.26 -12.19
C THR A 452 -36.34 -5.35 -10.97
N VAL A 453 -35.55 -5.69 -9.94
CA VAL A 453 -35.50 -4.91 -8.69
C VAL A 453 -34.22 -4.09 -8.68
N THR A 454 -34.33 -2.82 -8.29
CA THR A 454 -33.17 -1.94 -8.17
C THR A 454 -33.16 -1.34 -6.76
N THR A 455 -31.99 -1.32 -6.13
CA THR A 455 -31.83 -0.68 -4.82
C THR A 455 -30.37 -0.26 -4.63
N LEU A 456 -30.05 0.29 -3.47
CA LEU A 456 -28.66 0.65 -3.16
C LEU A 456 -27.90 -0.60 -2.72
N GLY A 457 -26.77 -0.86 -3.35
CA GLY A 457 -25.88 -1.94 -2.95
C GLY A 457 -24.74 -1.42 -2.11
N GLN A 458 -24.33 -2.21 -1.12
CA GLN A 458 -23.14 -1.93 -0.31
C GLN A 458 -22.36 -3.21 -0.12
N ARG A 459 -21.05 -3.16 -0.32
CA ARG A 459 -20.19 -4.32 -0.06
C ARG A 459 -18.86 -3.84 0.46
N VAL A 460 -18.23 -4.63 1.30
CA VAL A 460 -16.92 -4.26 1.83
C VAL A 460 -15.93 -4.16 0.66
N VAL A 461 -15.09 -3.13 0.68
CA VAL A 461 -14.11 -2.96 -0.38
C VAL A 461 -13.24 -4.22 -0.55
N PRO A 462 -13.00 -4.62 -1.80
CA PRO A 462 -12.29 -5.89 -2.01
C PRO A 462 -10.87 -5.94 -1.47
N GLU A 463 -10.21 -4.78 -1.37
CA GLU A 463 -8.87 -4.71 -0.78
C GLU A 463 -8.85 -5.23 0.64
N THR A 464 -9.88 -4.89 1.41
CA THR A 464 -10.00 -5.33 2.80
C THR A 464 -10.28 -6.83 2.88
N LEU A 465 -11.21 -7.31 2.06
CA LEU A 465 -11.55 -8.74 2.06
C LEU A 465 -10.33 -9.57 1.67
N ALA A 466 -9.59 -9.14 0.65
CA ALA A 466 -8.38 -9.85 0.23
C ALA A 466 -7.31 -9.87 1.33
N ALA A 467 -7.09 -8.73 1.98
CA ALA A 467 -6.10 -8.65 3.04
C ALA A 467 -6.50 -9.49 4.26
N TYR A 468 -7.78 -9.41 4.64
CA TYR A 468 -8.32 -10.21 5.74
C TYR A 468 -8.12 -11.70 5.49
N LYS A 469 -8.55 -12.17 4.33
CA LYS A 469 -8.45 -13.59 4.00
C LYS A 469 -6.99 -14.05 3.98
N GLY A 470 -6.14 -13.26 3.33
CA GLY A 470 -4.73 -13.61 3.20
C GLY A 470 -3.90 -13.71 4.46
N ASN A 471 -4.27 -12.91 5.47
N ASN A 471 -4.25 -12.90 5.47
CA ASN A 471 -3.58 -12.89 6.73
CA ASN A 471 -3.55 -12.97 6.76
C ASN A 471 -4.24 -13.82 7.79
C ASN A 471 -4.24 -13.84 7.80
N SER A 472 -5.41 -14.37 7.47
CA SER A 472 -6.17 -15.23 8.39
C SER A 472 -5.84 -16.71 8.18
N THR A 473 -6.12 -17.51 9.22
CA THR A 473 -6.26 -18.96 9.05
C THR A 473 -7.67 -19.20 8.54
N VAL A 474 -7.77 -19.68 7.30
CA VAL A 474 -9.04 -19.87 6.63
C VAL A 474 -9.50 -21.33 6.80
N SER A 475 -10.72 -21.51 7.29
CA SER A 475 -11.36 -22.83 7.35
C SER A 475 -12.59 -22.84 6.48
N THR A 476 -12.55 -23.66 5.42
CA THR A 476 -13.70 -23.87 4.55
C THR A 476 -14.48 -25.02 5.15
N LEU A 477 -15.74 -24.77 5.51
CA LEU A 477 -16.54 -25.72 6.31
C LEU A 477 -17.51 -26.48 5.44
N ALA A 478 -17.78 -27.73 5.82
CA ALA A 478 -18.73 -28.57 5.09
C ALA A 478 -20.15 -27.99 5.21
N PRO A 479 -20.95 -28.12 4.16
CA PRO A 479 -22.34 -27.66 4.26
C PRO A 479 -23.12 -28.43 5.35
N VAL A 480 -24.12 -27.77 5.93
CA VAL A 480 -24.91 -28.31 7.05
C VAL A 480 -26.39 -28.17 6.72
N MET A 481 -27.13 -29.27 6.79
CA MET A 481 -28.59 -29.26 6.71
C MET A 481 -29.12 -29.12 8.14
N LEU A 482 -29.86 -28.06 8.41
CA LEU A 482 -30.51 -27.85 9.71
C LEU A 482 -31.92 -28.40 9.63
N ASN A 483 -32.18 -29.48 10.35
CA ASN A 483 -33.47 -30.19 10.27
C ASN A 483 -33.93 -30.55 11.70
N GLU A 484 -34.72 -31.62 11.83
CA GLU A 484 -35.19 -32.05 13.16
C GLU A 484 -34.09 -32.38 14.15
N SER A 485 -32.92 -32.80 13.65
CA SER A 485 -31.78 -33.15 14.51
C SER A 485 -30.91 -31.96 14.95
N ALA A 486 -31.17 -30.77 14.42
CA ALA A 486 -30.32 -29.60 14.71
C ALA A 486 -30.46 -29.15 16.15
N ALA A 487 -29.33 -29.00 16.84
CA ALA A 487 -29.32 -28.36 18.16
C ALA A 487 -29.64 -26.87 17.98
N ALA A 488 -29.98 -26.20 19.07
CA ALA A 488 -30.21 -24.74 19.03
C ALA A 488 -28.94 -24.03 18.55
N TYR A 489 -27.80 -24.48 19.06
CA TYR A 489 -26.48 -23.96 18.71
C TYR A 489 -25.54 -25.11 18.35
N THR A 490 -24.93 -25.03 17.17
CA THR A 490 -23.96 -26.01 16.71
C THR A 490 -22.63 -25.29 16.41
N PRO A 491 -21.61 -25.44 17.27
CA PRO A 491 -20.30 -24.83 16.99
C PRO A 491 -19.73 -25.23 15.64
N PHE A 492 -19.05 -24.32 14.95
CA PHE A 492 -18.36 -24.68 13.72
C PHE A 492 -17.27 -25.72 14.02
N SER A 493 -16.98 -26.57 13.03
CA SER A 493 -15.93 -27.60 13.17
C SER A 493 -14.52 -27.04 13.39
N SER A 494 -14.29 -25.80 12.96
CA SER A 494 -13.09 -25.05 13.33
C SER A 494 -13.55 -23.82 14.10
N GLN A 495 -12.75 -23.42 15.09
CA GLN A 495 -13.11 -22.32 15.97
C GLN A 495 -12.14 -21.16 15.85
N PRO A 496 -12.63 -19.93 16.10
CA PRO A 496 -11.70 -18.80 16.24
C PRO A 496 -10.74 -18.98 17.41
N THR A 497 -9.65 -18.24 17.39
CA THR A 497 -8.67 -18.23 18.48
C THR A 497 -8.66 -16.94 19.30
N ASP A 498 -9.43 -15.94 18.86
CA ASP A 498 -9.46 -14.64 19.54
C ASP A 498 -10.69 -13.90 19.03
N ARG A 499 -10.84 -12.62 19.38
CA ARG A 499 -12.01 -11.82 19.02
C ARG A 499 -11.89 -11.10 17.66
N PHE A 500 -11.17 -11.70 16.72
CA PHE A 500 -10.89 -11.05 15.43
C PHE A 500 -11.07 -12.10 14.36
N TYR A 501 -12.25 -12.10 13.77
CA TYR A 501 -12.59 -13.09 12.76
C TYR A 501 -13.75 -12.70 11.91
N ALA A 502 -13.90 -13.41 10.80
CA ALA A 502 -15.03 -13.20 9.92
C ALA A 502 -15.64 -14.54 9.58
N LEU A 503 -16.93 -14.51 9.25
CA LEU A 503 -17.61 -15.72 8.84
C LEU A 503 -18.61 -15.39 7.77
N THR A 504 -18.86 -16.38 6.91
CA THR A 504 -19.88 -16.22 5.90
C THR A 504 -20.64 -17.52 5.70
N GLY A 505 -21.86 -17.39 5.19
CA GLY A 505 -22.72 -18.54 4.91
C GLY A 505 -23.90 -18.16 4.06
N SER A 506 -24.42 -19.13 3.31
CA SER A 506 -25.62 -18.97 2.50
C SER A 506 -26.68 -19.88 3.09
N PHE A 507 -27.79 -19.29 3.49
CA PHE A 507 -28.89 -19.97 4.18
C PHE A 507 -30.04 -20.09 3.19
N GLU A 508 -30.37 -21.32 2.81
CA GLU A 508 -31.44 -21.59 1.85
C GLU A 508 -32.69 -22.01 2.62
N PHE A 509 -33.77 -21.26 2.43
CA PHE A 509 -35.03 -21.48 3.13
C PHE A 509 -36.12 -21.87 2.15
N GLY A 510 -37.08 -22.69 2.59
CA GLY A 510 -38.31 -22.90 1.84
C GLY A 510 -39.10 -21.61 1.72
N LEU A 511 -39.88 -21.48 0.65
CA LEU A 511 -40.68 -20.27 0.41
C LEU A 511 -41.74 -19.98 1.48
N ASN A 512 -42.19 -21.00 2.19
CA ASN A 512 -43.18 -20.82 3.27
C ASN A 512 -42.63 -21.24 4.63
N THR A 513 -41.32 -21.09 4.80
CA THR A 513 -40.68 -21.45 6.06
C THR A 513 -41.20 -20.62 7.23
N THR A 514 -41.18 -21.23 8.41
CA THR A 514 -41.31 -20.50 9.66
C THR A 514 -40.10 -20.77 10.54
N ALA A 515 -39.05 -21.33 9.95
CA ALA A 515 -37.82 -21.62 10.70
C ALA A 515 -36.98 -20.35 10.78
N LYS A 516 -36.09 -20.32 11.75
CA LYS A 516 -35.11 -19.25 11.92
C LYS A 516 -33.73 -19.89 11.94
N ALA A 517 -32.73 -19.16 11.41
CA ALA A 517 -31.37 -19.63 11.51
C ALA A 517 -30.42 -18.44 11.47
N GLY A 518 -29.18 -18.69 11.83
CA GLY A 518 -28.17 -17.65 11.80
C GLY A 518 -26.85 -18.09 12.40
N PHE A 519 -26.16 -17.13 13.01
CA PHE A 519 -24.85 -17.35 13.58
C PHE A 519 -24.82 -16.89 15.01
N ARG A 520 -24.19 -17.68 15.87
CA ARG A 520 -23.80 -17.24 17.19
C ARG A 520 -22.32 -16.89 17.15
N VAL A 521 -21.95 -15.75 17.74
CA VAL A 521 -20.55 -15.31 17.81
C VAL A 521 -20.15 -14.86 19.22
N LEU A 522 -18.84 -14.68 19.43
CA LEU A 522 -18.25 -14.28 20.73
C LEU A 522 -18.83 -15.10 21.87
N ALA A 523 -18.75 -16.42 21.70
CA ALA A 523 -19.54 -17.36 22.47
C ALA A 523 -18.71 -18.27 23.35
N SER A 524 -19.12 -18.35 24.61
CA SER A 524 -18.75 -19.41 25.52
C SER A 524 -20.08 -19.96 26.05
N GLU A 525 -20.03 -20.81 27.06
CA GLU A 525 -21.24 -21.34 27.66
C GLU A 525 -22.08 -20.23 28.28
N GLU A 526 -21.42 -19.24 28.88
CA GLU A 526 -22.12 -18.20 29.66
C GLU A 526 -22.33 -16.85 28.99
N GLU A 527 -21.60 -16.59 27.90
CA GLU A 527 -21.75 -15.32 27.17
C GLU A 527 -21.77 -15.63 25.68
N TYR A 528 -22.66 -14.99 24.95
CA TYR A 528 -22.78 -15.17 23.51
C TYR A 528 -23.72 -14.15 22.91
N THR A 529 -23.55 -13.93 21.62
CA THR A 529 -24.33 -12.98 20.84
C THR A 529 -24.94 -13.74 19.67
N ASP A 530 -26.26 -13.63 19.53
CA ASP A 530 -27.02 -14.42 18.55
C ASP A 530 -27.54 -13.56 17.42
N ILE A 531 -27.17 -13.93 16.20
CA ILE A 531 -27.61 -13.24 14.98
C ILE A 531 -28.60 -14.15 14.26
N TRP A 532 -29.87 -13.76 14.25
CA TRP A 532 -30.95 -14.58 13.69
C TRP A 532 -31.55 -13.94 12.46
N PHE A 533 -31.91 -14.75 11.46
CA PHE A 533 -32.84 -14.28 10.45
C PHE A 533 -34.11 -15.13 10.52
N ASP A 534 -35.24 -14.45 10.42
CA ASP A 534 -36.57 -15.05 10.51
C ASP A 534 -37.31 -14.65 9.25
N PRO A 535 -37.22 -15.47 8.19
CA PRO A 535 -37.83 -15.09 6.91
C PRO A 535 -39.32 -14.78 6.97
N ALA A 536 -40.07 -15.43 7.86
CA ALA A 536 -41.52 -15.19 7.96
C ALA A 536 -41.85 -13.75 8.37
N SER A 537 -41.03 -13.15 9.24
CA SER A 537 -41.19 -11.74 9.65
C SER A 537 -40.32 -10.75 8.85
N GLU A 538 -39.36 -11.27 8.09
CA GLU A 538 -38.37 -10.48 7.32
C GLU A 538 -37.39 -9.74 8.23
N ASN A 539 -37.20 -10.23 9.45
CA ASN A 539 -36.39 -9.54 10.44
C ASN A 539 -35.07 -10.26 10.69
N LEU A 540 -33.99 -9.50 10.59
CA LEU A 540 -32.66 -9.92 11.01
C LEU A 540 -32.44 -9.29 12.36
N THR A 541 -32.18 -10.10 13.38
CA THR A 541 -32.03 -9.59 14.74
C THR A 541 -30.69 -9.97 15.33
N VAL A 542 -30.21 -9.14 16.25
CA VAL A 542 -29.06 -9.46 17.07
C VAL A 542 -29.51 -9.42 18.51
N VAL A 543 -29.56 -10.60 19.13
CA VAL A 543 -30.01 -10.75 20.50
C VAL A 543 -28.79 -10.74 21.39
N ARG A 544 -28.81 -9.79 22.33
CA ARG A 544 -27.65 -9.47 23.16
C ARG A 544 -27.92 -9.59 24.66
N THR A 545 -28.99 -10.30 25.01
CA THR A 545 -29.32 -10.53 26.41
C THR A 545 -28.22 -11.27 27.17
N ALA A 546 -27.44 -12.12 26.48
CA ALA A 546 -26.33 -12.84 27.07
C ALA A 546 -24.96 -12.39 26.54
N SER A 547 -24.89 -11.29 25.79
CA SER A 547 -23.61 -10.83 25.20
C SER A 547 -22.50 -10.67 26.24
N SER A 548 -22.83 -10.17 27.43
CA SER A 548 -21.81 -9.94 28.45
C SER A 548 -22.32 -10.13 29.87
N LEU A 549 -21.44 -10.64 30.72
CA LEU A 549 -21.66 -10.65 32.19
C LEU A 549 -21.60 -9.26 32.80
N ILE A 550 -20.97 -8.31 32.09
CA ILE A 550 -20.89 -6.93 32.55
C ILE A 550 -22.22 -6.26 32.25
N LYS A 551 -22.95 -5.87 33.29
CA LYS A 551 -24.34 -5.44 33.14
C LYS A 551 -24.55 -4.00 32.67
N SER A 552 -23.50 -3.18 32.69
CA SER A 552 -23.67 -1.76 32.33
C SER A 552 -23.74 -1.48 30.82
N PHE A 553 -23.31 -2.42 29.98
CA PHE A 553 -23.37 -2.22 28.52
C PHE A 553 -24.77 -2.47 28.00
N GLY A 554 -25.10 -1.88 26.85
CA GLY A 554 -26.40 -2.09 26.23
C GLY A 554 -26.65 -3.55 25.90
N ASN A 555 -27.91 -3.95 26.01
CA ASN A 555 -28.32 -5.33 25.72
C ASN A 555 -29.61 -5.43 24.91
N ASP A 556 -30.04 -4.32 24.30
CA ASP A 556 -31.25 -4.31 23.48
C ASP A 556 -31.01 -5.08 22.19
N THR A 557 -32.09 -5.68 21.69
CA THR A 557 -32.05 -6.43 20.46
C THR A 557 -31.98 -5.50 19.24
N GLU A 558 -30.99 -5.74 18.37
CA GLU A 558 -30.89 -4.99 17.13
C GLU A 558 -31.82 -5.62 16.12
N LEU A 559 -32.29 -4.82 15.17
CA LEU A 559 -33.23 -5.29 14.14
C LEU A 559 -33.02 -4.60 12.81
N ALA A 560 -32.89 -5.40 11.76
CA ALA A 560 -32.95 -4.92 10.38
C ALA A 560 -34.02 -5.68 9.60
N LYS A 561 -34.63 -4.99 8.64
CA LYS A 561 -35.52 -5.62 7.66
C LYS A 561 -34.67 -6.08 6.49
N VAL A 562 -34.92 -7.31 6.02
CA VAL A 562 -34.25 -7.85 4.84
C VAL A 562 -35.28 -8.48 3.92
N LYS A 563 -35.33 -8.04 2.68
CA LYS A 563 -36.23 -8.58 1.66
C LYS A 563 -35.50 -9.63 0.85
N LEU A 564 -35.94 -10.88 0.96
CA LEU A 564 -35.41 -11.94 0.11
C LEU A 564 -36.22 -11.93 -1.20
N TYR A 565 -35.63 -11.36 -2.25
CA TYR A 565 -36.27 -11.30 -3.56
C TYR A 565 -36.23 -12.71 -4.13
N GLU A 566 -37.42 -13.30 -4.31
CA GLU A 566 -37.56 -14.68 -4.78
C GLU A 566 -37.38 -14.67 -6.30
N ILE A 567 -36.66 -15.67 -6.80
CA ILE A 567 -36.32 -15.73 -8.23
C ILE A 567 -37.32 -16.64 -8.96
N VAL A 568 -37.71 -16.24 -10.18
CA VAL A 568 -38.68 -16.99 -10.98
C VAL A 568 -38.15 -18.41 -11.16
N GLY A 569 -38.99 -19.40 -10.86
CA GLY A 569 -38.62 -20.80 -11.00
C GLY A 569 -37.96 -21.42 -9.77
N ALA A 570 -37.58 -20.61 -8.79
CA ALA A 570 -36.92 -21.13 -7.60
C ALA A 570 -37.96 -21.66 -6.64
N GLU A 571 -37.60 -22.72 -5.92
CA GLU A 571 -38.45 -23.29 -4.89
C GLU A 571 -37.87 -23.03 -3.51
N SER A 572 -37.01 -22.01 -3.42
CA SER A 572 -36.39 -21.62 -2.17
C SER A 572 -35.98 -20.16 -2.27
N LYS A 573 -35.55 -19.61 -1.14
CA LYS A 573 -35.06 -18.23 -1.07
C LYS A 573 -33.82 -18.23 -0.17
N THR A 574 -32.83 -17.41 -0.54
CA THR A 574 -31.50 -17.49 0.07
C THR A 574 -31.05 -16.16 0.72
N LEU A 575 -30.48 -16.30 1.90
CA LEU A 575 -29.82 -15.22 2.63
C LEU A 575 -28.32 -15.48 2.64
N ASN A 576 -27.55 -14.57 2.05
CA ASN A 576 -26.10 -14.59 2.17
C ASN A 576 -25.69 -13.64 3.28
N LEU A 577 -25.15 -14.21 4.35
CA LEU A 577 -24.90 -13.49 5.58
C LEU A 577 -23.41 -13.54 5.89
N THR A 578 -22.80 -12.37 6.03
CA THR A 578 -21.38 -12.25 6.38
C THR A 578 -21.27 -11.45 7.68
N VAL A 579 -20.37 -11.88 8.57
CA VAL A 579 -20.19 -11.24 9.88
C VAL A 579 -18.72 -11.02 10.15
N PHE A 580 -18.38 -9.79 10.55
CA PHE A 580 -17.05 -9.43 11.02
C PHE A 580 -17.12 -9.17 12.51
N VAL A 581 -16.23 -9.85 13.23
CA VAL A 581 -16.07 -9.73 14.66
C VAL A 581 -14.68 -9.14 14.89
N ASP A 582 -14.63 -8.00 15.57
CA ASP A 582 -13.39 -7.22 15.68
C ASP A 582 -13.36 -6.53 17.04
N GLY A 583 -12.84 -7.24 18.03
CA GLY A 583 -12.86 -6.76 19.41
C GLY A 583 -14.27 -6.79 19.95
N SER A 584 -14.89 -5.63 20.04
CA SER A 584 -16.30 -5.50 20.44
C SER A 584 -17.24 -5.22 19.27
N VAL A 585 -16.70 -4.92 18.09
CA VAL A 585 -17.55 -4.67 16.94
C VAL A 585 -18.06 -5.97 16.35
N ILE A 586 -19.36 -6.01 16.09
CA ILE A 586 -19.97 -7.05 15.25
C ILE A 586 -20.60 -6.30 14.08
N GLU A 587 -20.11 -6.55 12.87
CA GLU A 587 -20.57 -5.86 11.68
C GLU A 587 -21.10 -6.88 10.67
N ILE A 588 -22.38 -6.75 10.35
CA ILE A 588 -23.13 -7.78 9.62
C ILE A 588 -23.54 -7.22 8.27
N TYR A 589 -23.33 -8.02 7.23
CA TYR A 589 -23.76 -7.69 5.89
C TYR A 589 -24.64 -8.80 5.34
N ALA A 590 -25.77 -8.43 4.74
CA ALA A 590 -26.65 -9.40 4.09
C ALA A 590 -26.92 -9.04 2.64
N ASN A 591 -26.65 -10.01 1.74
CA ASN A 591 -26.98 -9.88 0.32
C ASN A 591 -26.42 -8.61 -0.35
N ASP A 592 -25.25 -8.15 0.09
CA ASP A 592 -24.62 -6.92 -0.44
C ASP A 592 -25.60 -5.74 -0.45
N GLU A 593 -26.39 -5.62 0.60
CA GLU A 593 -27.50 -4.68 0.63
C GLU A 593 -27.73 -4.13 2.03
N VAL A 594 -27.91 -5.04 2.99
CA VAL A 594 -28.27 -4.68 4.35
C VAL A 594 -27.03 -4.73 5.24
N ALA A 595 -26.83 -3.69 6.03
CA ALA A 595 -25.72 -3.62 6.97
C ALA A 595 -26.25 -3.34 8.37
N LEU A 596 -25.63 -3.98 9.36
CA LEU A 596 -26.00 -3.78 10.76
C LEU A 596 -24.74 -3.89 11.61
N SER A 597 -24.36 -2.76 12.24
CA SER A 597 -23.18 -2.69 13.09
C SER A 597 -23.63 -2.64 14.54
N THR A 598 -23.01 -3.42 15.40
CA THR A 598 -23.36 -3.38 16.81
C THR A 598 -22.14 -3.70 17.67
N ARG A 599 -22.38 -3.83 18.99
CA ARG A 599 -21.32 -3.98 19.96
C ARG A 599 -21.63 -5.10 20.96
N ALA A 600 -20.62 -5.86 21.32
CA ALA A 600 -20.73 -6.88 22.38
C ALA A 600 -19.44 -6.89 23.16
N TYR A 601 -19.55 -6.94 24.49
CA TYR A 601 -18.41 -6.82 25.37
C TYR A 601 -18.32 -7.97 26.39
N PRO A 602 -18.29 -9.23 25.90
CA PRO A 602 -18.13 -10.33 26.86
C PRO A 602 -16.84 -10.22 27.67
N TRP A 603 -16.93 -10.53 28.95
CA TRP A 603 -15.79 -10.47 29.85
C TRP A 603 -14.85 -11.66 29.75
N LEU A 604 -15.40 -12.86 29.62
CA LEU A 604 -14.58 -14.07 29.73
C LEU A 604 -13.64 -14.21 28.55
N ALA A 605 -12.41 -14.62 28.84
CA ALA A 605 -11.38 -14.80 27.81
C ALA A 605 -11.77 -15.82 26.76
N ASN A 606 -12.55 -16.84 27.15
CA ASN A 606 -12.96 -17.86 26.18
C ASN A 606 -14.29 -17.60 25.48
N SER A 607 -14.87 -16.40 25.62
CA SER A 607 -16.10 -16.05 24.88
C SER A 607 -15.73 -15.58 23.47
N THR A 608 -15.16 -16.50 22.70
CA THR A 608 -14.70 -16.24 21.33
C THR A 608 -15.30 -17.19 20.29
N GLY A 609 -16.06 -18.19 20.72
CA GLY A 609 -16.55 -19.21 19.79
C GLY A 609 -17.63 -18.75 18.84
N ALA A 610 -17.86 -19.57 17.82
CA ALA A 610 -18.89 -19.29 16.83
C ALA A 610 -19.48 -20.54 16.22
N GLY A 611 -20.68 -20.41 15.71
CA GLY A 611 -21.37 -21.52 15.05
C GLY A 611 -22.75 -21.16 14.56
N LEU A 612 -23.53 -22.20 14.26
CA LEU A 612 -24.83 -22.06 13.63
C LEU A 612 -25.95 -22.07 14.63
N LEU A 613 -26.95 -21.25 14.36
CA LEU A 613 -28.18 -21.19 15.14
C LEU A 613 -29.33 -21.74 14.31
N ALA A 614 -30.22 -22.47 15.00
CA ALA A 614 -31.39 -23.08 14.37
C ALA A 614 -32.56 -23.04 15.33
N ASP A 615 -33.73 -22.60 14.84
CA ASP A 615 -34.94 -22.61 15.65
C ASP A 615 -36.12 -22.99 14.76
N GLY A 616 -36.86 -24.01 15.20
CA GLY A 616 -38.00 -24.50 14.46
C GLY A 616 -37.66 -25.19 13.15
N THR A 617 -36.44 -25.71 13.02
CA THR A 617 -36.09 -26.55 11.88
C THR A 617 -36.58 -27.97 12.17
N THR A 618 -37.14 -28.59 11.14
CA THR A 618 -37.78 -29.90 11.25
C THR A 618 -37.39 -30.75 10.04
N ALA A 619 -37.89 -31.99 9.99
CA ALA A 619 -37.73 -32.83 8.81
C ALA A 619 -38.34 -32.21 7.55
N GLY A 620 -39.43 -31.46 7.71
CA GLY A 620 -40.13 -30.82 6.61
C GLY A 620 -39.71 -29.38 6.33
N ASP A 621 -39.29 -28.67 7.37
CA ASP A 621 -38.90 -27.25 7.26
C ASP A 621 -37.40 -27.15 7.55
N VAL A 622 -36.63 -27.31 6.48
CA VAL A 622 -35.19 -27.53 6.56
C VAL A 622 -34.49 -26.24 6.10
N VAL A 623 -33.38 -25.91 6.75
CA VAL A 623 -32.54 -24.79 6.29
C VAL A 623 -31.22 -25.37 5.83
N GLY A 624 -30.91 -25.17 4.55
CA GLY A 624 -29.67 -25.65 3.96
C GLY A 624 -28.63 -24.54 4.07
N VAL A 625 -27.53 -24.83 4.75
CA VAL A 625 -26.44 -23.87 4.89
C VAL A 625 -25.25 -24.36 4.07
N SER A 626 -24.76 -23.49 3.18
CA SER A 626 -23.64 -23.80 2.32
C SER A 626 -22.74 -22.58 2.20
N GLY A 627 -21.63 -22.74 1.49
CA GLY A 627 -20.64 -21.68 1.33
C GLY A 627 -20.06 -21.19 2.65
N LEU A 628 -19.99 -22.08 3.65
CA LEU A 628 -19.54 -21.71 4.99
C LEU A 628 -18.03 -21.56 5.06
N GLU A 629 -17.57 -20.46 5.63
CA GLU A 629 -16.15 -20.23 5.76
C GLU A 629 -15.85 -19.32 6.94
N LEU A 630 -14.76 -19.64 7.65
CA LEU A 630 -14.27 -18.87 8.79
C LEU A 630 -12.90 -18.34 8.45
N TRP A 631 -12.70 -17.03 8.67
CA TRP A 631 -11.38 -16.41 8.61
C TRP A 631 -10.96 -16.02 10.03
N ASP A 632 -9.98 -16.72 10.59
CA ASP A 632 -9.49 -16.40 11.93
C ASP A 632 -8.26 -15.51 11.90
N GLY A 633 -8.38 -14.32 12.46
CA GLY A 633 -7.23 -13.42 12.68
C GLY A 633 -7.35 -12.04 12.07
N LEU A 634 -7.89 -11.97 10.85
CA LEU A 634 -7.99 -10.74 10.08
C LEU A 634 -6.59 -10.10 9.93
N VAL A 635 -6.51 -8.77 10.01
CA VAL A 635 -5.26 -8.03 9.77
C VAL A 635 -5.04 -7.10 10.96
N ASP A 636 -3.78 -6.88 11.30
CA ASP A 636 -3.38 -5.82 12.23
C ASP A 636 -3.45 -4.49 11.43
N ALA A 637 -4.52 -3.71 11.64
CA ALA A 637 -4.75 -2.52 10.82
C ALA A 637 -3.79 -1.37 11.11
N TRP A 638 -3.13 -1.38 12.27
CA TRP A 638 -2.23 -0.30 12.68
C TRP A 638 -0.86 -0.86 13.09
N PRO A 639 -0.11 -1.36 12.11
CA PRO A 639 1.10 -2.11 12.45
C PRO A 639 2.17 -1.33 13.20
N ALA A 640 2.25 -0.03 13.03
CA ALA A 640 3.23 0.77 13.73
C ALA A 640 2.84 1.09 15.17
N ARG A 641 1.57 0.90 15.53
CA ARG A 641 1.12 1.21 16.89
C ARG A 641 1.44 0.06 17.84
N PRO A 642 1.92 0.37 19.04
CA PRO A 642 1.97 -0.66 20.09
C PRO A 642 0.56 -1.05 20.52
N ALA A 643 0.43 -2.09 21.34
CA ALA A 643 -0.87 -2.58 21.79
C ALA A 643 -1.63 -1.52 22.59
N ASN A 644 -0.90 -0.79 23.43
CA ASN A 644 -1.49 0.27 24.25
C ASN A 644 -0.97 1.64 23.79
N THR A 645 -1.81 2.36 23.06
CA THR A 645 -1.51 3.73 22.63
C THR A 645 -2.18 4.80 23.49
N SER A 646 -2.70 4.43 24.66
CA SER A 646 -3.18 5.43 25.60
C SER A 646 -2.07 6.41 25.97
N GLN A 647 -2.43 7.68 26.11
CA GLN A 647 -1.54 8.69 26.67
C GLN A 647 -2.09 9.22 27.99
N GLY A 648 -3.00 8.48 28.61
CA GLY A 648 -3.70 8.96 29.80
C GLY A 648 -4.87 9.85 29.44
N LEU A 649 -5.68 10.17 30.45
CA LEU A 649 -6.82 11.04 30.27
C LEU A 649 -6.64 12.26 31.16
N VAL A 650 -7.24 13.36 30.73
CA VAL A 650 -7.18 14.62 31.45
C VAL A 650 -8.54 15.24 31.65
N TRP A 651 -8.63 16.11 32.65
CA TRP A 651 -9.79 16.90 32.95
C TRP A 651 -9.53 18.37 32.58
N ASP A 652 -10.51 19.02 31.94
CA ASP A 652 -10.38 20.43 31.57
C ASP A 652 -10.47 21.37 32.77
N GLY A 653 -10.95 20.86 33.91
CA GLY A 653 -11.06 21.64 35.11
C GLY A 653 -12.39 22.39 35.23
N PRO A 654 -12.52 23.22 36.28
CA PRO A 654 -13.79 23.87 36.56
C PRO A 654 -14.29 24.83 35.48
N THR A 655 -13.40 25.35 34.62
CA THR A 655 -13.84 26.23 33.54
C THR A 655 -14.69 25.50 32.48
N ALA A 656 -14.62 24.18 32.39
CA ALA A 656 -15.42 23.49 31.38
C ALA A 656 -16.91 23.77 31.59
N ALA A 657 -17.35 23.70 32.85
CA ALA A 657 -18.73 23.99 33.22
C ALA A 657 -19.07 25.47 33.06
N MET A 658 -18.09 26.35 33.28
CA MET A 658 -18.29 27.79 33.11
C MET A 658 -18.55 28.14 31.65
N TYR A 659 -17.74 27.58 30.76
CA TYR A 659 -17.89 27.88 29.33
C TYR A 659 -19.12 27.18 28.77
N GLY A 660 -19.40 25.98 29.28
CA GLY A 660 -20.63 25.25 28.94
C GLY A 660 -20.66 24.61 27.57
N LEU A 661 -19.49 24.46 26.94
CA LEU A 661 -19.38 23.96 25.57
C LEU A 661 -19.07 22.47 25.49
N PHE A 662 -18.19 22.01 26.38
CA PHE A 662 -17.67 20.64 26.37
C PHE A 662 -17.86 20.03 27.75
N ALA A 663 -18.08 18.72 27.82
CA ALA A 663 -18.18 18.03 29.12
C ALA A 663 -16.94 18.27 29.98
N GLY A 664 -15.77 18.25 29.35
CA GLY A 664 -14.50 18.52 30.02
C GLY A 664 -13.66 17.30 30.33
N TYR A 665 -14.15 16.11 29.98
CA TYR A 665 -13.43 14.87 30.23
C TYR A 665 -13.67 13.91 29.07
N CYS B 42 16.26 21.41 -33.08
CA CYS B 42 16.03 20.06 -32.51
C CYS B 42 14.65 19.57 -32.90
N SER B 43 14.60 18.53 -33.73
CA SER B 43 13.33 17.90 -34.10
C SER B 43 13.07 16.70 -33.18
N LEU B 44 11.86 16.63 -32.65
CA LEU B 44 11.40 15.50 -31.85
C LEU B 44 10.40 14.63 -32.59
N ASP B 45 10.51 14.61 -33.92
CA ASP B 45 9.61 13.82 -34.76
C ASP B 45 10.08 12.37 -34.73
N GLN B 46 9.35 11.53 -33.99
CA GLN B 46 9.69 10.11 -33.88
C GLN B 46 9.05 9.23 -34.97
N THR B 47 8.49 9.84 -36.02
CA THR B 47 8.02 9.09 -37.20
C THR B 47 9.05 9.08 -38.32
N VAL B 48 10.14 9.83 -38.16
CA VAL B 48 11.23 9.84 -39.13
C VAL B 48 12.55 9.58 -38.40
N ALA B 49 13.60 9.33 -39.16
CA ALA B 49 14.93 9.06 -38.58
C ALA B 49 15.38 10.24 -37.71
N PRO B 50 16.14 9.95 -36.64
CA PRO B 50 16.56 11.02 -35.75
C PRO B 50 17.57 11.94 -36.40
N GLY B 51 17.48 13.22 -36.11
CA GLY B 51 18.51 14.16 -36.50
C GLY B 51 19.64 14.17 -35.50
N ASN B 52 20.27 15.32 -35.40
CA ASN B 52 21.36 15.54 -34.48
C ASN B 52 20.74 15.93 -33.15
N LEU B 53 20.57 14.96 -32.28
CA LEU B 53 19.90 15.22 -30.99
C LEU B 53 20.77 15.98 -29.98
N THR B 54 22.08 16.13 -30.26
CA THR B 54 22.94 16.95 -29.42
C THR B 54 22.59 18.44 -29.49
N LEU B 55 21.83 18.84 -30.52
CA LEU B 55 21.31 20.20 -30.61
C LEU B 55 20.10 20.47 -29.71
N CYS B 56 19.49 19.42 -29.17
CA CYS B 56 18.34 19.57 -28.29
C CYS B 56 18.72 20.19 -26.95
N GLY B 57 17.78 20.91 -26.37
CA GLY B 57 17.99 21.57 -25.07
C GLY B 57 17.98 20.60 -23.91
N ASN B 58 18.25 21.14 -22.73
CA ASN B 58 18.28 20.35 -21.49
C ASN B 58 16.90 19.76 -21.22
N ALA B 59 16.87 18.46 -20.93
CA ALA B 59 15.64 17.74 -20.57
C ALA B 59 14.56 17.73 -21.65
N THR B 60 14.93 18.01 -22.90
CA THR B 60 13.97 17.95 -24.01
C THR B 60 13.64 16.51 -24.37
N LEU B 61 14.53 15.58 -24.02
CA LEU B 61 14.28 14.15 -24.17
C LEU B 61 13.91 13.46 -22.85
N PHE B 62 13.32 14.20 -21.92
CA PHE B 62 13.04 13.67 -20.57
C PHE B 62 12.13 12.44 -20.59
N THR B 63 11.04 12.50 -21.34
CA THR B 63 10.07 11.39 -21.36
C THR B 63 10.35 10.33 -22.43
N THR B 64 11.22 10.63 -23.39
CA THR B 64 11.38 9.80 -24.59
C THR B 64 11.74 8.34 -24.31
N PHE B 65 12.69 8.14 -23.41
CA PHE B 65 13.23 6.82 -23.11
C PHE B 65 13.04 6.42 -21.64
N ARG B 66 12.21 7.17 -20.93
CA ARG B 66 12.24 7.11 -19.46
C ARG B 66 11.39 5.96 -18.90
N PRO B 67 11.97 5.15 -18.01
CA PRO B 67 11.13 4.16 -17.34
C PRO B 67 9.97 4.78 -16.55
N LYS B 68 8.83 4.08 -16.55
CA LYS B 68 7.62 4.47 -15.82
C LYS B 68 7.17 3.50 -14.73
N ALA B 69 7.64 2.25 -14.78
CA ALA B 69 7.11 1.17 -13.93
C ALA B 69 8.05 0.74 -12.82
N ARG B 70 9.07 1.56 -12.53
CA ARG B 70 10.09 1.19 -11.55
C ARG B 70 10.58 2.39 -10.75
N PHE B 71 11.41 2.10 -9.76
CA PHE B 71 11.99 3.12 -8.91
C PHE B 71 13.02 3.92 -9.73
N ILE B 72 12.86 5.24 -9.72
CA ILE B 72 13.77 6.18 -10.38
C ILE B 72 13.62 7.52 -9.66
N ALA B 73 14.70 8.30 -9.57
CA ALA B 73 14.65 9.64 -8.98
C ALA B 73 13.71 10.55 -9.79
N PRO B 74 13.22 11.65 -9.17
CA PRO B 74 12.40 12.56 -9.98
C PRO B 74 13.13 13.19 -11.18
N GLU B 75 14.44 13.40 -11.04
CA GLU B 75 15.25 14.01 -12.10
C GLU B 75 16.72 13.92 -11.70
N GLY B 76 17.61 14.20 -12.64
CA GLY B 76 19.03 14.27 -12.35
C GLY B 76 19.70 12.93 -12.18
N TRP B 77 20.86 12.98 -11.54
CA TRP B 77 21.72 11.82 -11.38
C TRP B 77 21.30 10.98 -10.20
N MET B 78 21.24 9.67 -10.39
CA MET B 78 21.15 8.72 -9.27
C MET B 78 22.13 7.58 -9.50
N ASN B 79 22.59 6.98 -8.41
CA ASN B 79 23.30 5.70 -8.48
C ASN B 79 22.79 4.72 -7.39
N ALA B 80 23.67 4.24 -6.50
CA ALA B 80 23.39 3.10 -5.64
C ALA B 80 22.18 3.28 -4.73
N PRO B 81 21.37 2.21 -4.58
CA PRO B 81 20.43 2.18 -3.47
C PRO B 81 21.19 2.24 -2.14
N MET B 82 20.53 2.83 -1.13
CA MET B 82 21.07 2.94 0.20
C MET B 82 19.95 3.08 1.23
N GLY B 83 20.29 2.88 2.49
CA GLY B 83 19.37 3.13 3.61
C GLY B 83 18.05 2.38 3.53
N LEU B 84 18.10 1.15 2.99
CA LEU B 84 16.89 0.36 2.77
C LEU B 84 16.41 -0.25 4.07
N TYR B 85 15.13 -0.05 4.40
CA TYR B 85 14.53 -0.74 5.54
C TYR B 85 13.02 -0.76 5.48
N GLN B 86 12.45 -1.77 6.12
CA GLN B 86 11.02 -1.87 6.29
C GLN B 86 10.67 -1.12 7.56
N ARG B 87 9.84 -0.11 7.41
CA ARG B 87 9.44 0.76 8.51
C ARG B 87 8.43 0.05 9.41
N ALA B 88 8.17 0.63 10.57
CA ALA B 88 7.28 0.01 11.57
C ALA B 88 5.86 -0.24 11.05
N ASP B 89 5.39 0.62 10.13
CA ASP B 89 4.05 0.46 9.53
C ASP B 89 4.00 -0.56 8.38
N GLY B 90 5.12 -1.23 8.11
CA GLY B 90 5.23 -2.26 7.08
C GLY B 90 5.64 -1.74 5.72
N SER B 91 5.65 -0.41 5.55
CA SER B 91 6.10 0.19 4.28
C SER B 91 7.62 0.08 4.12
N ILE B 92 8.06 0.25 2.88
CA ILE B 92 9.48 0.15 2.54
C ILE B 92 10.04 1.54 2.34
N HIS B 93 11.12 1.85 3.06
CA HIS B 93 11.90 3.08 2.84
C HIS B 93 13.09 2.72 1.95
N ALA B 94 13.23 3.44 0.83
CA ALA B 94 14.35 3.28 -0.08
C ALA B 94 15.05 4.61 -0.25
N GLY B 95 16.34 4.61 0.06
CA GLY B 95 17.23 5.72 -0.27
C GLY B 95 18.01 5.43 -1.52
N TYR B 96 18.66 6.48 -2.04
CA TYR B 96 19.55 6.32 -3.18
C TYR B 96 20.53 7.47 -3.26
N GLN B 97 21.72 7.15 -3.74
CA GLN B 97 22.74 8.16 -4.05
C GLN B 97 22.19 9.09 -5.13
N SER B 98 22.19 10.39 -4.83
CA SER B 98 21.46 11.39 -5.62
C SER B 98 22.25 12.68 -5.82
N HIS B 99 22.18 13.23 -7.05
CA HIS B 99 22.71 14.58 -7.38
C HIS B 99 21.67 15.30 -8.24
N PRO B 100 20.67 15.94 -7.60
CA PRO B 100 19.62 16.66 -8.33
C PRO B 100 20.17 17.76 -9.21
N LYS B 101 19.49 18.00 -10.32
CA LYS B 101 19.78 19.10 -11.23
C LYS B 101 21.16 19.01 -11.90
N HIS B 102 21.74 17.81 -11.90
CA HIS B 102 23.00 17.52 -12.53
C HIS B 102 22.83 16.17 -13.23
N ILE B 103 23.69 15.87 -14.20
CA ILE B 103 23.66 14.54 -14.86
C ILE B 103 24.97 13.75 -14.72
N GLN B 104 25.87 14.23 -13.86
CA GLN B 104 27.00 13.44 -13.39
C GLN B 104 27.02 13.47 -11.86
N TRP B 105 27.75 12.51 -11.32
CA TRP B 105 27.90 12.34 -9.87
C TRP B 105 28.53 13.55 -9.19
N GLY B 106 28.14 13.78 -7.94
CA GLY B 106 28.76 14.82 -7.12
C GLY B 106 27.85 15.22 -5.96
N ASN B 107 28.42 15.95 -5.02
CA ASN B 107 27.73 16.35 -3.77
C ASN B 107 26.80 15.27 -3.30
N ILE B 108 27.28 14.05 -3.29
CA ILE B 108 26.35 12.93 -3.32
C ILE B 108 25.57 12.88 -1.99
N SER B 109 24.26 12.66 -2.12
CA SER B 109 23.30 12.80 -1.04
C SER B 109 22.36 11.61 -1.07
N GLN B 110 21.60 11.42 0.01
CA GLN B 110 20.50 10.45 0.00
C GLN B 110 19.20 11.10 -0.44
N GLY B 111 18.70 10.67 -1.60
CA GLY B 111 17.31 10.90 -2.00
C GLY B 111 16.48 9.76 -1.43
N ALA B 112 15.19 9.96 -1.22
CA ALA B 112 14.39 8.90 -0.61
C ALA B 112 12.93 8.92 -1.00
N ALA B 113 12.33 7.74 -0.85
CA ALA B 113 10.91 7.56 -1.15
C ALA B 113 10.41 6.35 -0.39
N TYR B 114 9.09 6.15 -0.39
CA TYR B 114 8.52 5.02 0.30
C TYR B 114 7.38 4.37 -0.48
N SER B 115 7.11 3.11 -0.13
CA SER B 115 6.10 2.31 -0.81
C SER B 115 5.54 1.26 0.12
N SER B 116 4.25 0.96 -0.02
CA SER B 116 3.70 -0.16 0.75
C SER B 116 3.79 -1.51 0.03
N ASP B 117 4.22 -1.55 -1.24
CA ASP B 117 4.21 -2.80 -2.02
C ASP B 117 5.41 -2.97 -2.99
N PHE B 118 6.50 -2.25 -2.73
CA PHE B 118 7.70 -2.21 -3.59
C PHE B 118 7.49 -1.60 -4.99
N THR B 119 6.27 -1.20 -5.31
CA THR B 119 5.88 -1.02 -6.71
C THR B 119 5.38 0.39 -7.02
N SER B 120 4.45 0.88 -6.20
CA SER B 120 3.94 2.23 -6.28
C SER B 120 4.63 3.05 -5.18
N TRP B 121 5.29 4.13 -5.57
CA TRP B 121 6.17 4.91 -4.67
C TRP B 121 5.70 6.35 -4.49
N THR B 122 6.12 6.94 -3.38
CA THR B 122 5.86 8.35 -3.07
C THR B 122 7.16 8.99 -2.60
N ASP B 123 7.51 10.13 -3.19
CA ASP B 123 8.71 10.86 -2.79
C ASP B 123 8.53 11.51 -1.42
N PHE B 124 9.59 11.53 -0.62
CA PHE B 124 9.65 12.49 0.49
C PHE B 124 9.75 13.92 -0.07
N ASN B 125 9.22 14.89 0.67
CA ASN B 125 9.32 16.30 0.29
C ASN B 125 9.56 17.11 1.56
N GLY B 126 10.77 17.63 1.69
CA GLY B 126 11.16 18.43 2.84
C GLY B 126 11.86 19.68 2.40
N SER B 127 12.66 20.26 3.29
CA SER B 127 13.35 21.52 2.98
C SER B 127 14.36 21.38 1.82
N GLU B 128 14.88 20.17 1.62
CA GLU B 128 15.79 19.88 0.51
C GLU B 128 15.15 19.03 -0.58
N GLY B 129 13.86 19.26 -0.82
CA GLY B 129 13.12 18.51 -1.83
C GLY B 129 13.01 17.05 -1.45
N TYR B 130 13.50 16.17 -2.32
CA TYR B 130 13.45 14.73 -2.05
C TYR B 130 14.71 14.19 -1.39
N LYS B 131 15.68 15.05 -1.11
CA LYS B 131 16.83 14.64 -0.33
C LYS B 131 16.49 14.59 1.15
N THR B 132 17.12 13.64 1.86
CA THR B 132 16.98 13.55 3.31
C THR B 132 18.30 13.54 4.09
N ILE B 133 19.43 13.27 3.44
CA ILE B 133 20.76 13.44 4.04
C ILE B 133 21.67 14.02 2.95
N TRP B 134 22.49 15.00 3.32
CA TRP B 134 23.35 15.69 2.38
C TRP B 134 24.65 16.08 3.08
N PRO B 135 25.70 16.32 2.28
CA PRO B 135 26.95 16.84 2.85
C PRO B 135 26.73 18.14 3.64
N SER B 136 27.23 18.18 4.88
CA SER B 136 27.00 19.32 5.77
C SER B 136 28.06 19.58 6.83
N GLN B 137 29.02 18.67 6.97
CA GLN B 137 30.01 18.73 8.04
C GLN B 137 31.39 18.43 7.45
N ILE B 138 32.45 18.85 8.14
CA ILE B 138 33.79 18.61 7.62
C ILE B 138 34.03 17.12 7.28
N TYR B 139 33.44 16.23 8.06
CA TYR B 139 33.64 14.79 7.89
C TYR B 139 32.87 14.15 6.71
N ASP B 140 31.80 14.78 6.23
CA ASP B 140 31.04 14.27 5.09
C ASP B 140 30.82 15.27 3.95
N ILE B 141 31.56 16.37 3.94
CA ILE B 141 31.30 17.46 2.98
C ILE B 141 31.59 17.03 1.53
N ARG B 142 32.42 16.02 1.34
CA ARG B 142 32.76 15.55 0.01
C ARG B 142 31.73 14.55 -0.54
N GLY B 143 30.80 14.11 0.32
CA GLY B 143 29.76 13.19 -0.11
C GLY B 143 29.27 12.31 1.04
N VAL B 144 27.96 12.11 1.06
CA VAL B 144 27.30 11.14 1.91
C VAL B 144 27.15 9.89 1.03
N PHE B 145 28.08 8.97 1.21
CA PHE B 145 28.16 7.75 0.41
C PHE B 145 27.16 6.72 0.97
N ASP B 146 27.21 5.50 0.46
CA ASP B 146 26.30 4.42 0.85
C ASP B 146 26.29 4.17 2.35
N GLY B 147 25.15 3.71 2.85
CA GLY B 147 25.00 3.33 4.25
C GLY B 147 23.81 2.41 4.41
N SER B 148 23.69 1.82 5.60
CA SER B 148 22.65 0.84 5.88
C SER B 148 22.05 1.08 7.27
N ILE B 149 20.95 0.39 7.55
CA ILE B 149 20.08 0.73 8.67
C ILE B 149 20.19 -0.22 9.86
N ILE B 150 20.34 0.39 11.03
CA ILE B 150 20.13 -0.23 12.34
C ILE B 150 18.69 0.10 12.72
N LYS B 151 17.81 -0.89 12.73
CA LYS B 151 16.39 -0.59 12.92
C LYS B 151 16.08 -0.08 14.31
N GLU B 152 16.75 -0.64 15.32
CA GLU B 152 16.60 -0.19 16.69
C GLU B 152 17.92 0.39 17.17
N GLY B 153 18.12 1.67 16.85
CA GLY B 153 19.40 2.33 17.04
C GLY B 153 19.39 3.37 18.14
N ILE B 154 19.91 4.56 17.80
CA ILE B 154 20.10 5.63 18.77
C ILE B 154 18.75 6.01 19.37
N ASP B 155 18.64 5.97 20.71
CA ASP B 155 17.39 6.26 21.43
C ASP B 155 16.18 5.44 20.94
N GLY B 156 16.45 4.25 20.41
CA GLY B 156 15.45 3.37 19.84
C GLY B 156 14.99 3.66 18.42
N TYR B 157 15.57 4.69 17.79
CA TYR B 157 15.15 5.12 16.46
C TYR B 157 15.92 4.43 15.35
N PRO B 158 15.30 4.32 14.16
CA PRO B 158 16.06 3.84 13.03
C PRO B 158 17.26 4.73 12.81
N THR B 159 18.40 4.09 12.57
CA THR B 159 19.71 4.75 12.56
C THR B 159 20.48 4.28 11.32
N ILE B 160 21.09 5.21 10.60
CA ILE B 160 21.91 4.85 9.44
C ILE B 160 23.38 4.97 9.82
N LEU B 161 24.16 3.95 9.48
CA LEU B 161 25.61 4.00 9.48
C LEU B 161 26.03 4.16 8.03
N TYR B 162 26.71 5.27 7.71
CA TYR B 162 27.05 5.63 6.33
C TYR B 162 28.49 6.07 6.18
N THR B 163 29.01 5.98 4.96
CA THR B 163 30.34 6.47 4.69
C THR B 163 30.30 7.99 4.50
N SER B 164 30.95 8.68 5.43
CA SER B 164 31.13 10.13 5.40
C SER B 164 32.49 10.42 4.77
N THR B 165 32.50 11.17 3.67
CA THR B 165 33.75 11.45 2.95
C THR B 165 34.17 12.90 3.09
N SER B 166 35.48 13.09 3.19
CA SER B 166 36.09 14.41 3.23
C SER B 166 37.11 14.53 2.08
N PHE B 167 38.01 15.52 2.19
N PHE B 167 37.98 15.55 2.16
CA PHE B 167 38.91 15.85 1.12
CA PHE B 167 38.94 15.89 1.10
C PHE B 167 40.02 14.80 0.94
C PHE B 167 40.01 14.83 0.93
N GLY B 168 40.64 14.84 -0.24
CA GLY B 168 41.83 14.02 -0.51
C GLY B 168 41.58 13.07 -1.65
N PRO B 169 42.66 12.50 -2.22
CA PRO B 169 42.47 11.47 -3.24
C PRO B 169 41.59 10.34 -2.71
N LEU B 170 40.62 9.95 -3.51
CA LEU B 170 39.67 8.90 -3.13
C LEU B 170 39.50 7.98 -4.32
N GLY B 171 39.93 6.73 -4.16
CA GLY B 171 39.77 5.75 -5.22
C GLY B 171 40.76 4.61 -5.10
N ALA B 172 40.36 3.46 -5.64
CA ALA B 172 41.16 2.25 -5.60
C ALA B 172 42.43 2.34 -6.45
N THR B 173 42.46 3.22 -7.46
CA THR B 173 43.65 3.43 -8.28
C THR B 173 44.43 4.69 -7.89
N LEU B 174 44.06 5.33 -6.78
CA LEU B 174 44.74 6.52 -6.29
C LEU B 174 45.41 6.22 -4.96
N ASN B 175 46.15 7.18 -4.44
CA ASN B 175 46.82 7.03 -3.16
C ASN B 175 45.98 7.65 -2.04
N GLU B 176 44.92 6.95 -1.66
CA GLU B 176 44.02 7.44 -0.61
C GLU B 176 44.70 7.33 0.75
N ALA B 177 44.34 8.26 1.62
CA ALA B 177 44.80 8.28 3.00
C ALA B 177 43.64 8.17 3.97
N GLU B 178 44.01 7.75 5.17
CA GLU B 178 43.12 7.64 6.30
C GLU B 178 42.41 9.00 6.57
N GLY B 179 41.12 8.94 6.84
CA GLY B 179 40.31 10.15 7.09
C GLY B 179 39.43 10.56 5.94
N THR B 180 39.86 10.29 4.71
CA THR B 180 39.09 10.67 3.53
C THR B 180 37.75 9.93 3.50
N GLU B 181 37.75 8.66 3.90
CA GLU B 181 36.52 7.89 4.08
C GLU B 181 36.42 7.44 5.51
N THR B 182 35.38 7.91 6.20
CA THR B 182 35.08 7.46 7.56
C THR B 182 33.63 6.98 7.60
N GLN B 183 33.20 6.46 8.75
CA GLN B 183 31.84 5.95 8.90
C GLN B 183 31.17 6.71 10.04
N SER B 184 29.96 7.19 9.78
CA SER B 184 29.22 8.09 10.66
C SER B 184 27.78 7.62 10.87
N LEU B 185 27.17 8.10 11.96
CA LEU B 185 25.79 7.78 12.32
C LEU B 185 24.83 8.97 12.21
N ALA B 186 23.61 8.66 11.82
CA ALA B 186 22.48 9.59 11.91
C ALA B 186 21.22 8.79 12.23
N TYR B 187 20.25 9.42 12.88
CA TYR B 187 18.99 8.74 13.23
C TYR B 187 17.78 9.55 12.81
N THR B 188 16.64 8.88 12.66
CA THR B 188 15.40 9.55 12.26
C THR B 188 14.31 9.40 13.32
N THR B 189 13.71 10.53 13.70
CA THR B 189 12.57 10.55 14.62
C THR B 189 11.24 10.67 13.88
N ASP B 190 11.28 10.70 12.55
CA ASP B 190 10.07 10.91 11.74
C ASP B 190 10.00 9.94 10.55
N ASP B 191 10.45 8.72 10.80
CA ASP B 191 10.32 7.62 9.84
C ASP B 191 10.96 7.91 8.46
N GLY B 192 12.09 8.61 8.47
CA GLY B 192 12.84 8.86 7.23
C GLY B 192 12.58 10.19 6.55
N ALA B 193 11.68 11.02 7.09
CA ALA B 193 11.49 12.35 6.50
C ALA B 193 12.73 13.22 6.71
N SER B 194 13.42 13.01 7.83
CA SER B 194 14.66 13.73 8.11
C SER B 194 15.58 12.86 8.96
N TRP B 195 16.86 13.20 8.98
CA TRP B 195 17.86 12.48 9.79
C TRP B 195 18.67 13.50 10.57
N ILE B 196 18.99 13.15 11.81
CA ILE B 196 19.84 13.95 12.67
C ILE B 196 21.18 13.23 12.83
N LYS B 197 22.26 13.89 12.44
CA LYS B 197 23.61 13.35 12.60
C LYS B 197 24.06 13.50 14.03
N LEU B 198 24.82 12.54 14.53
CA LEU B 198 25.54 12.76 15.77
C LEU B 198 26.51 13.93 15.57
N GLY B 199 26.88 14.58 16.67
CA GLY B 199 27.83 15.69 16.60
C GLY B 199 29.20 15.29 16.10
N TYR B 200 29.94 16.26 15.56
CA TYR B 200 31.33 16.02 15.22
C TYR B 200 32.20 16.05 16.47
N GLY B 201 33.02 15.01 16.66
CA GLY B 201 34.06 15.07 17.67
C GLY B 201 34.42 13.76 18.33
N ALA B 202 35.24 13.87 19.36
CA ALA B 202 35.72 12.71 20.11
C ALA B 202 34.54 12.01 20.77
N GLY B 203 34.43 10.71 20.53
CA GLY B 203 33.34 9.91 21.06
C GLY B 203 32.00 10.06 20.35
N GLN B 204 32.01 10.78 19.22
N GLN B 204 31.97 10.80 19.23
CA GLN B 204 30.82 11.07 18.45
CA GLN B 204 30.75 10.95 18.44
C GLN B 204 31.17 10.76 16.98
C GLN B 204 31.19 10.77 16.98
N ASN B 205 30.62 11.49 16.01
CA ASN B 205 30.97 11.27 14.60
C ASN B 205 32.35 11.82 14.20
N PRO B 206 33.05 11.17 13.27
CA PRO B 206 32.71 9.85 12.74
C PRO B 206 33.06 8.77 13.77
N VAL B 207 32.31 7.67 13.74
CA VAL B 207 32.47 6.59 14.73
C VAL B 207 33.51 5.53 14.34
N ILE B 208 33.78 5.37 13.05
CA ILE B 208 34.85 4.47 12.57
C ILE B 208 35.70 5.29 11.62
N TYR B 209 36.98 5.45 11.95
CA TYR B 209 37.90 6.26 11.17
C TYR B 209 39.30 5.66 10.98
N GLU B 210 39.74 4.80 11.89
CA GLU B 210 41.03 4.13 11.76
C GLU B 210 40.96 3.02 10.76
N TRP B 211 41.90 3.03 9.84
CA TRP B 211 42.03 1.95 8.87
C TRP B 211 42.48 0.67 9.58
N PRO B 212 41.81 -0.46 9.31
CA PRO B 212 42.21 -1.71 9.96
C PRO B 212 43.52 -2.31 9.44
N GLU B 213 43.92 -1.97 8.21
CA GLU B 213 45.20 -2.39 7.63
C GLU B 213 45.70 -1.18 6.83
N THR B 214 47.00 -1.13 6.53
CA THR B 214 47.54 -0.01 5.75
C THR B 214 47.26 -0.18 4.27
N ASN B 215 47.44 0.91 3.54
CA ASN B 215 47.39 0.96 2.07
C ASN B 215 46.10 0.40 1.47
N LEU B 216 44.98 0.82 2.05
CA LEU B 216 43.68 0.42 1.53
C LEU B 216 43.39 1.05 0.17
N THR B 217 42.69 0.28 -0.67
CA THR B 217 42.14 0.74 -1.93
C THR B 217 40.78 1.43 -1.71
N GLY B 218 40.14 1.15 -0.58
CA GLY B 218 38.82 1.73 -0.28
C GLY B 218 38.39 1.35 1.11
N PHE B 219 37.43 2.09 1.67
CA PHE B 219 37.01 1.85 3.05
C PHE B 219 35.61 2.44 3.20
N ARG B 220 34.61 1.74 2.68
CA ARG B 220 33.29 2.32 2.57
C ARG B 220 32.17 1.29 2.54
N ASP B 221 30.94 1.81 2.57
CA ASP B 221 29.72 1.05 2.37
C ASP B 221 29.44 0.11 3.54
N PRO B 222 29.30 0.67 4.76
CA PRO B 222 29.09 -0.17 5.93
C PRO B 222 27.74 -0.87 5.85
N TYR B 223 27.76 -2.19 6.04
CA TYR B 223 26.56 -3.01 5.97
C TYR B 223 26.32 -3.59 7.33
N VAL B 224 25.28 -3.09 8.02
CA VAL B 224 24.97 -3.52 9.38
C VAL B 224 23.93 -4.63 9.33
N PHE B 225 24.15 -5.68 10.12
CA PHE B 225 23.25 -6.83 10.12
C PHE B 225 23.33 -7.56 11.45
N GLN B 226 22.25 -8.23 11.80
CA GLN B 226 22.23 -9.13 12.94
C GLN B 226 22.47 -10.53 12.40
N SER B 227 23.07 -11.37 13.23
CA SER B 227 23.43 -12.72 12.79
C SER B 227 23.53 -13.68 13.96
N PRO B 228 22.41 -14.39 14.25
CA PRO B 228 22.50 -15.48 15.23
C PRO B 228 23.61 -16.50 14.91
N ARG B 229 23.83 -16.74 13.61
CA ARG B 229 24.91 -17.58 13.11
C ARG B 229 26.29 -17.12 13.55
N LEU B 230 26.64 -15.87 13.26
CA LEU B 230 27.94 -15.35 13.67
C LEU B 230 28.05 -15.23 15.18
N GLU B 231 26.97 -14.88 15.89
CA GLU B 231 27.01 -14.82 17.35
C GLU B 231 27.35 -16.19 17.96
N ALA B 232 26.73 -17.25 17.44
CA ALA B 232 26.99 -18.62 17.91
C ALA B 232 28.44 -19.04 17.62
N LEU B 233 28.94 -18.71 16.43
CA LEU B 233 30.32 -19.03 16.07
C LEU B 233 31.35 -18.32 16.93
N LEU B 234 31.06 -17.08 17.32
CA LEU B 234 32.03 -16.28 18.07
C LEU B 234 31.89 -16.36 19.60
N ALA B 235 30.84 -17.02 20.09
CA ALA B 235 30.48 -16.97 21.51
C ALA B 235 31.58 -17.42 22.46
N ASN B 236 32.39 -18.40 22.03
CA ASN B 236 33.48 -18.89 22.88
C ASN B 236 34.78 -18.09 22.77
N THR B 237 34.78 -17.04 21.94
CA THR B 237 35.94 -16.14 21.77
C THR B 237 35.68 -14.72 22.28
N THR B 238 34.51 -14.42 22.83
CA THR B 238 34.19 -13.05 23.24
C THR B 238 35.08 -12.54 24.37
N SER B 239 35.65 -13.43 25.18
CA SER B 239 36.71 -13.06 26.14
C SER B 239 37.98 -12.49 25.48
N ILE B 240 38.29 -12.93 24.28
CA ILE B 240 39.50 -12.49 23.57
C ILE B 240 39.33 -11.06 23.05
N THR B 241 38.15 -10.75 22.50
CA THR B 241 37.91 -9.45 21.84
C THR B 241 37.11 -8.45 22.67
N ASN B 242 36.33 -8.95 23.63
CA ASN B 242 35.33 -8.17 24.38
C ASN B 242 34.19 -7.59 23.56
N ALA B 243 34.02 -8.01 22.30
CA ALA B 243 32.92 -7.52 21.47
C ALA B 243 31.77 -8.50 21.61
N THR B 244 30.66 -8.02 22.19
CA THR B 244 29.51 -8.87 22.50
C THR B 244 28.18 -8.32 21.97
N GLY B 245 28.21 -7.29 21.14
CA GLY B 245 26.97 -6.71 20.62
C GLY B 245 26.23 -7.64 19.68
N ASP B 246 24.97 -7.30 19.42
CA ASP B 246 24.10 -8.09 18.55
C ASP B 246 24.09 -7.59 17.09
N HIS B 247 24.86 -6.54 16.77
CA HIS B 247 25.02 -6.09 15.39
C HIS B 247 26.45 -6.29 14.91
N PHE B 248 26.56 -6.72 13.66
CA PHE B 248 27.82 -6.80 12.95
C PHE B 248 27.80 -5.74 11.85
N ALA B 249 28.97 -5.34 11.39
CA ALA B 249 29.07 -4.48 10.21
C ALA B 249 30.26 -4.87 9.35
N THR B 250 30.04 -4.98 8.05
CA THR B 250 31.15 -5.11 7.12
C THR B 250 31.46 -3.77 6.48
N ILE B 251 32.73 -3.55 6.19
CA ILE B 251 33.19 -2.41 5.40
C ILE B 251 33.95 -2.94 4.18
N SER B 252 33.62 -2.39 3.01
CA SER B 252 34.14 -2.85 1.73
C SER B 252 35.41 -2.11 1.33
N GLY B 253 36.39 -2.87 0.85
CA GLY B 253 37.62 -2.26 0.37
C GLY B 253 38.57 -3.26 -0.25
N GLY B 254 39.84 -3.12 0.11
CA GLY B 254 40.90 -3.93 -0.48
C GLY B 254 42.24 -3.35 -0.08
N VAL B 255 43.31 -3.98 -0.56
CA VAL B 255 44.68 -3.57 -0.23
C VAL B 255 45.44 -3.41 -1.54
N HIS B 256 46.18 -2.30 -1.66
CA HIS B 256 46.89 -1.97 -2.88
C HIS B 256 47.82 -3.11 -3.33
N GLY B 257 47.64 -3.52 -4.57
CA GLY B 257 48.42 -4.61 -5.17
C GLY B 257 48.05 -6.02 -4.74
N ASP B 258 47.14 -6.19 -3.78
CA ASP B 258 46.90 -7.50 -3.16
C ASP B 258 45.42 -7.93 -3.08
N GLY B 259 44.55 -7.28 -3.87
CA GLY B 259 43.16 -7.72 -4.01
C GLY B 259 42.19 -7.09 -3.02
N ALA B 260 40.93 -7.46 -3.19
CA ALA B 260 39.82 -6.90 -2.43
C ALA B 260 39.72 -7.52 -1.04
N ARG B 261 39.04 -6.81 -0.15
CA ARG B 261 38.82 -7.23 1.22
C ARG B 261 37.45 -6.79 1.69
N LEU B 262 36.78 -7.65 2.44
CA LEU B 262 35.60 -7.26 3.20
C LEU B 262 35.96 -7.37 4.68
N PHE B 263 35.94 -6.25 5.38
CA PHE B 263 36.37 -6.18 6.77
C PHE B 263 35.18 -6.36 7.69
N LEU B 264 35.31 -7.22 8.70
CA LEU B 264 34.22 -7.47 9.64
C LEU B 264 34.44 -6.78 10.98
N TYR B 265 33.42 -6.02 11.39
CA TYR B 265 33.35 -5.37 12.70
C TYR B 265 32.20 -5.97 13.48
N ARG B 266 32.30 -5.93 14.80
CA ARG B 266 31.20 -6.25 15.69
C ARG B 266 30.98 -5.11 16.67
N GLN B 267 29.72 -4.74 16.83
CA GLN B 267 29.28 -3.79 17.85
C GLN B 267 29.82 -4.24 19.19
N HIS B 268 30.49 -3.34 19.89
CA HIS B 268 31.19 -3.73 21.12
C HIS B 268 30.23 -4.16 22.22
N THR B 269 29.16 -3.40 22.40
CA THR B 269 28.18 -3.63 23.47
C THR B 269 26.77 -3.42 22.93
N THR B 270 25.88 -4.36 23.24
CA THR B 270 24.47 -4.26 22.84
C THR B 270 23.88 -2.96 23.37
N GLY B 271 23.08 -2.31 22.53
CA GLY B 271 22.43 -1.04 22.88
C GLY B 271 23.30 0.19 22.84
N GLU B 272 24.56 0.05 22.42
CA GLU B 272 25.49 1.18 22.32
C GLU B 272 26.08 1.18 20.91
N PHE B 273 26.12 2.36 20.27
CA PHE B 273 26.36 2.42 18.82
C PHE B 273 27.61 3.20 18.38
N ILE B 274 28.40 3.67 19.34
CA ILE B 274 29.61 4.43 19.05
C ILE B 274 30.79 3.49 18.77
N LYS B 275 30.95 2.46 19.60
CA LYS B 275 32.11 1.57 19.54
C LYS B 275 31.87 0.30 18.74
N TRP B 276 32.66 0.13 17.68
CA TRP B 276 32.63 -1.02 16.79
C TRP B 276 34.04 -1.60 16.78
N THR B 277 34.15 -2.88 17.11
CA THR B 277 35.46 -3.53 17.23
C THR B 277 35.78 -4.28 15.94
N TYR B 278 36.95 -3.98 15.36
CA TYR B 278 37.42 -4.69 14.17
C TYR B 278 37.83 -6.10 14.57
N LEU B 279 37.25 -7.10 13.91
CA LEU B 279 37.57 -8.51 14.17
C LEU B 279 38.65 -9.00 13.20
N GLY B 280 38.39 -8.83 11.92
CA GLY B 280 39.33 -9.26 10.89
C GLY B 280 38.70 -9.25 9.51
N PRO B 281 39.49 -9.60 8.48
CA PRO B 281 38.96 -9.73 7.13
C PRO B 281 38.03 -10.93 7.02
N LEU B 282 36.84 -10.70 6.49
CA LEU B 282 35.85 -11.74 6.32
C LEU B 282 36.07 -12.43 4.98
N VAL B 283 36.18 -11.63 3.92
CA VAL B 283 36.44 -12.13 2.57
C VAL B 283 37.73 -11.51 2.07
N THR B 284 38.59 -12.39 1.55
CA THR B 284 39.89 -12.00 0.99
C THR B 284 40.00 -12.68 -0.36
N THR B 285 40.16 -11.88 -1.42
CA THR B 285 40.36 -12.39 -2.76
C THR B 285 41.62 -11.79 -3.35
N GLY B 286 42.11 -12.41 -4.43
CA GLY B 286 43.35 -11.98 -5.05
C GLY B 286 43.19 -10.87 -6.06
N TYR B 287 44.30 -10.20 -6.36
CA TYR B 287 44.35 -9.12 -7.34
C TYR B 287 43.91 -9.61 -8.72
N LYS B 288 42.76 -9.13 -9.17
CA LYS B 288 42.11 -9.55 -10.41
C LYS B 288 41.95 -11.08 -10.57
N GLU B 289 41.76 -11.77 -9.45
CA GLU B 289 41.48 -13.20 -9.42
C GLU B 289 40.10 -13.45 -10.02
N SER B 290 39.96 -14.50 -10.83
CA SER B 290 38.65 -14.98 -11.26
C SER B 290 38.45 -16.41 -10.76
N TYR B 291 37.27 -16.66 -10.20
CA TYR B 291 36.84 -18.01 -9.85
C TYR B 291 36.46 -18.84 -11.08
N GLY B 292 36.25 -18.18 -12.22
CA GLY B 292 35.97 -18.86 -13.47
C GLY B 292 34.96 -18.15 -14.35
N GLU B 293 34.65 -18.79 -15.49
CA GLU B 293 33.78 -18.24 -16.53
C GLU B 293 32.34 -17.90 -16.06
N TRP B 294 31.89 -18.60 -15.02
CA TRP B 294 30.55 -18.45 -14.46
C TRP B 294 30.50 -17.43 -13.31
N SER B 295 31.63 -16.77 -13.03
CA SER B 295 31.82 -16.09 -11.75
C SER B 295 32.42 -14.67 -11.82
N GLY B 296 32.45 -14.07 -13.00
CA GLY B 296 33.03 -12.73 -13.17
C GLY B 296 34.49 -12.68 -12.74
N ASN B 297 34.87 -11.59 -12.10
CA ASN B 297 36.26 -11.37 -11.68
C ASN B 297 36.22 -10.55 -10.40
N TYR B 298 37.09 -10.90 -9.45
CA TYR B 298 37.09 -10.26 -8.13
C TYR B 298 37.78 -8.89 -8.11
N GLY B 299 38.37 -8.47 -9.22
CA GLY B 299 38.90 -7.11 -9.36
C GLY B 299 39.96 -6.76 -8.31
N ILE B 300 39.98 -5.49 -7.91
CA ILE B 300 40.99 -4.98 -6.98
C ILE B 300 40.43 -4.40 -5.67
N ASN B 301 39.10 -4.25 -5.60
CA ASN B 301 38.46 -3.50 -4.51
C ASN B 301 36.99 -3.88 -4.52
N PHE B 302 36.41 -4.08 -3.34
CA PHE B 302 34.97 -4.33 -3.21
C PHE B 302 34.22 -3.03 -2.94
N GLU B 303 32.98 -3.01 -3.41
CA GLU B 303 32.02 -1.94 -3.09
C GLU B 303 30.67 -2.58 -2.75
N THR B 304 29.91 -1.88 -1.92
CA THR B 304 28.53 -2.25 -1.55
C THR B 304 28.33 -3.72 -1.15
N ALA B 305 29.25 -4.26 -0.37
CA ALA B 305 29.15 -5.66 0.03
C ALA B 305 28.16 -5.83 1.16
N GLY B 306 27.45 -6.96 1.15
CA GLY B 306 26.53 -7.34 2.21
C GLY B 306 26.66 -8.82 2.55
N VAL B 307 26.08 -9.20 3.69
CA VAL B 307 26.13 -10.56 4.23
C VAL B 307 24.70 -10.97 4.58
N THR B 308 24.31 -12.16 4.15
CA THR B 308 23.00 -12.69 4.50
C THR B 308 23.05 -14.20 4.71
N ARG B 309 21.91 -14.76 5.10
CA ARG B 309 21.77 -16.21 5.30
C ARG B 309 20.38 -16.56 4.80
N LEU B 310 20.32 -17.57 3.93
CA LEU B 310 19.10 -17.91 3.22
C LEU B 310 18.83 -19.39 3.33
N ASN B 311 17.57 -19.76 3.12
CA ASN B 311 17.18 -21.16 2.96
C ASN B 311 16.21 -21.22 1.79
N PRO B 312 15.68 -22.42 1.46
CA PRO B 312 14.85 -22.49 0.27
C PRO B 312 13.62 -21.55 0.24
N ALA B 313 13.11 -21.17 1.41
CA ALA B 313 11.93 -20.29 1.52
C ALA B 313 12.25 -18.78 1.46
N GLY B 314 13.49 -18.40 1.74
CA GLY B 314 13.86 -16.97 1.86
C GLY B 314 14.99 -16.75 2.84
N ALA B 315 14.81 -15.81 3.77
CA ALA B 315 15.81 -15.47 4.76
C ALA B 315 15.80 -16.50 5.89
N ALA B 316 16.99 -16.83 6.39
CA ALA B 316 17.13 -17.79 7.48
C ALA B 316 17.81 -17.09 8.65
N TRP B 317 17.18 -17.15 9.82
CA TRP B 317 17.71 -16.53 11.03
C TRP B 317 18.12 -17.54 12.11
N ASP B 318 18.39 -18.78 11.70
CA ASP B 318 18.91 -19.81 12.61
C ASP B 318 20.38 -19.57 12.93
N ASN B 319 20.86 -20.27 13.94
CA ASN B 319 22.26 -20.17 14.40
C ASN B 319 23.24 -21.14 13.74
N GLY B 320 22.81 -21.83 12.69
CA GLY B 320 23.59 -22.92 12.10
C GLY B 320 22.84 -24.24 12.12
N SER B 321 21.82 -24.33 12.97
CA SER B 321 21.02 -25.55 13.15
C SER B 321 20.17 -25.98 11.93
N ASP B 322 19.80 -25.03 11.08
CA ASP B 322 19.07 -25.34 9.85
C ASP B 322 20.07 -25.83 8.79
N THR B 323 20.06 -27.14 8.54
CA THR B 323 20.97 -27.72 7.54
C THR B 323 20.64 -27.34 6.10
N THR B 324 19.45 -26.79 5.85
CA THR B 324 19.07 -26.31 4.50
C THR B 324 19.53 -24.88 4.22
N ALA B 325 20.07 -24.20 5.24
CA ALA B 325 20.45 -22.78 5.10
C ALA B 325 21.89 -22.63 4.64
N VAL B 326 22.14 -21.53 3.93
CA VAL B 326 23.43 -21.23 3.33
C VAL B 326 23.78 -19.77 3.63
N ASP B 327 25.04 -19.52 3.96
CA ASP B 327 25.56 -18.17 4.16
C ASP B 327 26.03 -17.60 2.83
N PHE B 328 25.64 -16.36 2.54
CA PHE B 328 25.99 -15.71 1.29
C PHE B 328 26.57 -14.34 1.54
N VAL B 329 27.48 -13.91 0.67
CA VAL B 329 27.97 -12.55 0.64
C VAL B 329 27.67 -12.03 -0.76
N THR B 330 27.17 -10.80 -0.87
CA THR B 330 26.98 -10.15 -2.17
C THR B 330 27.93 -8.97 -2.18
N PHE B 331 28.50 -8.65 -3.33
CA PHE B 331 29.53 -7.61 -3.39
C PHE B 331 29.79 -7.19 -4.83
N GLY B 332 30.08 -5.91 -5.00
CA GLY B 332 30.55 -5.36 -6.27
C GLY B 332 32.06 -5.39 -6.30
N THR B 333 32.62 -5.57 -7.49
CA THR B 333 34.07 -5.49 -7.66
C THR B 333 34.39 -4.49 -8.74
N GLU B 334 35.55 -3.85 -8.61
CA GLU B 334 36.00 -2.91 -9.61
C GLU B 334 37.38 -3.22 -10.17
N GLN B 335 37.55 -2.76 -11.41
CA GLN B 335 38.77 -2.91 -12.20
C GLN B 335 39.13 -4.36 -12.54
N GLY B 336 38.12 -5.23 -12.58
CA GLY B 336 38.30 -6.62 -13.04
C GLY B 336 37.48 -6.92 -14.29
N ARG B 337 37.13 -5.89 -15.05
CA ARG B 337 36.25 -6.07 -16.21
C ARG B 337 36.59 -5.04 -17.27
N ALA B 338 36.62 -5.47 -18.54
CA ALA B 338 37.04 -4.63 -19.65
C ALA B 338 35.95 -3.66 -20.11
N ASP B 339 34.72 -3.88 -19.69
CA ASP B 339 33.59 -3.06 -20.10
C ASP B 339 32.63 -2.96 -18.89
N HIS B 340 31.39 -2.54 -19.10
CA HIS B 340 30.41 -2.37 -18.01
C HIS B 340 31.00 -1.54 -16.87
N GLN B 341 31.64 -0.43 -17.24
CA GLN B 341 32.24 0.52 -16.29
C GLN B 341 33.22 -0.15 -15.30
N ASN B 342 33.87 -1.22 -15.77
CA ASN B 342 34.81 -2.02 -14.99
C ASN B 342 34.23 -2.67 -13.74
N HIS B 343 32.91 -2.90 -13.74
CA HIS B 343 32.16 -3.29 -12.55
C HIS B 343 31.44 -4.63 -12.69
N TRP B 344 31.66 -5.52 -11.72
CA TRP B 344 30.94 -6.80 -11.60
C TRP B 344 30.11 -6.79 -10.31
N PRO B 345 28.79 -7.06 -10.41
CA PRO B 345 27.97 -7.36 -9.24
C PRO B 345 27.92 -8.87 -9.00
N LEU B 346 28.59 -9.32 -7.95
CA LEU B 346 28.80 -10.73 -7.69
C LEU B 346 28.15 -11.19 -6.40
N TRP B 347 28.15 -12.50 -6.19
CA TRP B 347 27.76 -13.11 -4.93
C TRP B 347 28.58 -14.38 -4.74
N ALA B 348 28.68 -14.83 -3.50
CA ALA B 348 29.33 -16.10 -3.17
C ALA B 348 28.65 -16.77 -2.01
N ALA B 349 28.54 -18.10 -2.10
CA ALA B 349 28.20 -18.91 -0.94
C ALA B 349 29.48 -19.15 -0.16
N VAL B 350 29.41 -19.05 1.15
CA VAL B 350 30.59 -19.13 2.00
C VAL B 350 30.38 -20.11 3.15
N ASP B 351 31.49 -20.70 3.60
CA ASP B 351 31.53 -21.50 4.81
C ASP B 351 32.40 -20.78 5.82
N TYR B 352 31.82 -20.44 6.97
CA TYR B 352 32.51 -19.66 7.98
C TYR B 352 33.43 -20.54 8.81
N GLU B 353 34.64 -20.04 9.07
CA GLU B 353 35.60 -20.65 9.99
C GLU B 353 36.01 -19.62 11.03
N VAL B 354 36.14 -20.05 12.29
CA VAL B 354 36.54 -19.16 13.38
C VAL B 354 38.06 -19.16 13.52
N ARG B 355 38.67 -17.98 13.48
CA ARG B 355 40.10 -17.83 13.69
C ARG B 355 40.42 -17.79 15.18
N ASP B 356 41.67 -18.07 15.51
CA ASP B 356 42.12 -18.08 16.92
C ASP B 356 41.98 -16.72 17.62
N ASN B 357 42.08 -15.63 16.85
CA ASN B 357 41.91 -14.27 17.42
C ASN B 357 40.45 -13.78 17.53
N GLY B 358 39.49 -14.67 17.36
CA GLY B 358 38.08 -14.33 17.56
C GLY B 358 37.48 -13.58 16.40
N SER B 359 37.92 -13.92 15.18
CA SER B 359 37.40 -13.35 13.94
C SER B 359 36.90 -14.49 13.06
N ILE B 360 36.32 -14.14 11.90
CA ILE B 360 35.69 -15.12 11.02
C ILE B 360 36.30 -15.04 9.63
N GLU B 361 36.71 -16.19 9.10
CA GLU B 361 37.08 -16.30 7.69
C GLU B 361 35.90 -16.88 6.94
N ALA B 362 35.43 -16.17 5.92
CA ALA B 362 34.39 -16.67 5.03
C ALA B 362 35.05 -17.31 3.82
N VAL B 363 35.07 -18.64 3.80
CA VAL B 363 35.72 -19.37 2.73
C VAL B 363 34.72 -19.59 1.62
N ILE B 364 35.05 -19.13 0.41
CA ILE B 364 34.14 -19.20 -0.72
C ILE B 364 33.95 -20.66 -1.17
N ALA B 365 32.69 -21.10 -1.19
CA ALA B 365 32.31 -22.46 -1.58
C ALA B 365 31.94 -22.55 -3.05
N TYR B 366 31.22 -21.53 -3.53
CA TYR B 366 30.95 -21.34 -4.96
C TYR B 366 30.58 -19.88 -5.15
N SER B 367 30.62 -19.42 -6.39
CA SER B 367 30.68 -17.97 -6.64
C SER B 367 29.99 -17.64 -7.93
N GLY B 368 29.09 -16.66 -7.89
CA GLY B 368 28.31 -16.31 -9.06
C GLY B 368 28.17 -14.83 -9.33
N VAL B 369 27.22 -14.52 -10.18
CA VAL B 369 26.99 -13.18 -10.69
C VAL B 369 25.54 -12.82 -10.34
N GLN B 370 25.34 -11.64 -9.74
CA GLN B 370 23.98 -11.23 -9.39
C GLN B 370 23.19 -10.70 -10.58
N ASP B 371 23.88 -10.01 -11.50
CA ASP B 371 23.28 -9.54 -12.74
C ASP B 371 24.42 -9.40 -13.75
N TRP B 372 24.18 -9.88 -14.97
CA TRP B 372 25.23 -9.92 -16.01
C TRP B 372 25.30 -8.68 -16.91
N GLY B 373 24.44 -7.70 -16.68
CA GLY B 373 24.34 -6.54 -17.55
C GLY B 373 24.77 -5.22 -16.90
N ARG B 374 24.14 -4.14 -17.33
CA ARG B 374 24.49 -2.79 -16.91
C ARG B 374 23.85 -2.43 -15.57
N SER B 375 24.17 -3.22 -14.55
CA SER B 375 23.73 -2.94 -13.19
C SER B 375 24.85 -3.21 -12.20
N TYR B 376 24.71 -2.62 -11.02
CA TYR B 376 25.74 -2.65 -10.00
C TYR B 376 25.14 -2.15 -8.69
N ALA B 377 25.91 -2.28 -7.60
CA ALA B 377 25.57 -1.68 -6.32
C ALA B 377 24.30 -2.29 -5.73
N TYR B 378 24.22 -3.61 -5.74
CA TYR B 378 23.10 -4.31 -5.14
C TYR B 378 23.16 -4.22 -3.62
N ALA B 379 22.01 -3.90 -3.03
CA ALA B 379 21.81 -3.92 -1.58
C ALA B 379 20.72 -4.91 -1.26
N SER B 380 20.83 -5.62 -0.15
CA SER B 380 19.74 -6.46 0.33
C SER B 380 19.36 -6.09 1.75
N PHE B 381 18.11 -6.35 2.09
CA PHE B 381 17.56 -6.00 3.38
C PHE B 381 16.45 -6.95 3.82
N PRO B 382 16.26 -7.10 5.14
CA PRO B 382 15.23 -8.03 5.61
C PRO B 382 13.84 -7.48 5.51
N VAL B 383 12.89 -8.35 5.17
CA VAL B 383 11.48 -7.99 5.04
C VAL B 383 10.66 -9.03 5.79
N GLU B 384 9.57 -8.59 6.42
CA GLU B 384 8.72 -9.48 7.23
C GLU B 384 8.25 -10.69 6.43
N GLY B 385 8.01 -11.80 7.12
CA GLY B 385 7.72 -13.09 6.47
C GLY B 385 8.96 -13.86 6.04
N TYR B 386 10.08 -13.60 6.70
CA TYR B 386 11.33 -14.33 6.50
C TYR B 386 11.83 -14.16 5.07
N ARG B 387 11.90 -12.90 4.64
CA ARG B 387 12.37 -12.56 3.30
C ARG B 387 13.64 -11.72 3.37
N GLN B 388 14.48 -11.86 2.35
CA GLN B 388 15.61 -10.98 2.11
C GLN B 388 15.43 -10.46 0.68
N VAL B 389 15.33 -9.14 0.55
CA VAL B 389 15.02 -8.51 -0.72
C VAL B 389 16.22 -7.72 -1.19
N SER B 390 16.54 -7.84 -2.48
CA SER B 390 17.72 -7.22 -3.09
C SER B 390 17.28 -6.29 -4.21
N VAL B 391 17.99 -5.18 -4.36
CA VAL B 391 17.75 -4.23 -5.44
C VAL B 391 19.06 -3.56 -5.81
N GLY B 392 19.23 -3.26 -7.09
CA GLY B 392 20.44 -2.62 -7.60
C GLY B 392 20.15 -1.40 -8.43
N TRP B 393 21.21 -0.87 -9.02
CA TRP B 393 21.14 0.31 -9.88
C TRP B 393 21.48 -0.08 -11.31
N ILE B 394 20.63 0.35 -12.24
CA ILE B 394 20.85 0.20 -13.68
C ILE B 394 21.32 1.56 -14.22
N TYR B 395 22.56 1.59 -14.68
CA TYR B 395 23.12 2.80 -15.30
C TYR B 395 22.66 2.90 -16.76
N GLU B 396 22.84 4.07 -17.36
CA GLU B 396 22.49 4.29 -18.76
C GLU B 396 23.56 3.63 -19.65
N ASP B 397 23.36 3.65 -20.96
CA ASP B 397 24.41 3.20 -21.90
C ASP B 397 24.77 4.39 -22.80
N ASP B 398 25.30 5.42 -22.15
CA ASP B 398 25.73 6.65 -22.79
C ASP B 398 27.01 7.09 -22.08
N ASP B 399 28.02 6.22 -22.10
CA ASP B 399 29.23 6.42 -21.30
C ASP B 399 30.07 7.64 -21.70
N ASN B 400 29.91 8.12 -22.94
CA ASN B 400 30.55 9.37 -23.37
C ASN B 400 29.73 10.63 -23.07
N VAL B 401 28.58 10.45 -22.42
CA VAL B 401 27.79 11.56 -21.88
C VAL B 401 27.32 12.49 -23.01
N ILE B 402 26.86 11.88 -24.10
CA ILE B 402 26.49 12.61 -25.31
C ILE B 402 25.09 13.20 -25.25
N LEU B 403 24.13 12.46 -24.67
CA LEU B 403 22.75 12.92 -24.57
C LEU B 403 22.23 13.02 -23.12
N ALA B 404 23.13 12.97 -22.15
CA ALA B 404 22.72 13.02 -20.74
C ALA B 404 22.00 14.32 -20.38
N LYS B 405 22.52 15.46 -20.84
CA LYS B 405 21.85 16.74 -20.57
C LYS B 405 20.48 16.82 -21.23
N GLN B 406 20.37 16.26 -22.43
CA GLN B 406 19.10 16.21 -23.14
C GLN B 406 18.07 15.32 -22.41
N PHE B 407 18.53 14.22 -21.82
CA PHE B 407 17.65 13.40 -20.95
C PHE B 407 17.19 14.24 -19.75
N GLY B 408 18.14 14.90 -19.09
CA GLY B 408 17.87 15.59 -17.82
C GLY B 408 17.85 14.68 -16.60
N TYR B 409 18.31 13.45 -16.76
CA TYR B 409 18.42 12.46 -15.67
C TYR B 409 19.38 11.36 -16.12
N GLN B 410 19.88 10.60 -15.16
CA GLN B 410 20.63 9.37 -15.40
C GLN B 410 20.30 8.35 -14.32
N GLY B 411 19.98 7.12 -14.72
CA GLY B 411 19.94 5.98 -13.81
C GLY B 411 18.53 5.58 -13.39
N ALA B 412 18.39 4.32 -12.99
CA ALA B 412 17.15 3.79 -12.38
C ALA B 412 17.54 2.64 -11.46
N PHE B 413 16.60 2.14 -10.66
CA PHE B 413 16.81 0.87 -9.98
C PHE B 413 16.45 -0.29 -10.90
N THR B 414 16.92 -1.46 -10.50
CA THR B 414 16.36 -2.73 -10.96
C THR B 414 15.00 -2.93 -10.31
N LEU B 415 14.34 -4.02 -10.64
CA LEU B 415 13.20 -4.45 -9.83
C LEU B 415 13.71 -5.02 -8.51
N PHE B 416 12.82 -5.08 -7.53
CA PHE B 416 13.14 -5.64 -6.23
C PHE B 416 13.00 -7.15 -6.32
N ARG B 417 13.96 -7.86 -5.75
CA ARG B 417 14.07 -9.30 -5.93
C ARG B 417 14.12 -10.03 -4.61
N ASP B 418 13.28 -11.05 -4.44
CA ASP B 418 13.41 -11.97 -3.31
C ASP B 418 14.62 -12.87 -3.56
N LEU B 419 15.48 -12.97 -2.56
CA LEU B 419 16.55 -13.97 -2.54
C LEU B 419 16.13 -15.20 -1.76
N PHE B 420 16.64 -16.35 -2.18
CA PHE B 420 16.33 -17.64 -1.55
C PHE B 420 17.37 -18.66 -2.05
N VAL B 421 17.44 -19.82 -1.41
CA VAL B 421 18.29 -20.90 -1.90
C VAL B 421 17.50 -21.68 -2.94
N LYS B 422 17.96 -21.66 -4.19
CA LYS B 422 17.36 -22.41 -5.26
C LYS B 422 17.89 -23.86 -5.17
N VAL B 423 16.99 -24.83 -5.07
CA VAL B 423 17.37 -26.25 -4.99
C VAL B 423 16.72 -26.96 -6.17
N VAL B 424 17.52 -27.71 -6.94
CA VAL B 424 17.00 -28.50 -8.06
C VAL B 424 17.30 -29.96 -7.76
N GLU B 425 16.23 -30.76 -7.67
CA GLU B 425 16.37 -32.18 -7.34
C GLU B 425 16.41 -33.03 -8.60
N ASN B 426 16.97 -34.22 -8.45
CA ASN B 426 16.96 -35.24 -9.51
C ASN B 426 17.62 -34.76 -10.79
N VAL B 427 18.76 -34.08 -10.64
CA VAL B 427 19.50 -33.61 -11.78
C VAL B 427 20.33 -34.77 -12.34
N SER B 428 20.31 -34.90 -13.66
CA SER B 428 21.09 -35.91 -14.38
C SER B 428 22.59 -35.63 -14.32
N PRO B 429 23.40 -36.62 -13.89
CA PRO B 429 24.85 -36.46 -13.92
C PRO B 429 25.46 -36.19 -15.30
N SER B 430 24.72 -36.46 -16.39
CA SER B 430 25.24 -36.18 -17.71
C SER B 430 24.95 -34.74 -18.17
N THR B 431 24.38 -33.91 -17.31
CA THR B 431 24.29 -32.48 -17.58
C THR B 431 25.70 -31.97 -17.89
N PRO B 432 25.91 -31.40 -19.10
CA PRO B 432 27.26 -30.96 -19.46
C PRO B 432 27.82 -29.93 -18.49
N GLY B 433 29.08 -30.08 -18.11
CA GLY B 433 29.78 -29.11 -17.26
C GLY B 433 29.26 -28.96 -15.83
N LEU B 434 28.49 -29.95 -15.37
CA LEU B 434 27.83 -29.85 -14.07
C LEU B 434 28.81 -29.79 -12.88
N PHE B 435 29.95 -30.45 -13.03
CA PHE B 435 30.94 -30.57 -11.95
C PHE B 435 32.10 -29.59 -12.09
N GLU B 436 31.98 -28.64 -13.01
CA GLU B 436 32.95 -27.55 -13.14
C GLU B 436 32.84 -26.59 -11.94
N GLN B 437 33.95 -25.91 -11.63
CA GLN B 437 33.96 -24.89 -10.58
C GLN B 437 33.17 -23.68 -11.07
N ALA B 438 31.97 -23.48 -10.53
CA ALA B 438 31.05 -22.49 -11.06
C ALA B 438 30.19 -21.92 -9.91
N SER B 439 28.91 -21.67 -10.17
CA SER B 439 28.06 -20.91 -9.24
C SER B 439 27.01 -21.76 -8.53
N TRP B 440 27.28 -23.05 -8.34
CA TRP B 440 26.36 -23.95 -7.65
C TRP B 440 27.16 -25.03 -6.95
N SER B 441 26.50 -25.76 -6.04
CA SER B 441 27.09 -26.95 -5.46
C SER B 441 26.26 -28.16 -5.90
N THR B 442 26.93 -29.32 -5.88
CA THR B 442 26.32 -30.58 -6.23
C THR B 442 26.47 -31.53 -5.06
N LYS B 443 25.44 -32.31 -4.82
CA LYS B 443 25.48 -33.42 -3.87
C LYS B 443 24.96 -34.65 -4.60
N ASN B 444 25.85 -35.62 -4.81
CA ASN B 444 25.47 -36.87 -5.49
C ASN B 444 24.55 -37.70 -4.61
N SER B 445 23.60 -38.39 -5.23
CA SER B 445 22.85 -39.44 -4.54
C SER B 445 23.81 -40.57 -4.17
N THR B 446 23.41 -41.40 -3.21
CA THR B 446 24.23 -42.56 -2.82
C THR B 446 24.58 -43.45 -4.02
N ASP B 447 23.60 -43.68 -4.89
CA ASP B 447 23.79 -44.55 -6.06
C ASP B 447 24.46 -43.89 -7.28
N GLY B 448 24.74 -42.58 -7.20
CA GLY B 448 25.47 -41.87 -8.25
C GLY B 448 24.68 -41.54 -9.51
N MET B 449 23.37 -41.82 -9.50
CA MET B 449 22.51 -41.67 -10.67
C MET B 449 21.75 -40.36 -10.72
N SER B 450 21.78 -39.59 -9.64
CA SER B 450 21.22 -38.23 -9.62
C SER B 450 22.04 -37.30 -8.73
N VAL B 451 21.79 -36.00 -8.91
CA VAL B 451 22.48 -34.95 -8.20
C VAL B 451 21.44 -33.95 -7.69
N THR B 452 21.68 -33.41 -6.50
CA THR B 452 20.93 -32.26 -5.99
C THR B 452 21.79 -31.02 -6.20
N VAL B 453 21.23 -30.02 -6.89
CA VAL B 453 21.95 -28.78 -7.20
C VAL B 453 21.43 -27.68 -6.30
N THR B 454 22.35 -26.90 -5.73
CA THR B 454 21.99 -25.77 -4.87
C THR B 454 22.68 -24.51 -5.40
N THR B 455 21.95 -23.41 -5.46
CA THR B 455 22.52 -22.13 -5.90
C THR B 455 21.71 -20.96 -5.31
N LEU B 456 22.11 -19.74 -5.64
CA LEU B 456 21.34 -18.55 -5.24
C LEU B 456 20.17 -18.37 -6.18
N GLY B 457 18.96 -18.27 -5.61
CA GLY B 457 17.77 -17.97 -6.38
C GLY B 457 17.43 -16.48 -6.29
N GLN B 458 16.91 -15.92 -7.37
CA GLN B 458 16.41 -14.55 -7.41
C GLN B 458 15.12 -14.53 -8.20
N ARG B 459 14.09 -13.87 -7.67
CA ARG B 459 12.84 -13.70 -8.40
C ARG B 459 12.25 -12.35 -8.05
N VAL B 460 11.54 -11.75 -8.99
CA VAL B 460 10.91 -10.46 -8.75
C VAL B 460 9.90 -10.63 -7.61
N VAL B 461 9.86 -9.67 -6.70
CA VAL B 461 8.93 -9.75 -5.57
C VAL B 461 7.49 -9.91 -6.07
N PRO B 462 6.72 -10.79 -5.41
CA PRO B 462 5.38 -11.09 -5.94
C PRO B 462 4.42 -9.90 -5.94
N GLU B 463 4.63 -8.95 -5.05
CA GLU B 463 3.82 -7.72 -5.03
C GLU B 463 3.87 -6.98 -6.35
N THR B 464 5.07 -6.92 -6.93
CA THR B 464 5.29 -6.24 -8.21
C THR B 464 4.65 -7.01 -9.36
N LEU B 465 4.85 -8.33 -9.38
CA LEU B 465 4.27 -9.15 -10.43
C LEU B 465 2.74 -9.07 -10.40
N ALA B 466 2.16 -9.14 -9.21
CA ALA B 466 0.70 -9.03 -9.07
C ALA B 466 0.17 -7.68 -9.54
N ALA B 467 0.85 -6.60 -9.14
CA ALA B 467 0.43 -5.26 -9.54
C ALA B 467 0.57 -5.04 -11.05
N TYR B 468 1.70 -5.49 -11.60
CA TYR B 468 1.95 -5.41 -13.05
C TYR B 468 0.85 -6.12 -13.84
N LYS B 469 0.59 -7.37 -13.48
CA LYS B 469 -0.42 -8.17 -14.20
C LYS B 469 -1.80 -7.53 -14.09
N GLY B 470 -2.17 -7.14 -12.88
CA GLY B 470 -3.49 -6.55 -12.62
C GLY B 470 -3.82 -5.25 -13.33
N ASN B 471 -2.80 -4.43 -13.57
N ASN B 471 -2.84 -4.37 -13.55
CA ASN B 471 -2.96 -3.15 -14.24
CA ASN B 471 -3.12 -3.13 -14.33
C ASN B 471 -2.72 -3.23 -15.76
C ASN B 471 -2.78 -3.23 -15.81
N SER B 472 -2.23 -4.37 -16.24
CA SER B 472 -1.91 -4.57 -17.65
C SER B 472 -3.08 -5.17 -18.44
N THR B 473 -3.04 -5.00 -19.75
CA THR B 473 -3.83 -5.82 -20.66
C THR B 473 -3.05 -7.10 -20.87
N VAL B 474 -3.59 -8.21 -20.39
CA VAL B 474 -2.93 -9.51 -20.40
C VAL B 474 -3.37 -10.30 -21.64
N SER B 475 -2.41 -10.75 -22.44
CA SER B 475 -2.70 -11.68 -23.55
C SER B 475 -2.00 -13.00 -23.29
N THR B 476 -2.79 -14.05 -23.10
CA THR B 476 -2.29 -15.40 -22.95
C THR B 476 -2.21 -15.98 -24.36
N LEU B 477 -1.02 -16.35 -24.79
CA LEU B 477 -0.76 -16.69 -26.20
C LEU B 477 -0.70 -18.18 -26.39
N ALA B 478 -1.12 -18.63 -27.57
CA ALA B 478 -1.10 -20.06 -27.90
C ALA B 478 0.34 -20.56 -27.97
N PRO B 479 0.58 -21.81 -27.54
CA PRO B 479 1.95 -22.35 -27.65
C PRO B 479 2.39 -22.44 -29.13
N VAL B 480 3.69 -22.34 -29.35
CA VAL B 480 4.28 -22.30 -30.70
C VAL B 480 5.39 -23.33 -30.78
N MET B 481 5.30 -24.23 -31.78
CA MET B 481 6.38 -25.13 -32.12
C MET B 481 7.23 -24.42 -33.16
N LEU B 482 8.51 -24.22 -32.84
CA LEU B 482 9.46 -23.60 -33.77
C LEU B 482 10.19 -24.73 -34.50
N ASN B 483 9.91 -24.85 -35.79
CA ASN B 483 10.44 -25.96 -36.59
C ASN B 483 10.92 -25.41 -37.95
N GLU B 484 10.91 -26.24 -38.99
CA GLU B 484 11.33 -25.80 -40.32
C GLU B 484 10.51 -24.64 -40.89
N SER B 485 9.25 -24.50 -40.47
CA SER B 485 8.39 -23.40 -40.93
C SER B 485 8.58 -22.06 -40.18
N ALA B 486 9.37 -22.05 -39.11
CA ALA B 486 9.53 -20.83 -38.29
C ALA B 486 10.31 -19.77 -39.04
N ALA B 487 9.77 -18.56 -39.10
CA ALA B 487 10.53 -17.40 -39.56
C ALA B 487 11.61 -17.06 -38.52
N ALA B 488 12.57 -16.25 -38.92
CA ALA B 488 13.61 -15.77 -37.98
C ALA B 488 12.96 -15.00 -36.82
N TYR B 489 11.98 -14.16 -37.17
CA TYR B 489 11.20 -13.38 -36.21
C TYR B 489 9.71 -13.58 -36.48
N THR B 490 8.97 -13.97 -35.45
CA THR B 490 7.52 -14.13 -35.51
C THR B 490 6.88 -13.23 -34.46
N PRO B 491 6.24 -12.12 -34.88
CA PRO B 491 5.54 -11.26 -33.92
C PRO B 491 4.48 -12.02 -33.12
N PHE B 492 4.32 -11.67 -31.84
CA PHE B 492 3.24 -12.27 -31.05
C PHE B 492 1.90 -11.90 -31.66
N SER B 493 0.90 -12.78 -31.46
CA SER B 493 -0.46 -12.55 -31.97
C SER B 493 -1.15 -11.31 -31.36
N SER B 494 -0.72 -10.90 -30.17
CA SER B 494 -1.08 -9.61 -29.60
C SER B 494 0.20 -8.80 -29.41
N GLN B 495 0.11 -7.50 -29.58
CA GLN B 495 1.28 -6.63 -29.54
C GLN B 495 1.20 -5.63 -28.40
N PRO B 496 2.37 -5.21 -27.88
CA PRO B 496 2.38 -4.07 -26.96
C PRO B 496 1.87 -2.78 -27.62
N THR B 497 1.47 -1.83 -26.81
CA THR B 497 1.02 -0.52 -27.29
C THR B 497 1.99 0.62 -26.95
N ASP B 498 3.04 0.33 -26.17
CA ASP B 498 4.01 1.34 -25.76
C ASP B 498 5.24 0.59 -25.24
N ARG B 499 6.20 1.30 -24.66
CA ARG B 499 7.46 0.71 -24.20
C ARG B 499 7.42 0.20 -22.76
N PHE B 500 6.26 -0.28 -22.31
CA PHE B 500 6.08 -0.71 -20.93
C PHE B 500 5.31 -2.00 -20.96
N TYR B 501 6.04 -3.11 -20.88
CA TYR B 501 5.44 -4.41 -20.98
C TYR B 501 6.32 -5.51 -20.45
N ALA B 502 5.72 -6.66 -20.22
CA ALA B 502 6.45 -7.83 -19.79
C ALA B 502 6.06 -9.02 -20.63
N LEU B 503 6.95 -9.98 -20.74
CA LEU B 503 6.66 -11.19 -21.48
C LEU B 503 7.32 -12.36 -20.81
N THR B 504 6.69 -13.53 -20.95
CA THR B 504 7.27 -14.74 -20.42
C THR B 504 7.03 -15.90 -21.36
N GLY B 505 7.88 -16.90 -21.25
CA GLY B 505 7.79 -18.10 -22.08
C GLY B 505 8.69 -19.20 -21.56
N SER B 506 8.30 -20.45 -21.84
CA SER B 506 9.09 -21.63 -21.51
C SER B 506 9.51 -22.26 -22.82
N PHE B 507 10.82 -22.37 -23.01
CA PHE B 507 11.43 -22.86 -24.24
C PHE B 507 11.98 -24.24 -23.96
N GLU B 508 11.40 -25.26 -24.62
CA GLU B 508 11.81 -26.65 -24.44
C GLU B 508 12.72 -27.04 -25.60
N PHE B 509 13.94 -27.47 -25.26
CA PHE B 509 14.96 -27.83 -26.24
C PHE B 509 15.29 -29.30 -26.13
N GLY B 510 15.64 -29.92 -27.26
CA GLY B 510 16.25 -31.26 -27.22
C GLY B 510 17.61 -31.22 -26.52
N LEU B 511 17.99 -32.33 -25.90
CA LEU B 511 19.24 -32.39 -25.16
C LEU B 511 20.51 -32.17 -26.00
N ASN B 512 20.44 -32.42 -27.31
CA ASN B 512 21.58 -32.18 -28.20
C ASN B 512 21.25 -31.16 -29.28
N THR B 513 20.38 -30.21 -28.94
CA THR B 513 19.99 -29.17 -29.88
C THR B 513 21.19 -28.31 -30.29
N THR B 514 21.13 -27.78 -31.50
CA THR B 514 22.00 -26.67 -31.90
C THR B 514 21.15 -25.48 -32.34
N ALA B 515 19.85 -25.52 -32.02
CA ALA B 515 18.97 -24.43 -32.35
C ALA B 515 19.10 -23.33 -31.29
N LYS B 516 18.69 -22.13 -31.68
CA LYS B 516 18.64 -20.97 -30.78
C LYS B 516 17.23 -20.41 -30.82
N ALA B 517 16.77 -19.85 -29.71
CA ALA B 517 15.48 -19.18 -29.70
C ALA B 517 15.46 -18.11 -28.61
N GLY B 518 14.48 -17.24 -28.69
CA GLY B 518 14.31 -16.20 -27.68
C GLY B 518 13.23 -15.22 -28.02
N PHE B 519 13.44 -13.97 -27.61
CA PHE B 519 12.46 -12.92 -27.80
C PHE B 519 13.11 -11.72 -28.46
N ARG B 520 12.40 -11.13 -29.41
CA ARG B 520 12.73 -9.80 -29.92
C ARG B 520 11.79 -8.80 -29.24
N VAL B 521 12.35 -7.68 -28.78
CA VAL B 521 11.57 -6.61 -28.14
C VAL B 521 11.91 -5.23 -28.71
N LEU B 522 11.08 -4.23 -28.37
CA LEU B 522 11.23 -2.84 -28.80
C LEU B 522 11.49 -2.77 -30.30
N ALA B 523 10.60 -3.42 -31.05
CA ALA B 523 10.86 -3.77 -32.45
C ALA B 523 9.94 -3.09 -33.43
N SER B 524 10.54 -2.47 -34.44
CA SER B 524 9.87 -2.10 -35.68
C SER B 524 10.71 -2.75 -36.79
N GLU B 525 10.44 -2.39 -38.05
CA GLU B 525 11.26 -2.88 -39.16
C GLU B 525 12.70 -2.43 -39.04
N GLU B 526 12.92 -1.21 -38.56
CA GLU B 526 14.24 -0.58 -38.58
C GLU B 526 15.04 -0.61 -37.27
N GLU B 527 14.36 -0.89 -36.14
CA GLU B 527 15.01 -0.94 -34.84
C GLU B 527 14.45 -2.13 -34.10
N TYR B 528 15.32 -2.87 -33.41
CA TYR B 528 14.89 -4.00 -32.59
C TYR B 528 16.04 -4.50 -31.74
N THR B 529 15.69 -5.18 -30.66
CA THR B 529 16.64 -5.76 -29.71
C THR B 529 16.35 -7.24 -29.59
N ASP B 530 17.37 -8.06 -29.78
CA ASP B 530 17.22 -9.51 -29.83
C ASP B 530 17.80 -10.21 -28.61
N ILE B 531 16.96 -10.97 -27.92
CA ILE B 531 17.36 -11.74 -26.75
C ILE B 531 17.39 -13.21 -27.16
N TRP B 532 18.59 -13.80 -27.22
CA TRP B 532 18.77 -15.18 -27.68
C TRP B 532 19.26 -16.07 -26.56
N PHE B 533 18.78 -17.31 -26.53
CA PHE B 533 19.48 -18.35 -25.80
C PHE B 533 19.97 -19.41 -26.79
N ASP B 534 21.21 -19.84 -26.60
CA ASP B 534 21.89 -20.82 -27.45
C ASP B 534 22.35 -21.93 -26.51
N PRO B 535 21.51 -22.97 -26.32
CA PRO B 535 21.86 -24.03 -25.38
C PRO B 535 23.22 -24.70 -25.61
N ALA B 536 23.64 -24.83 -26.86
CA ALA B 536 24.92 -25.50 -27.17
C ALA B 536 26.12 -24.75 -26.57
N SER B 537 26.07 -23.42 -26.55
CA SER B 537 27.13 -22.60 -25.94
C SER B 537 26.85 -22.17 -24.48
N GLU B 538 25.60 -22.36 -24.03
CA GLU B 538 25.12 -21.96 -22.70
C GLU B 538 25.06 -20.46 -22.52
N ASN B 539 24.93 -19.73 -23.64
CA ASN B 539 24.98 -18.27 -23.62
C ASN B 539 23.60 -17.68 -23.86
N LEU B 540 23.19 -16.80 -22.95
CA LEU B 540 22.04 -15.93 -23.15
C LEU B 540 22.61 -14.59 -23.57
N THR B 541 22.22 -14.09 -24.72
CA THR B 541 22.77 -12.87 -25.26
C THR B 541 21.70 -11.86 -25.56
N VAL B 542 22.08 -10.58 -25.49
CA VAL B 542 21.24 -9.50 -25.96
C VAL B 542 22.02 -8.77 -27.04
N VAL B 543 21.54 -8.89 -28.27
CA VAL B 543 22.20 -8.30 -29.43
C VAL B 543 21.52 -6.98 -29.71
N ARG B 544 22.34 -5.93 -29.71
CA ARG B 544 21.87 -4.55 -29.72
C ARG B 544 22.42 -3.75 -30.91
N THR B 545 22.92 -4.44 -31.93
CA THR B 545 23.43 -3.78 -33.11
C THR B 545 22.35 -2.98 -33.86
N ALA B 546 21.08 -3.40 -33.75
CA ALA B 546 19.98 -2.66 -34.36
C ALA B 546 19.03 -1.99 -33.32
N SER B 547 19.42 -1.97 -32.05
CA SER B 547 18.55 -1.44 -30.99
C SER B 547 18.06 -0.01 -31.25
N SER B 548 18.91 0.83 -31.81
CA SER B 548 18.57 2.22 -32.06
C SER B 548 19.24 2.79 -33.31
N LEU B 549 18.52 3.66 -34.00
CA LEU B 549 19.08 4.49 -35.07
C LEU B 549 20.02 5.57 -34.53
N ILE B 550 19.91 5.89 -33.24
CA ILE B 550 20.78 6.86 -32.59
C ILE B 550 22.11 6.16 -32.29
N LYS B 551 23.17 6.59 -32.95
CA LYS B 551 24.45 5.85 -32.94
C LYS B 551 25.33 6.07 -31.71
N SER B 552 25.05 7.07 -30.89
CA SER B 552 25.89 7.37 -29.73
C SER B 552 25.69 6.45 -28.52
N PHE B 553 24.57 5.72 -28.45
CA PHE B 553 24.34 4.78 -27.33
C PHE B 553 25.13 3.49 -27.53
N GLY B 554 25.40 2.78 -26.44
CA GLY B 554 26.12 1.51 -26.51
C GLY B 554 25.37 0.49 -27.36
N ASN B 555 26.13 -0.36 -28.06
CA ASN B 555 25.54 -1.42 -28.89
C ASN B 555 26.22 -2.77 -28.74
N ASP B 556 27.04 -2.93 -27.69
CA ASP B 556 27.74 -4.18 -27.45
C ASP B 556 26.76 -5.27 -27.02
N THR B 557 27.09 -6.50 -27.36
CA THR B 557 26.26 -7.65 -27.04
C THR B 557 26.41 -8.01 -25.56
N GLU B 558 25.28 -8.11 -24.86
CA GLU B 558 25.29 -8.57 -23.47
C GLU B 558 25.35 -10.08 -23.46
N LEU B 559 25.92 -10.65 -22.40
CA LEU B 559 26.08 -12.09 -22.29
C LEU B 559 25.96 -12.56 -20.85
N ALA B 560 25.11 -13.56 -20.65
CA ALA B 560 25.06 -14.31 -19.41
C ALA B 560 25.22 -15.79 -19.70
N LYS B 561 25.84 -16.50 -18.77
CA LYS B 561 25.90 -17.96 -18.80
C LYS B 561 24.67 -18.49 -18.08
N VAL B 562 24.01 -19.48 -18.68
CA VAL B 562 22.86 -20.13 -18.05
C VAL B 562 23.04 -21.64 -18.16
N LYS B 563 22.99 -22.30 -17.00
CA LYS B 563 23.06 -23.74 -16.93
C LYS B 563 21.65 -24.33 -16.89
N LEU B 564 21.28 -25.06 -17.94
CA LEU B 564 20.04 -25.82 -17.92
C LEU B 564 20.33 -27.16 -17.26
N TYR B 565 19.93 -27.29 -15.99
CA TYR B 565 20.12 -28.52 -15.24
C TYR B 565 19.14 -29.54 -15.81
N GLU B 566 19.67 -30.60 -16.41
CA GLU B 566 18.84 -31.63 -17.06
C GLU B 566 18.33 -32.56 -15.98
N ILE B 567 17.06 -32.96 -16.09
CA ILE B 567 16.42 -33.78 -15.05
C ILE B 567 16.49 -35.27 -15.46
N VAL B 568 16.72 -36.13 -14.49
CA VAL B 568 16.82 -37.58 -14.73
C VAL B 568 15.52 -38.04 -15.37
N GLY B 569 15.65 -38.77 -16.50
CA GLY B 569 14.50 -39.27 -17.23
C GLY B 569 13.92 -38.33 -18.26
N ALA B 570 14.36 -37.07 -18.28
CA ALA B 570 13.84 -36.11 -19.25
C ALA B 570 14.56 -36.28 -20.57
N GLU B 571 13.83 -36.05 -21.65
CA GLU B 571 14.41 -36.08 -23.00
C GLU B 571 14.47 -34.67 -23.57
N SER B 572 14.41 -33.67 -22.70
CA SER B 572 14.50 -32.28 -23.09
C SER B 572 15.02 -31.46 -21.92
N LYS B 573 15.32 -30.20 -22.20
CA LYS B 573 15.78 -29.24 -21.19
C LYS B 573 15.08 -27.91 -21.45
N THR B 574 14.71 -27.22 -20.37
CA THR B 574 13.80 -26.07 -20.46
C THR B 574 14.40 -24.78 -19.89
N LEU B 575 14.21 -23.70 -20.65
CA LEU B 575 14.55 -22.34 -20.23
C LEU B 575 13.25 -21.58 -20.00
N ASN B 576 13.05 -21.10 -18.78
CA ASN B 576 11.95 -20.19 -18.46
C ASN B 576 12.49 -18.78 -18.47
N LEU B 577 12.05 -17.99 -19.43
CA LEU B 577 12.61 -16.68 -19.71
C LEU B 577 11.52 -15.64 -19.53
N THR B 578 11.78 -14.65 -18.67
CA THR B 578 10.87 -13.52 -18.48
C THR B 578 11.62 -12.22 -18.79
N VAL B 579 10.94 -11.29 -19.45
CA VAL B 579 11.53 -10.02 -19.86
C VAL B 579 10.60 -8.86 -19.48
N PHE B 580 11.18 -7.86 -18.81
CA PHE B 580 10.51 -6.60 -18.53
C PHE B 580 11.12 -5.51 -19.40
N VAL B 581 10.24 -4.80 -20.10
CA VAL B 581 10.60 -3.68 -20.94
C VAL B 581 9.94 -2.45 -20.32
N ASP B 582 10.75 -1.45 -20.00
CA ASP B 582 10.30 -0.31 -19.21
C ASP B 582 11.06 0.94 -19.65
N GLY B 583 10.52 1.60 -20.67
CA GLY B 583 11.18 2.75 -21.28
C GLY B 583 12.38 2.26 -22.06
N SER B 584 13.58 2.50 -21.51
CA SER B 584 14.83 1.99 -22.07
C SER B 584 15.39 0.78 -21.35
N VAL B 585 14.84 0.42 -20.19
CA VAL B 585 15.32 -0.75 -19.48
C VAL B 585 14.76 -2.03 -20.08
N ILE B 586 15.66 -2.99 -20.30
CA ILE B 586 15.29 -4.36 -20.61
C ILE B 586 15.88 -5.20 -19.48
N GLU B 587 15.02 -5.84 -18.69
CA GLU B 587 15.46 -6.62 -17.53
C GLU B 587 14.98 -8.07 -17.67
N ILE B 588 15.94 -8.98 -17.71
CA ILE B 588 15.71 -10.36 -18.13
C ILE B 588 15.99 -11.27 -16.95
N TYR B 589 15.07 -12.22 -16.72
CA TYR B 589 15.24 -13.24 -15.70
C TYR B 589 15.10 -14.62 -16.32
N ALA B 590 16.01 -15.53 -15.97
CA ALA B 590 15.93 -16.91 -16.42
C ALA B 590 15.94 -17.90 -15.26
N ASN B 591 14.95 -18.78 -15.23
CA ASN B 591 14.89 -19.88 -14.27
C ASN B 591 15.01 -19.46 -12.80
N ASP B 592 14.50 -18.27 -12.47
CA ASP B 592 14.60 -17.73 -11.11
C ASP B 592 16.04 -17.77 -10.56
N GLU B 593 17.00 -17.47 -11.42
CA GLU B 593 18.41 -17.66 -11.11
C GLU B 593 19.29 -16.61 -11.77
N VAL B 594 19.16 -16.46 -13.08
CA VAL B 594 20.01 -15.59 -13.86
C VAL B 594 19.28 -14.29 -14.15
N ALA B 595 19.96 -13.16 -13.93
CA ALA B 595 19.41 -11.84 -14.22
C ALA B 595 20.35 -11.07 -15.14
N LEU B 596 19.78 -10.33 -16.08
CA LEU B 596 20.54 -9.50 -16.99
C LEU B 596 19.77 -8.23 -17.29
N SER B 597 20.31 -7.08 -16.86
CA SER B 597 19.70 -5.77 -17.07
C SER B 597 20.46 -5.05 -18.15
N THR B 598 19.76 -4.43 -19.09
CA THR B 598 20.45 -3.66 -20.12
C THR B 598 19.58 -2.50 -20.58
N ARG B 599 20.04 -1.80 -21.61
CA ARG B 599 19.42 -0.58 -22.10
C ARG B 599 19.27 -0.61 -23.63
N ALA B 600 18.14 -0.11 -24.12
CA ALA B 600 17.92 0.10 -25.56
C ALA B 600 17.14 1.37 -25.75
N TYR B 601 17.57 2.20 -26.71
CA TYR B 601 17.01 3.52 -26.91
C TYR B 601 16.53 3.75 -28.36
N PRO B 602 15.62 2.89 -28.87
CA PRO B 602 15.11 3.15 -30.22
C PRO B 602 14.42 4.51 -30.33
N TRP B 603 14.65 5.19 -31.44
CA TRP B 603 14.05 6.48 -31.69
C TRP B 603 12.59 6.43 -32.15
N LEU B 604 12.26 5.48 -33.01
CA LEU B 604 10.96 5.53 -33.68
C LEU B 604 9.84 5.19 -32.72
N ALA B 605 8.74 5.94 -32.83
CA ALA B 605 7.57 5.75 -31.98
C ALA B 605 6.98 4.34 -32.07
N ASN B 606 7.08 3.73 -33.25
CA ASN B 606 6.53 2.37 -33.43
C ASN B 606 7.53 1.23 -33.15
N SER B 607 8.71 1.53 -32.59
CA SER B 607 9.65 0.46 -32.20
C SER B 607 9.28 -0.08 -30.83
N THR B 608 8.09 -0.68 -30.76
CA THR B 608 7.53 -1.23 -29.54
C THR B 608 7.15 -2.71 -29.64
N GLY B 609 7.25 -3.30 -30.83
CA GLY B 609 6.77 -4.66 -31.04
C GLY B 609 7.60 -5.74 -30.37
N ALA B 610 7.02 -6.93 -30.29
CA ALA B 610 7.70 -8.07 -29.69
C ALA B 610 7.22 -9.39 -30.28
N GLY B 611 8.08 -10.40 -30.17
CA GLY B 611 7.77 -11.72 -30.66
C GLY B 611 8.88 -12.72 -30.45
N LEU B 612 8.77 -13.85 -31.15
CA LEU B 612 9.66 -14.98 -30.97
C LEU B 612 10.79 -14.98 -31.99
N LEU B 613 11.98 -15.37 -31.52
CA LEU B 613 13.16 -15.54 -32.35
C LEU B 613 13.46 -17.02 -32.48
N ALA B 614 13.90 -17.41 -33.67
CA ALA B 614 14.23 -18.80 -33.97
C ALA B 614 15.41 -18.82 -34.93
N ASP B 615 16.41 -19.64 -34.64
CA ASP B 615 17.55 -19.83 -35.53
C ASP B 615 17.97 -21.29 -35.54
N GLY B 616 18.04 -21.86 -36.73
CA GLY B 616 18.41 -23.26 -36.87
C GLY B 616 17.35 -24.23 -36.39
N THR B 617 16.08 -23.80 -36.35
CA THR B 617 15.00 -24.74 -36.04
C THR B 617 14.59 -25.45 -37.31
N THR B 618 14.38 -26.75 -37.20
CA THR B 618 14.11 -27.62 -38.34
C THR B 618 13.01 -28.61 -37.96
N ALA B 619 12.61 -29.48 -38.89
CA ALA B 619 11.69 -30.58 -38.54
C ALA B 619 12.25 -31.52 -37.47
N GLY B 620 13.58 -31.71 -37.46
CA GLY B 620 14.25 -32.59 -36.53
C GLY B 620 14.81 -31.91 -35.28
N ASP B 621 15.06 -30.60 -35.34
CA ASP B 621 15.55 -29.84 -34.19
C ASP B 621 14.53 -28.76 -33.87
N VAL B 622 13.58 -29.12 -33.00
CA VAL B 622 12.41 -28.31 -32.76
C VAL B 622 12.53 -27.64 -31.38
N VAL B 623 12.05 -26.40 -31.28
CA VAL B 623 11.94 -25.73 -29.98
C VAL B 623 10.48 -25.53 -29.65
N GLY B 624 10.02 -26.14 -28.56
CA GLY B 624 8.64 -26.01 -28.12
C GLY B 624 8.52 -24.83 -27.16
N VAL B 625 7.70 -23.86 -27.52
CA VAL B 625 7.48 -22.69 -26.66
C VAL B 625 6.07 -22.77 -26.10
N SER B 626 5.96 -22.69 -24.77
CA SER B 626 4.68 -22.75 -24.09
C SER B 626 4.69 -21.74 -22.93
N GLY B 627 3.54 -21.64 -22.26
CA GLY B 627 3.39 -20.68 -21.16
C GLY B 627 3.61 -19.24 -21.59
N LEU B 628 3.29 -18.92 -22.85
CA LEU B 628 3.54 -17.60 -23.40
C LEU B 628 2.49 -16.59 -22.93
N GLU B 629 2.95 -15.45 -22.46
CA GLU B 629 2.04 -14.42 -22.01
C GLU B 629 2.67 -13.04 -22.12
N LEU B 630 1.86 -12.07 -22.54
CA LEU B 630 2.25 -10.67 -22.66
C LEU B 630 1.42 -9.84 -21.69
N TRP B 631 2.09 -9.01 -20.89
CA TRP B 631 1.43 -7.99 -20.08
C TRP B 631 1.72 -6.62 -20.66
N ASP B 632 0.73 -5.97 -21.25
CA ASP B 632 0.91 -4.65 -21.81
C ASP B 632 0.48 -3.54 -20.82
N GLY B 633 1.43 -2.70 -20.44
CA GLY B 633 1.16 -1.49 -19.66
C GLY B 633 1.88 -1.37 -18.34
N LEU B 634 2.00 -2.49 -17.62
CA LEU B 634 2.59 -2.52 -16.28
C LEU B 634 1.86 -1.53 -15.35
N VAL B 635 2.60 -0.82 -14.49
CA VAL B 635 2.03 0.07 -13.48
C VAL B 635 2.73 1.42 -13.60
N ASP B 636 1.99 2.49 -13.33
CA ASP B 636 2.56 3.82 -13.12
C ASP B 636 3.19 3.82 -11.71
N ALA B 637 4.51 3.67 -11.62
CA ALA B 637 5.17 3.51 -10.31
C ALA B 637 5.20 4.79 -9.47
N TRP B 638 4.99 5.96 -10.08
CA TRP B 638 5.06 7.25 -9.38
C TRP B 638 3.80 8.07 -9.67
N PRO B 639 2.67 7.62 -9.14
CA PRO B 639 1.40 8.24 -9.55
C PRO B 639 1.26 9.71 -9.23
N ALA B 640 1.91 10.21 -8.19
CA ALA B 640 1.81 11.63 -7.85
C ALA B 640 2.71 12.52 -8.72
N ARG B 641 3.66 11.94 -9.44
CA ARG B 641 4.55 12.74 -10.28
C ARG B 641 3.90 13.07 -11.61
N PRO B 642 4.04 14.32 -12.07
CA PRO B 642 3.70 14.60 -13.48
C PRO B 642 4.66 13.90 -14.43
N ALA B 643 4.36 13.94 -15.73
CA ALA B 643 5.19 13.23 -16.72
C ALA B 643 6.62 13.80 -16.76
N ASN B 644 6.72 15.11 -16.65
CA ASN B 644 8.01 15.80 -16.65
C ASN B 644 8.28 16.40 -15.27
N THR B 645 9.15 15.74 -14.51
CA THR B 645 9.60 16.23 -13.20
C THR B 645 10.98 16.90 -13.25
N SER B 646 11.47 17.24 -14.45
CA SER B 646 12.69 18.03 -14.54
C SER B 646 12.53 19.36 -13.81
N GLN B 647 13.59 19.79 -13.15
CA GLN B 647 13.67 21.14 -12.60
C GLN B 647 14.77 21.96 -13.29
N GLY B 648 15.20 21.51 -14.45
CA GLY B 648 16.34 22.11 -15.14
C GLY B 648 17.65 21.59 -14.61
N LEU B 649 18.73 21.95 -15.30
CA LEU B 649 20.06 21.53 -14.92
C LEU B 649 20.89 22.78 -14.65
N VAL B 650 21.88 22.62 -13.78
CA VAL B 650 22.75 23.72 -13.39
C VAL B 650 24.22 23.33 -13.47
N TRP B 651 25.06 24.36 -13.59
CA TRP B 651 26.50 24.21 -13.55
C TRP B 651 27.06 24.77 -12.24
N ASP B 652 28.01 24.06 -11.63
CA ASP B 652 28.63 24.50 -10.38
C ASP B 652 29.59 25.68 -10.58
N GLY B 653 29.97 25.93 -11.82
CA GLY B 653 30.84 27.05 -12.15
C GLY B 653 32.31 26.70 -12.08
N PRO B 654 33.18 27.72 -12.27
CA PRO B 654 34.62 27.50 -12.34
C PRO B 654 35.26 26.88 -11.10
N THR B 655 34.64 27.03 -9.93
CA THR B 655 35.20 26.42 -8.72
C THR B 655 35.13 24.89 -8.72
N ALA B 656 34.28 24.29 -9.54
CA ALA B 656 34.22 22.82 -9.55
C ALA B 656 35.59 22.23 -9.90
N ALA B 657 36.22 22.79 -10.92
CA ALA B 657 37.58 22.38 -11.33
C ALA B 657 38.64 22.74 -10.31
N MET B 658 38.45 23.84 -9.59
CA MET B 658 39.40 24.25 -8.54
C MET B 658 39.39 23.26 -7.39
N TYR B 659 38.20 22.87 -6.94
CA TYR B 659 38.09 21.94 -5.82
C TYR B 659 38.47 20.52 -6.26
N GLY B 660 38.14 20.18 -7.50
CA GLY B 660 38.56 18.92 -8.11
C GLY B 660 37.81 17.67 -7.63
N LEU B 661 36.67 17.87 -6.98
CA LEU B 661 35.93 16.75 -6.37
C LEU B 661 34.80 16.20 -7.25
N PHE B 662 34.10 17.11 -7.93
CA PHE B 662 32.90 16.80 -8.71
C PHE B 662 33.06 17.36 -10.11
N ALA B 663 32.49 16.71 -11.11
CA ALA B 663 32.51 17.24 -12.49
C ALA B 663 31.94 18.65 -12.57
N GLY B 664 30.86 18.89 -11.83
CA GLY B 664 30.23 20.20 -11.74
C GLY B 664 28.96 20.35 -12.56
N TYR B 665 28.55 19.31 -13.28
CA TYR B 665 27.33 19.35 -14.09
C TYR B 665 26.65 17.99 -14.02
C1 NAG C . -8.06 9.72 35.06
C2 NAG C . -6.89 10.46 35.67
C3 NAG C . -7.39 11.72 36.37
C4 NAG C . -8.12 12.58 35.33
C5 NAG C . -9.23 11.78 34.64
C6 NAG C . -9.81 12.56 33.46
C7 NAG C . -4.87 9.43 36.59
C8 NAG C . -4.30 8.62 37.73
N2 NAG C . -6.18 9.66 36.66
O3 NAG C . -6.29 12.43 36.94
O4 NAG C . -8.56 13.81 35.92
O5 NAG C . -8.64 10.61 34.11
O6 NAG C . -11.10 12.07 33.13
O7 NAG C . -4.17 9.83 35.68
C1 NAG C . -9.73 13.74 36.75
C2 NAG C . -9.69 14.87 37.77
C3 NAG C . -10.95 14.86 38.62
C4 NAG C . -12.18 14.84 37.72
C5 NAG C . -12.11 13.72 36.67
C6 NAG C . -13.24 13.72 35.65
C7 NAG C . -7.34 15.41 38.44
C8 NAG C . -7.24 16.46 37.41
N2 NAG C . -8.48 14.73 38.57
O3 NAG C . -10.88 16.02 39.46
O4 NAG C . -13.35 14.59 38.50
O5 NAG C . -10.90 13.83 35.96
O6 NAG C . -13.15 12.54 34.84
O7 NAG C . -6.37 15.19 39.17
C1 BMA C . -14.14 15.75 38.80
C2 BMA C . -15.57 15.31 39.02
C3 BMA C . -16.45 16.48 39.45
C4 BMA C . -15.81 17.19 40.64
C5 BMA C . -14.35 17.53 40.43
C6 BMA C . -13.74 18.05 41.74
O2 BMA C . -15.55 14.31 40.05
O3 BMA C . -17.74 16.05 39.90
O4 BMA C . -16.53 18.38 40.92
O5 BMA C . -13.60 16.39 39.96
O6 BMA C . -12.32 17.99 41.63
C1 MAN C . -11.57 18.47 42.77
C2 MAN C . -10.23 19.05 42.31
C3 MAN C . -9.23 17.96 41.87
C4 MAN C . -9.13 16.87 42.94
C5 MAN C . -10.52 16.36 43.34
C6 MAN C . -10.51 15.27 44.43
O2 MAN C . -9.63 19.82 43.36
O3 MAN C . -7.90 18.50 41.65
O4 MAN C . -8.33 15.80 42.44
O5 MAN C . -11.35 17.45 43.77
O6 MAN C . -9.44 15.42 45.37
C1 MAN C . -7.60 18.73 40.26
C2 MAN C . -6.09 18.92 40.04
C3 MAN C . -5.63 20.24 40.65
C4 MAN C . -6.47 21.40 40.09
C5 MAN C . -7.96 21.12 40.31
C6 MAN C . -8.85 22.20 39.69
O2 MAN C . -5.76 18.88 38.64
O3 MAN C . -4.25 20.44 40.36
O4 MAN C . -6.07 22.63 40.70
O5 MAN C . -8.30 19.87 39.73
O6 MAN C . -10.11 22.20 40.38
C1 MAN C . -18.73 15.85 38.88
C2 MAN C . -20.12 16.02 39.51
C3 MAN C . -20.34 14.91 40.54
C4 MAN C . -20.13 13.54 39.91
C5 MAN C . -18.77 13.46 39.18
C6 MAN C . -18.55 12.12 38.45
O2 MAN C . -21.14 15.95 38.51
O3 MAN C . -21.67 15.00 41.08
O4 MAN C . -20.16 12.55 40.95
O5 MAN C . -18.64 14.57 38.28
O6 MAN C . -19.55 11.89 37.45
C1 NAG D . -7.85 22.09 21.43
C2 NAG D . -7.35 22.50 22.85
C3 NAG D . -6.07 23.31 22.82
C4 NAG D . -5.04 22.59 21.97
C5 NAG D . -5.64 22.31 20.58
C6 NAG D . -4.68 21.61 19.62
C7 NAG D . -9.21 22.67 24.48
C8 NAG D . -10.29 23.57 24.98
N2 NAG D . -8.42 23.21 23.53
O3 NAG D . -5.60 23.58 24.15
O4 NAG D . -3.89 23.44 21.88
O5 NAG D . -6.80 21.48 20.72
O6 NAG D . -4.34 20.32 20.12
O7 NAG D . -9.05 21.51 24.90
C1 NAG D . -2.66 22.76 22.13
C2 NAG D . -1.52 23.68 21.73
C3 NAG D . -0.19 23.03 22.07
C4 NAG D . -0.19 22.52 23.52
C5 NAG D . -1.40 21.64 23.76
C6 NAG D . -1.46 21.06 25.19
C7 NAG D . -2.17 25.02 19.75
C8 NAG D . -1.99 25.11 18.26
N2 NAG D . -1.52 23.99 20.28
O3 NAG D . 0.87 23.97 21.89
O4 NAG D . 0.96 21.69 23.68
O5 NAG D . -2.56 22.41 23.53
O6 NAG D . -1.51 22.14 26.13
O7 NAG D . -2.86 25.80 20.39
C1 BMA D . 2.03 22.26 24.45
C2 BMA D . 2.70 21.16 25.26
C3 BMA D . 3.91 21.70 26.02
C4 BMA D . 4.83 22.49 25.12
C5 BMA D . 4.02 23.52 24.32
C6 BMA D . 4.91 24.20 23.32
O2 BMA D . 3.18 20.16 24.36
O3 BMA D . 4.65 20.57 26.52
O4 BMA D . 5.84 23.15 25.90
O5 BMA D . 2.98 22.86 23.60
O6 BMA D . 4.09 25.20 22.69
C1 MAN D . 4.85 20.69 27.94
C2 MAN D . 5.91 19.67 28.33
C3 MAN D . 5.39 18.25 28.19
C4 MAN D . 4.09 18.09 28.96
C5 MAN D . 3.07 19.19 28.61
C6 MAN D . 1.89 19.12 29.57
O2 MAN D . 6.21 19.98 29.69
O3 MAN D . 6.34 17.32 28.71
O4 MAN D . 3.55 16.79 28.65
O5 MAN D . 3.67 20.48 28.71
O6 MAN D . 1.01 20.23 29.36
C1 MAN D . 7.62 19.92 29.97
C2 MAN D . 7.73 19.84 31.49
C3 MAN D . 7.43 21.19 32.11
C4 MAN D . 8.31 22.29 31.51
C5 MAN D . 8.30 22.30 29.98
C6 MAN D . 9.46 23.13 29.46
O2 MAN D . 9.05 19.38 31.82
O3 MAN D . 7.65 21.08 33.53
O4 MAN D . 7.83 23.56 32.01
O5 MAN D . 8.42 20.98 29.41
O6 MAN D . 9.61 22.96 28.04
C1 MAN D . 9.10 17.93 31.84
C2 MAN D . 9.33 17.50 33.29
C3 MAN D . 10.74 17.85 33.73
C4 MAN D . 11.80 17.40 32.73
C5 MAN D . 11.45 17.76 31.28
C6 MAN D . 12.38 17.06 30.28
O2 MAN D . 9.06 16.09 33.39
O3 MAN D . 11.00 17.25 35.01
O4 MAN D . 13.06 18.01 33.06
O5 MAN D . 10.10 17.38 30.98
O6 MAN D . 12.92 18.01 29.36
C1 MAN D . 4.88 25.96 21.79
C2 MAN D . 3.99 27.03 21.16
C3 MAN D . 2.99 26.39 20.20
C4 MAN D . 3.72 25.50 19.21
C5 MAN D . 4.50 24.46 20.01
C6 MAN D . 5.22 23.45 19.13
O2 MAN D . 4.82 27.94 20.42
O3 MAN D . 2.26 27.41 19.47
O4 MAN D . 2.80 24.87 18.33
O5 MAN D . 5.48 25.17 20.77
O6 MAN D . 6.17 24.17 18.36
C1 MAN D . 6.65 23.37 17.28
C2 MAN D . 7.95 24.01 16.80
C3 MAN D . 7.64 25.41 16.27
C4 MAN D . 6.56 25.35 15.20
C5 MAN D . 5.33 24.57 15.69
C6 MAN D . 4.26 24.40 14.61
O2 MAN D . 8.50 23.25 15.71
O3 MAN D . 8.82 26.00 15.73
O4 MAN D . 6.20 26.69 14.85
O5 MAN D . 5.74 23.28 16.18
O6 MAN D . 4.81 23.61 13.56
C1 MAN D . 9.44 22.24 16.12
C2 MAN D . 10.19 21.85 14.84
C3 MAN D . 9.30 21.01 13.92
C4 MAN D . 8.55 19.89 14.66
C5 MAN D . 7.88 20.41 15.93
C6 MAN D . 7.21 19.27 16.70
O2 MAN D . 11.39 21.16 15.22
O3 MAN D . 10.10 20.43 12.87
O4 MAN D . 7.54 19.33 13.80
O5 MAN D . 8.86 21.10 16.74
O6 MAN D . 6.83 19.69 18.01
C1 MAN D . 0.91 27.51 19.92
C2 MAN D . 0.16 28.34 18.89
C3 MAN D . 0.64 29.79 18.92
C4 MAN D . 0.49 30.37 20.31
C5 MAN D . 1.24 29.46 21.31
C6 MAN D . 1.07 29.88 22.76
O2 MAN D . -1.25 28.28 19.16
O3 MAN D . -0.13 30.59 17.98
O4 MAN D . 1.03 31.69 20.39
O5 MAN D . 0.80 28.10 21.23
O6 MAN D . 1.86 28.98 23.55
C1 NAG E . -25.46 -15.49 -2.62
C2 NAG E . -26.21 -14.80 -3.77
C3 NAG E . -26.08 -15.59 -5.06
C4 NAG E . -24.63 -15.91 -5.36
C5 NAG E . -23.95 -16.56 -4.15
C6 NAG E . -22.47 -16.85 -4.32
C7 NAG E . -28.18 -13.55 -2.94
C8 NAG E . -29.65 -13.68 -2.66
N2 NAG E . -27.62 -14.67 -3.42
O3 NAG E . -26.65 -14.82 -6.13
O4 NAG E . -24.68 -16.83 -6.46
O5 NAG E . -24.11 -15.70 -3.02
O6 NAG E . -21.74 -15.63 -4.54
O7 NAG E . -27.58 -12.51 -2.73
C1 NAG E . -23.86 -16.45 -7.60
C2 NAG E . -23.49 -17.72 -8.35
C3 NAG E . -22.46 -17.33 -9.40
C4 NAG E . -23.10 -16.33 -10.36
C5 NAG E . -23.67 -15.13 -9.60
C6 NAG E . -24.46 -14.21 -10.52
C7 NAG E . -23.71 -19.77 -6.90
C8 NAG E . -25.19 -19.92 -7.15
N2 NAG E . -22.99 -18.78 -7.46
O3 NAG E . -22.01 -18.49 -10.12
O4 NAG E . -22.11 -15.91 -11.32
O5 NAG E . -24.51 -15.55 -8.51
O6 NAG E . -24.48 -12.89 -9.97
O7 NAG E . -23.15 -20.57 -6.16
C1 NAG F . 21.53 23.49 -19.42
C2 NAG F . 21.27 24.94 -19.03
C3 NAG F . 22.57 25.66 -18.75
C4 NAG F . 23.35 24.90 -17.68
C5 NAG F . 23.51 23.43 -18.04
C6 NAG F . 24.11 22.64 -16.89
C7 NAG F . 19.39 26.26 -19.89
C8 NAG F . 18.83 26.95 -21.10
N2 NAG F . 20.56 25.64 -20.08
O3 NAG F . 22.31 26.99 -18.29
O4 NAG F . 24.58 25.60 -17.36
O5 NAG F . 22.25 22.87 -18.36
O6 NAG F . 24.70 21.43 -17.34
O7 NAG F . 18.81 26.27 -18.81
C1 NAG F . 25.64 25.44 -18.29
C2 NAG F . 26.56 26.66 -18.18
C3 NAG F . 27.75 26.49 -19.12
C4 NAG F . 28.43 25.14 -18.87
C5 NAG F . 27.42 23.99 -18.91
C6 NAG F . 28.03 22.67 -18.49
C7 NAG F . 25.33 28.68 -17.52
C8 NAG F . 24.56 29.87 -18.01
N2 NAG F . 25.80 27.86 -18.47
O3 NAG F . 28.69 27.55 -18.87
O4 NAG F . 29.39 24.85 -19.90
O5 NAG F . 26.37 24.26 -18.00
O6 NAG F . 27.08 21.63 -18.76
O7 NAG F . 25.52 28.51 -16.32
C1 BMA F . 30.76 25.13 -19.52
C2 BMA F . 31.64 24.25 -20.38
C3 BMA F . 33.11 24.50 -20.04
C4 BMA F . 33.44 25.99 -20.18
C5 BMA F . 32.43 26.89 -19.48
C6 BMA F . 32.62 28.34 -19.91
O2 BMA F . 31.37 24.53 -21.76
O3 BMA F . 34.01 23.77 -20.88
O4 BMA F . 34.73 26.20 -19.61
O5 BMA F . 31.06 26.51 -19.74
O6 BMA F . 31.55 29.12 -19.37
C1 MAN F . 31.63 30.54 -19.67
C2 MAN F . 30.83 31.28 -18.58
C3 MAN F . 29.33 31.06 -18.76
C4 MAN F . 28.90 31.37 -20.19
C5 MAN F . 29.76 30.59 -21.18
C6 MAN F . 29.38 30.87 -22.65
O2 MAN F . 31.12 32.68 -18.62
O3 MAN F . 28.57 31.89 -17.85
O4 MAN F . 27.50 31.07 -20.35
O5 MAN F . 31.14 30.88 -20.97
O6 MAN F . 29.42 32.26 -22.95
C1 MAN F . 28.01 31.17 -16.73
C2 MAN F . 26.83 31.97 -16.14
C3 MAN F . 27.35 33.27 -15.52
C4 MAN F . 28.48 33.00 -14.53
C5 MAN F . 29.55 32.05 -15.09
C6 MAN F . 30.49 31.58 -13.99
O2 MAN F . 26.17 31.17 -15.14
O3 MAN F . 26.27 33.96 -14.87
O4 MAN F . 29.08 34.24 -14.14
O5 MAN F . 28.95 30.90 -15.70
O6 MAN F . 31.82 31.44 -14.55
C1 MAN F . 34.17 22.37 -20.51
C2 MAN F . 35.55 21.90 -20.99
C3 MAN F . 35.61 21.94 -22.50
C4 MAN F . 34.41 21.26 -23.18
C5 MAN F . 33.08 21.63 -22.52
C6 MAN F . 31.89 20.81 -23.05
O2 MAN F . 35.81 20.58 -20.49
O3 MAN F . 36.82 21.31 -22.95
O4 MAN F . 34.36 21.66 -24.55
O5 MAN F . 33.19 21.51 -21.09
O6 MAN F . 32.04 19.41 -22.86
C1 NAG G . 24.89 19.84 -1.68
C2 NAG G . 25.15 21.27 -2.23
C3 NAG G . 24.63 22.36 -1.29
C4 NAG G . 23.18 22.06 -0.94
C5 NAG G . 23.09 20.64 -0.35
C6 NAG G . 21.68 20.23 0.07
C7 NAG G . 27.14 21.36 -3.69
C8 NAG G . 28.64 21.44 -3.72
N2 NAG G . 26.59 21.42 -2.47
O3 NAG G . 24.77 23.66 -1.88
O4 NAG G . 22.77 23.04 0.01
O5 NAG G . 23.52 19.70 -1.34
O6 NAG G . 20.80 20.17 -1.05
O7 NAG G . 26.50 21.21 -4.72
C1 NAG G . 21.49 23.59 -0.30
C2 NAG G . 21.04 24.40 0.91
C3 NAG G . 19.76 25.15 0.59
C4 NAG G . 19.83 25.91 -0.73
C5 NAG G . 20.31 24.97 -1.83
C6 NAG G . 20.41 25.66 -3.20
C7 NAG G . 21.74 23.29 3.00
C8 NAG G . 21.26 22.42 4.14
N2 NAG G . 20.81 23.58 2.09
O3 NAG G . 19.44 26.05 1.67
O4 NAG G . 18.51 26.31 -1.11
O5 NAG G . 21.56 24.42 -1.47
O6 NAG G . 21.34 26.73 -3.09
O7 NAG G . 22.90 23.67 2.95
C1 BMA G . 18.23 27.71 -0.97
C2 BMA G . 17.24 28.12 -2.03
C3 BMA G . 16.86 29.59 -1.85
C4 BMA G . 16.39 29.85 -0.43
C5 BMA G . 17.43 29.33 0.56
C6 BMA G . 16.88 29.48 1.95
O2 BMA G . 16.06 27.31 -1.90
O3 BMA G . 15.79 29.91 -2.75
O4 BMA G . 16.18 31.26 -0.25
O5 BMA G . 17.68 27.95 0.31
O6 BMA G . 17.86 28.95 2.85
C1 MAN G . 17.46 29.17 4.20
C2 MAN G . 18.60 28.70 5.11
C3 MAN G . 18.74 27.19 5.04
C4 MAN G . 17.39 26.52 5.31
C5 MAN G . 16.39 27.05 4.29
C6 MAN G . 15.02 26.38 4.38
O2 MAN G . 18.30 29.08 6.47
O3 MAN G . 19.69 26.72 6.00
O4 MAN G . 17.53 25.09 5.22
O5 MAN G . 16.24 28.46 4.54
O6 MAN G . 14.49 26.78 5.63
C1 MAN G . 13.37 25.98 5.99
C2 MAN G . 12.62 26.72 7.11
C3 MAN G . 13.51 26.82 8.35
C4 MAN G . 14.05 25.43 8.73
C5 MAN G . 14.67 24.70 7.54
C6 MAN G . 15.13 23.28 7.87
O2 MAN G . 11.45 25.98 7.50
O3 MAN G . 12.75 27.38 9.44
O4 MAN G . 15.06 25.64 9.72
O5 MAN G . 13.75 24.67 6.44
O6 MAN G . 14.00 22.50 8.31
C1 MAN G . 10.25 26.32 6.80
C2 MAN G . 9.12 25.68 7.58
C3 MAN G . 9.20 24.15 7.46
C4 MAN G . 9.29 23.68 6.01
C5 MAN G . 10.36 24.46 5.24
C6 MAN G . 10.34 24.12 3.74
O2 MAN G . 7.87 26.18 7.12
O3 MAN G . 8.09 23.52 8.11
O4 MAN G . 9.62 22.28 5.97
O5 MAN G . 10.20 25.89 5.43
O6 MAN G . 11.29 24.93 3.05
C1 MAN G . 20.91 26.27 5.39
C2 MAN G . 21.69 25.53 6.47
C3 MAN G . 22.15 26.48 7.58
C4 MAN G . 22.98 27.60 6.98
C5 MAN G . 22.13 28.28 5.90
C6 MAN G . 22.88 29.42 5.24
O2 MAN G . 22.83 24.89 5.89
O3 MAN G . 22.91 25.77 8.56
O4 MAN G . 23.39 28.55 7.96
O5 MAN G . 21.71 27.36 4.88
O6 MAN G . 22.05 29.99 4.22
C1 MAN G . 16.10 31.03 -3.60
C2 MAN G . 14.84 31.46 -4.33
C3 MAN G . 14.43 30.41 -5.35
C4 MAN G . 15.59 30.12 -6.31
C5 MAN G . 16.84 29.74 -5.52
C6 MAN G . 18.05 29.58 -6.46
O2 MAN G . 15.09 32.70 -5.00
O3 MAN G . 13.26 30.85 -6.05
O4 MAN G . 15.21 29.08 -7.21
O5 MAN G . 17.14 30.75 -4.55
O6 MAN G . 19.30 29.74 -5.78
C1 MAN G . 14.03 33.66 -4.79
C2 MAN G . 14.23 34.82 -5.78
C3 MAN G . 15.47 35.61 -5.41
C4 MAN G . 15.43 36.06 -3.95
C5 MAN G . 15.13 34.89 -3.01
C6 MAN G . 14.93 35.33 -1.56
O2 MAN G . 13.05 35.65 -5.78
O3 MAN G . 15.61 36.74 -6.29
O4 MAN G . 16.70 36.66 -3.61
O5 MAN G . 13.96 34.17 -3.44
O6 MAN G . 13.55 35.64 -1.29
C1 NAG H . 9.71 -23.54 -15.65
C2 NAG H . 10.36 -24.42 -14.58
C3 NAG H . 9.42 -25.55 -14.16
C4 NAG H . 7.99 -25.05 -13.89
C5 NAG H . 7.48 -24.17 -15.03
C6 NAG H . 6.13 -23.53 -14.74
C7 NAG H . 12.82 -24.46 -14.83
C8 NAG H . 13.95 -25.12 -15.55
N2 NAG H . 11.60 -24.91 -15.14
O3 NAG H . 9.92 -26.14 -12.95
O4 NAG H . 7.08 -26.16 -13.75
O5 NAG H . 8.41 -23.11 -15.24
O6 NAG H . 6.20 -22.74 -13.55
O7 NAG H . 13.03 -23.57 -14.01
C1 NAG H . 6.45 -26.16 -12.45
C2 NAG H . 5.18 -27.02 -12.46
C3 NAG H . 4.66 -27.29 -11.05
C4 NAG H . 5.78 -27.66 -10.09
C5 NAG H . 6.84 -26.57 -10.12
C6 NAG H . 7.98 -26.70 -9.11
C7 NAG H . 3.87 -26.60 -14.53
C8 NAG H . 2.80 -25.74 -15.12
N2 NAG H . 4.17 -26.33 -13.26
O3 NAG H . 3.67 -28.33 -11.07
O4 NAG H . 5.26 -27.81 -8.75
O5 NAG H . 7.39 -26.56 -11.45
O6 NAG H . 8.03 -28.01 -8.51
O7 NAG H . 4.43 -27.46 -15.19
C1 FRU I . -22.66 13.97 13.31
C2 FRU I . -22.08 15.32 13.72
C3 FRU I . -21.94 16.26 12.54
C4 FRU I . -20.93 17.27 13.09
C5 FRU I . -20.02 16.39 13.94
C6 FRU I . -19.56 17.12 15.21
O1 FRU I . -22.83 13.15 14.48
O2 FRU I . -22.90 15.92 14.72
O3 FRU I . -23.20 16.83 12.18
O4 FRU I . -20.14 17.92 12.08
O5 FRU I . -20.77 15.21 14.26
O6 FRU I . -18.55 16.37 15.93
C1 NPO J . -22.56 18.84 19.64
C2 NPO J . -22.93 18.88 18.28
C3 NPO J . -22.79 17.74 17.49
C4 NPO J . -22.28 16.56 18.04
C5 NPO J . -21.92 16.51 19.40
C6 NPO J . -22.06 17.65 20.19
OH NPO J . -22.14 15.43 17.29
N1 NPO J . -22.69 19.97 20.46
O2 NPO J . -22.38 19.91 21.82
O3 NPO J . -23.08 21.05 20.01
C1 NPO K . -15.74 -14.57 4.55
C2 NPO K . -16.05 -13.22 4.78
C3 NPO K . -16.38 -12.39 3.71
C4 NPO K . -16.42 -12.90 2.41
C5 NPO K . -16.11 -14.24 2.18
C6 NPO K . -15.77 -15.07 3.25
OH NPO K . -16.74 -12.10 1.37
N1 NPO K . -15.39 -15.41 5.62
O2 NPO K . -15.08 -16.74 5.40
O3 NPO K . -15.31 -14.98 6.75
C1 EDO L . -25.26 33.22 23.99
O1 EDO L . -25.53 33.19 22.58
C2 EDO L . -25.57 31.95 24.80
O2 EDO L . -24.47 31.04 24.98
C1 EDO M . -11.50 -12.41 -0.54
O1 EDO M . -12.88 -12.61 -0.93
C2 EDO M . -10.63 -12.01 -1.72
O2 EDO M . -9.54 -12.90 -1.99
C1 EDO N . -7.31 1.27 -3.83
O1 EDO N . -6.60 0.58 -2.79
C2 EDO N . -7.12 2.77 -3.67
O2 EDO N . -5.77 3.09 -3.35
C1 EDO O . -33.18 -27.03 1.82
O1 EDO O . -31.93 -26.71 1.19
C2 EDO O . -34.25 -26.03 1.40
O2 EDO O . -34.65 -25.13 2.45
C1 EDO P . -29.63 -19.57 24.21
O1 EDO P . -30.56 -19.00 25.13
C2 EDO P . -30.26 -20.66 23.34
O2 EDO P . -31.02 -20.09 22.26
C1 EDO Q . -8.81 -2.02 44.75
O1 EDO Q . -9.33 -3.20 44.12
C2 EDO Q . -7.28 -2.06 44.78
O2 EDO Q . -6.77 -2.36 43.48
C1 EDO R . -18.56 -9.56 2.01
O1 EDO R . -19.61 -10.46 1.64
C2 EDO R . -19.16 -8.27 2.57
O2 EDO R . -19.33 -7.25 1.56
C1 EDO S . -40.83 6.88 -8.91
O1 EDO S . -39.60 7.53 -9.27
C2 EDO S . -40.62 5.86 -7.76
O2 EDO S . -41.52 5.98 -6.67
C1 EDO T . -36.15 -28.42 17.82
O1 EDO T . -35.49 -29.12 18.88
C2 EDO T . -36.73 -29.40 16.79
O2 EDO T . -37.32 -28.71 15.68
C1 EDO U . -24.35 -22.20 26.27
O1 EDO U . -25.69 -21.91 26.68
C2 EDO U . -24.33 -23.15 25.07
O2 EDO U . -23.00 -23.49 24.65
C1 EDO V . -9.92 -2.98 -6.26
O1 EDO V . -8.99 -3.95 -5.78
C2 EDO V . -10.98 -3.63 -7.12
O2 EDO V . -12.13 -2.78 -7.22
C1 EDO W . -1.00 -1.57 -1.67
O1 EDO W . -2.16 -2.20 -2.22
C2 EDO W . -0.71 -2.13 -0.29
O2 EDO W . 0.13 -3.29 -0.30
C1 EDO X . -39.10 26.71 17.82
O1 EDO X . -38.19 26.14 18.78
C2 EDO X . -38.72 28.17 17.57
O2 EDO X . -37.76 28.40 16.52
C1 NAG Y . -18.76 -0.11 42.43
C2 NAG Y . -19.89 -0.17 43.43
C3 NAG Y . -20.58 1.17 43.57
C4 NAG Y . -19.55 2.24 43.92
C5 NAG Y . -18.45 2.20 42.86
C6 NAG Y . -17.34 3.24 43.02
C7 NAG Y . -21.12 -2.32 43.73
C8 NAG Y . -20.42 -2.59 45.03
N2 NAG Y . -20.85 -1.20 43.04
O3 NAG Y . -21.57 1.08 44.60
O4 NAG Y . -20.18 3.52 43.96
O5 NAG Y . -17.85 0.91 42.86
O6 NAG Y . -16.74 3.43 41.72
O7 NAG Y . -21.94 -3.12 43.30
C1 NAG Z . 5.84 11.78 16.97
C2 NAG Z . 6.07 10.65 17.98
C3 NAG Z . 6.58 11.25 19.31
C4 NAG Z . 7.67 12.31 19.16
C5 NAG Z . 7.40 13.27 17.99
C6 NAG Z . 8.62 14.15 17.71
C7 NAG Z . 4.54 8.69 17.91
C8 NAG Z . 3.22 8.18 18.42
N2 NAG Z . 4.85 9.93 18.31
O3 NAG Z . 7.08 10.19 20.13
O4 NAG Z . 7.75 13.05 20.39
O5 NAG Z . 7.07 12.50 16.83
O6 NAG Z . 8.22 15.53 17.52
O7 NAG Z . 5.24 8.02 17.17
C1 NAG AA . -36.95 32.70 14.69
C2 NAG AA . -36.86 32.84 16.21
C3 NAG AA . -36.82 34.30 16.67
C4 NAG AA . -35.72 35.07 15.96
C5 NAG AA . -35.88 34.97 14.45
C6 NAG AA . -34.64 35.55 13.76
C7 NAG AA . -38.01 31.56 17.98
C8 NAG AA . -39.37 31.17 18.49
N2 NAG AA . -38.04 32.30 16.86
O3 NAG AA . -36.60 34.38 18.09
O4 NAG AA . -35.79 36.44 16.36
O5 NAG AA . -36.06 33.61 14.01
O6 NAG AA . -34.71 35.38 12.34
O7 NAG AA . -36.98 31.25 18.55
C1 NAG BA . -31.92 23.01 -22.17
C2 NAG BA . -32.83 21.81 -21.95
C3 NAG BA . -32.64 20.86 -23.13
C4 NAG BA . -32.78 21.59 -24.48
C5 NAG BA . -31.97 22.87 -24.55
C6 NAG BA . -32.27 23.75 -25.78
C7 NAG BA . -33.35 21.21 -19.59
C8 NAG BA . -32.86 20.52 -18.33
N2 NAG BA . -32.53 21.18 -20.65
O3 NAG BA . -33.64 19.83 -23.02
O4 NAG BA . -32.35 20.74 -25.56
O5 NAG BA . -32.28 23.66 -23.41
O6 NAG BA . -33.64 24.17 -25.73
O7 NAG BA . -34.45 21.73 -19.58
C1 NAG CA . -26.47 38.31 -12.49
C2 NAG CA . -27.34 39.02 -11.46
C3 NAG CA . -28.07 40.15 -12.17
C4 NAG CA . -27.07 41.12 -12.79
C5 NAG CA . -26.05 40.40 -13.67
C6 NAG CA . -24.92 41.37 -14.00
C7 NAG CA . -28.40 37.98 -9.49
C8 NAG CA . -29.51 37.08 -9.00
N2 NAG CA . -28.33 38.16 -10.82
O3 NAG CA . -28.89 40.85 -11.23
O4 NAG CA . -27.77 42.08 -13.59
O5 NAG CA . -25.51 39.23 -13.03
O6 NAG CA . -23.96 40.73 -14.83
O7 NAG CA . -27.62 38.47 -8.68
C1 NAG DA . -24.76 14.42 -22.32
C2 NAG DA . -25.12 15.60 -23.24
C3 NAG DA . -25.28 15.20 -24.71
C4 NAG DA . -24.21 14.22 -25.15
C5 NAG DA . -24.17 13.04 -24.17
C6 NAG DA . -23.28 11.90 -24.67
C7 NAG DA . -26.52 17.37 -22.22
C8 NAG DA . -27.93 17.69 -21.79
N2 NAG DA . -26.38 16.15 -22.76
O3 NAG DA . -25.24 16.37 -25.54
O4 NAG DA . -24.50 13.77 -26.48
O5 NAG DA . -23.75 13.57 -22.90
O6 NAG DA . -22.64 11.26 -23.56
O7 NAG DA . -25.61 18.16 -22.06
C1 NAG EA . -35.95 28.89 -5.17
C2 NAG EA . -35.54 29.61 -3.89
C3 NAG EA . -35.71 28.66 -2.70
C4 NAG EA . -37.13 28.11 -2.66
C5 NAG EA . -37.45 27.44 -3.99
C6 NAG EA . -38.87 26.90 -4.05
C7 NAG EA . -33.63 31.24 -3.75
C8 NAG EA . -34.49 32.34 -3.25
N2 NAG EA . -34.15 30.03 -4.02
O3 NAG EA . -35.38 29.34 -1.49
O4 NAG EA . -37.26 27.18 -1.58
O5 NAG EA . -37.27 28.40 -5.04
O6 NAG EA . -39.79 27.97 -3.82
O7 NAG EA . -32.43 31.45 -3.91
C1 NAG FA . -46.50 -5.47 -12.83
C2 NAG FA . -47.82 -4.80 -13.20
C3 NAG FA . -48.90 -5.18 -12.19
C4 NAG FA . -48.97 -6.71 -12.06
C5 NAG FA . -47.60 -7.33 -11.75
C6 NAG FA . -47.62 -8.85 -11.80
C7 NAG FA . -47.62 -2.72 -14.47
C8 NAG FA . -47.33 -1.24 -14.42
N2 NAG FA . -47.59 -3.36 -13.30
O3 NAG FA . -50.16 -4.61 -12.62
O4 NAG FA . -49.87 -7.08 -11.03
O5 NAG FA . -46.65 -6.87 -12.72
O6 NAG FA . -47.84 -9.31 -13.14
O7 NAG FA . -47.88 -3.26 -15.55
C1 NAG GA . -2.16 -9.05 4.69
C1 NAG GA . -2.29 -11.47 11.11
C2 NAG GA . -2.07 -9.32 3.20
C2 NAG GA . -1.56 -10.22 11.58
C3 NAG GA . -1.38 -8.17 2.47
C3 NAG GA . -0.94 -10.43 12.96
C4 NAG GA . -1.99 -6.84 2.86
C4 NAG GA . -2.02 -10.87 13.93
C5 NAG GA . -1.79 -6.65 4.36
C5 NAG GA . -2.75 -12.09 13.38
C6 NAG GA . -2.31 -5.32 4.91
C6 NAG GA . -3.88 -12.51 14.31
C7 NAG GA . -1.78 -11.51 2.17
C7 NAG GA . -0.70 -8.82 9.79
C8 NAG GA . -3.00 -11.15 1.40
C8 NAG GA . 0.46 -8.53 8.88
N2 NAG GA . -1.37 -10.58 3.03
N2 NAG GA . -0.52 -9.83 10.64
O3 NAG GA . -1.47 -8.30 1.05
O3 NAG GA . -0.33 -9.23 13.43
O4 NAG GA . -1.32 -5.81 2.12
O4 NAG GA . -1.42 -11.18 15.19
O5 NAG GA . -2.52 -7.69 5.00
O5 NAG GA . -3.28 -11.81 12.08
O6 NAG GA . -3.58 -4.99 4.37
O6 NAG GA . -4.13 -13.90 14.13
O7 NAG GA . -1.18 -12.57 2.01
O7 NAG GA . -1.74 -8.18 9.75
C1 NAG HA . -30.53 -33.91 9.01
C2 NAG HA . -30.10 -34.72 7.79
C3 NAG HA . -28.95 -35.67 8.15
C4 NAG HA . -27.79 -34.89 8.77
C5 NAG HA . -28.24 -33.93 9.87
C6 NAG HA . -27.13 -32.92 10.17
C7 NAG HA . -31.49 -35.55 5.97
C8 NAG HA . -32.70 -36.35 5.58
N2 NAG HA . -31.23 -35.47 7.27
O3 NAG HA . -28.51 -36.33 6.97
O4 NAG HA . -26.83 -35.81 9.31
O5 NAG HA . -29.41 -33.20 9.53
O6 NAG HA . -26.90 -32.06 9.03
O7 NAG HA . -30.79 -35.02 5.12
C1 NAG IA . -46.31 -19.39 0.46
C2 NAG IA . -47.48 -18.49 0.83
C3 NAG IA . -48.06 -17.90 -0.43
C4 NAG IA . -47.01 -17.00 -1.06
C5 NAG IA . -45.67 -17.72 -1.28
C6 NAG IA . -44.56 -16.70 -1.42
C7 NAG IA . -49.06 -18.81 2.74
C8 NAG IA . -48.71 -17.47 3.32
N2 NAG IA . -48.47 -19.23 1.61
O3 NAG IA . -49.26 -17.17 -0.13
O4 NAG IA . -47.49 -16.48 -2.31
O5 NAG IA . -45.30 -18.61 -0.21
O6 NAG IA . -43.48 -17.26 -2.15
O7 NAG IA . -49.88 -19.52 3.29
C1 NAG JA . -40.41 -7.75 12.80
C2 NAG JA . -41.17 -7.96 14.13
C3 NAG JA . -42.32 -6.99 14.28
C4 NAG JA . -41.81 -5.56 14.23
C5 NAG JA . -41.05 -5.30 12.92
C6 NAG JA . -40.23 -4.02 13.05
C7 NAG JA . -40.93 -10.36 14.69
C8 NAG JA . -41.67 -11.65 14.78
N2 NAG JA . -41.68 -9.33 14.27
O3 NAG JA . -43.00 -7.22 15.52
O4 NAG JA . -42.91 -4.65 14.37
O5 NAG JA . -40.14 -6.35 12.54
O6 NAG JA . -40.09 -3.46 11.73
O7 NAG JA . -39.73 -10.26 14.95
C1 NAG KA . -30.54 -5.68 30.13
C2 NAG KA . -30.50 -6.71 31.26
C3 NAG KA . -31.56 -6.32 32.29
C4 NAG KA . -31.27 -4.92 32.81
C5 NAG KA . -31.09 -3.92 31.65
C6 NAG KA . -30.57 -2.58 32.15
C7 NAG KA . -29.99 -9.16 31.09
C8 NAG KA . -29.01 -9.06 32.22
N2 NAG KA . -30.65 -8.06 30.70
O3 NAG KA . -31.58 -7.25 33.38
O4 NAG KA . -32.34 -4.49 33.64
O5 NAG KA . -30.18 -4.41 30.67
O6 NAG KA . -29.35 -2.77 32.87
O7 NAG KA . -30.17 -10.23 30.54
C1 NAG LA . -14.64 -20.81 29.80
C2 NAG LA . -14.82 -22.31 30.06
C3 NAG LA . -15.88 -22.53 31.14
C4 NAG LA . -15.50 -21.70 32.38
C5 NAG LA . -15.39 -20.22 32.01
C6 NAG LA . -14.97 -19.38 33.20
C7 NAG LA . -16.08 -22.95 27.94
C8 NAG LA . -17.32 -22.20 28.27
N2 NAG LA . -15.02 -22.99 28.77
O3 NAG LA . -15.98 -23.93 31.45
O4 NAG LA . -16.50 -21.88 33.38
O5 NAG LA . -14.40 -20.04 30.98
O6 NAG LA . -13.57 -19.58 33.45
O7 NAG LA . -16.07 -23.58 26.89
C1 NAG MA . -2.10 1.84 28.93
C2 NAG MA . -2.22 1.18 30.31
C3 NAG MA . -2.67 2.20 31.36
C4 NAG MA . -1.76 3.41 31.33
C5 NAG MA . -1.75 4.00 29.91
C6 NAG MA . -0.88 5.25 29.81
C7 NAG MA . -2.84 -1.17 29.95
C8 NAG MA . -3.98 -2.14 29.88
N2 NAG MA . -3.17 0.10 30.23
O3 NAG MA . -2.64 1.57 32.66
O4 NAG MA . -2.20 4.38 32.28
O5 NAG MA . -1.27 3.00 29.01
O6 NAG MA . 0.48 4.94 30.10
O7 NAG MA . -1.68 -1.55 29.77
C1 FRU NA . 29.21 2.07 -5.76
C2 FRU NA . 29.68 3.29 -4.99
C3 FRU NA . 29.73 2.98 -3.51
C4 FRU NA . 29.71 4.37 -2.90
C5 FRU NA . 28.77 5.11 -3.84
C6 FRU NA . 29.19 6.56 -4.02
O1 FRU NA . 29.14 2.38 -7.15
O2 FRU NA . 30.97 3.74 -5.46
O3 FRU NA . 30.91 2.25 -3.16
O4 FRU NA . 29.26 4.40 -1.55
O5 FRU NA . 28.78 4.39 -5.09
O6 FRU NA . 28.24 7.28 -4.83
C1 NPO OA . 33.71 8.64 -6.69
C2 NPO OA . 32.80 8.74 -7.76
C3 NPO OA . 31.86 7.73 -7.98
C4 NPO OA . 31.82 6.63 -7.13
C5 NPO OA . 32.73 6.52 -6.06
C6 NPO OA . 33.67 7.52 -5.84
OH NPO OA . 30.89 5.65 -7.35
N1 NPO OA . 34.66 9.66 -6.47
O2 NPO OA . 35.35 9.74 -5.25
O3 NPO OA . 34.91 10.51 -7.33
C1 NPO PA . 4.73 -12.54 -17.17
C2 NPO PA . 4.13 -13.68 -16.63
C3 NPO PA . 4.59 -14.22 -15.43
C4 NPO PA . 5.64 -13.63 -14.75
C5 NPO PA . 6.24 -12.47 -15.28
C6 NPO PA . 5.79 -11.93 -16.48
OH NPO PA . 6.09 -14.15 -13.59
N1 NPO PA . 4.25 -11.99 -18.37
O2 NPO PA . 4.87 -10.88 -18.92
O3 NPO PA . 3.28 -12.46 -18.95
C1 EDO QA . 1.53 -12.97 -11.59
O1 EDO QA . 2.40 -14.10 -11.80
C2 EDO QA . 1.23 -12.79 -10.10
O2 EDO QA . -0.16 -12.58 -9.79
C1 EDO RA . 5.86 -5.33 1.89
O1 EDO RA . 4.96 -5.53 0.79
C2 EDO RA . 5.20 -5.79 3.19
O2 EDO RA . 5.86 -6.94 3.78
C1 EDO SA . 30.35 -24.69 13.31
O1 EDO SA . 29.31 -24.18 14.15
C2 EDO SA . 29.75 -25.19 11.99
O2 EDO SA . 30.15 -24.42 10.85
C1 EDO TA . 9.61 -13.20 -13.13
O1 EDO TA . 9.01 -14.50 -12.97
C2 EDO TA . 11.02 -13.22 -12.55
O2 EDO TA . 10.95 -13.47 -11.15
C1 EDO UA . 10.66 -12.13 9.50
O1 EDO UA . 11.85 -11.34 9.50
C2 EDO UA . 9.87 -12.06 10.80
O2 EDO UA . 8.47 -12.23 10.48
C1 EDO VA . 18.25 -21.97 -43.04
O1 EDO VA . 19.65 -21.77 -43.26
C2 EDO VA . 18.03 -23.41 -42.58
O2 EDO VA . 16.65 -23.78 -42.59
C1 EDO WA . 36.53 18.61 -11.87
O1 EDO WA . 36.34 18.25 -10.49
C2 EDO WA . 35.51 19.68 -12.30
O2 EDO WA . 35.29 19.74 -13.72
C1 EDO XA . 15.36 -28.65 -0.24
O1 EDO XA . 14.45 -27.60 -0.60
C2 EDO XA . 15.92 -28.43 1.18
O2 EDO XA . 17.24 -27.88 1.20
C1 EDO YA . 13.96 -30.64 -41.76
O1 EDO YA . 13.56 -29.27 -41.87
C2 EDO YA . 15.08 -30.79 -40.76
O2 EDO YA . 15.39 -32.14 -40.45
C1 EDO ZA . 13.07 18.39 6.39
O1 EDO ZA . 12.31 19.46 5.83
C2 EDO ZA . 14.50 18.79 6.77
O2 EDO ZA . 14.51 20.03 7.50
C1 NAG AB . 25.80 17.65 -34.22
C2 NAG AB . 27.06 17.30 -35.02
C3 NAG AB . 28.32 17.76 -34.28
C4 NAG AB . 28.19 19.19 -33.75
C5 NAG AB . 26.93 19.25 -32.89
C6 NAG AB . 26.70 20.57 -32.13
C7 NAG AB . 26.83 15.25 -36.39
C8 NAG AB . 26.99 13.75 -36.40
N2 NAG AB . 27.14 15.85 -35.24
O3 NAG AB . 29.46 17.67 -35.16
O4 NAG AB . 29.37 19.52 -33.01
O5 NAG AB . 25.83 19.02 -33.76
O6 NAG AB . 26.09 20.26 -30.87
O7 NAG AB . 26.45 15.85 -37.40
C1 NAG BB . 7.21 20.24 -1.93
C2 NAG BB . 6.80 20.53 -3.38
C3 NAG BB . 7.07 21.97 -3.81
C4 NAG BB . 6.58 23.01 -2.82
C5 NAG BB . 7.01 22.72 -1.39
C6 NAG BB . 6.11 23.51 -0.44
C7 NAG BB . 6.87 18.78 -5.16
C8 NAG BB . 7.77 18.14 -6.18
N2 NAG BB . 7.46 19.73 -4.42
O3 NAG BB . 6.43 22.23 -5.07
O4 NAG BB . 7.09 24.30 -3.22
O5 NAG BB . 6.99 21.33 -0.99
O6 NAG BB . 6.43 23.23 0.93
O7 NAG BB . 5.71 18.44 -5.03
C1 NAG CB . 51.45 2.76 2.07
C2 NAG CB . 51.80 3.80 1.00
C3 NAG CB . 52.68 4.97 1.45
C4 NAG CB . 52.83 5.21 2.96
C5 NAG CB . 52.07 4.28 3.92
C6 NAG CB . 51.32 5.13 4.95
C7 NAG CB . 52.48 3.60 -1.36
C8 NAG CB . 53.24 2.76 -2.36
N2 NAG CB . 52.48 3.13 -0.12
O3 NAG CB . 52.17 6.17 0.86
O4 NAG CB . 54.23 5.13 3.29
O5 NAG CB . 51.11 3.42 3.31
O6 NAG CB . 50.72 4.31 5.95
O7 NAG CB . 51.93 4.65 -1.69
C1 NAG DB . 38.84 -7.37 27.68
C2 NAG DB . 40.20 -6.73 27.49
C3 NAG DB . 41.13 -7.26 28.58
C4 NAG DB . 40.61 -6.75 29.91
C5 NAG DB . 39.13 -7.10 30.15
C6 NAG DB . 38.54 -6.14 31.19
C7 NAG DB . 41.27 -6.07 25.34
C8 NAG DB . 41.47 -4.65 25.80
N2 NAG DB . 40.70 -6.98 26.14
O3 NAG DB . 42.47 -6.82 28.34
O4 NAG DB . 41.40 -7.29 30.98
O5 NAG DB . 38.30 -7.02 28.97
O6 NAG DB . 37.32 -6.67 31.73
O7 NAG DB . 41.64 -6.40 24.22
C1 NAG EB . 21.33 -23.05 18.35
C2 NAG EB . 21.76 -22.95 19.81
C3 NAG EB . 21.02 -23.98 20.64
C4 NAG EB . 19.53 -23.70 20.51
C5 NAG EB . 19.03 -23.80 19.06
C6 NAG EB . 17.76 -22.97 18.88
C7 NAG EB . 24.10 -22.20 20.29
C8 NAG EB . 25.55 -22.59 20.20
N2 NAG EB . 23.22 -23.12 19.85
O3 NAG EB . 21.43 -23.88 22.01
O4 NAG EB . 18.79 -24.63 21.31
O5 NAG EB . 19.96 -23.39 18.06
O6 NAG EB . 16.96 -23.54 17.85
O7 NAG EB . 23.77 -21.10 20.74
C1 NAG FB . 42.95 -11.68 13.23
C2 NAG FB . 43.42 -10.23 12.98
C3 NAG FB . 43.30 -9.89 11.49
C4 NAG FB . 44.08 -10.93 10.68
C5 NAG FB . 43.54 -12.32 10.99
C6 NAG FB . 44.24 -13.45 10.23
C7 NAG FB . 43.16 -8.27 14.43
C8 NAG FB . 42.20 -7.47 15.26
N2 NAG FB . 42.64 -9.34 13.82
O3 NAG FB . 43.82 -8.59 11.22
O4 NAG FB . 43.98 -10.64 9.27
O5 NAG FB . 43.68 -12.57 12.39
O6 NAG FB . 45.64 -13.18 10.02
O7 NAG FB . 44.32 -7.94 14.31
C1 NAG GB . 29.43 -37.58 -8.44
C2 NAG GB . 30.75 -38.36 -8.35
C3 NAG GB . 31.61 -38.12 -9.59
C4 NAG GB . 30.85 -38.47 -10.85
C5 NAG GB . 29.47 -37.79 -10.88
C6 NAG GB . 28.60 -38.44 -11.95
C7 NAG GB . 31.37 -38.69 -6.01
C8 NAG GB . 32.11 -38.14 -4.83
N2 NAG GB . 31.43 -37.97 -7.13
O3 NAG GB . 32.79 -38.92 -9.54
O4 NAG GB . 31.60 -38.06 -12.00
O5 NAG GB . 28.75 -37.88 -9.65
O6 NAG GB . 28.00 -39.65 -11.44
O7 NAG GB . 30.76 -39.73 -5.92
C1 NAG HB . -2.30 -2.07 -9.82
C1 NAG HB . -2.05 1.24 -15.88
C2 NAG HB . -2.90 -3.19 -8.98
C2 NAG HB . -1.66 2.49 -15.08
C3 NAG HB . -3.01 -2.78 -7.51
C3 NAG HB . -1.82 3.74 -15.94
C4 NAG HB . -1.68 -2.21 -7.02
C4 NAG HB . -0.98 3.57 -17.21
C5 NAG HB . -1.26 -1.04 -7.91
C5 NAG HB . -1.37 2.30 -17.93
C6 NAG HB . 0.06 -0.35 -7.53
C6 NAG HB . -0.47 2.11 -19.14
C7 NAG HB . -4.50 -4.85 -9.65
C7 NAG HB . -1.93 2.35 -12.68
C8 NAG HB . -5.86 -5.14 -10.23
C8 NAG HB . -2.90 2.50 -11.54
N2 NAG HB . -4.19 -3.56 -9.52
N2 NAG HB . -2.46 2.60 -13.88
O3 NAG HB . -3.39 -3.94 -6.75
O3 NAG HB . -1.39 4.91 -15.23
O4 NAG HB . -1.81 -1.75 -5.67
O4 NAG HB . -1.19 4.69 -18.06
O5 NAG HB . -1.11 -1.56 -9.23
O5 NAG HB . -1.26 1.16 -17.08
O6 NAG HB . 1.09 -1.29 -7.21
O6 NAG HB . -1.14 1.27 -20.09
O7 NAG HB . -3.73 -5.72 -9.31
O7 NAG HB . -0.76 2.03 -12.54
C1 NAG IB . 5.65 -26.83 -37.26
C2 NAG IB . 4.52 -27.80 -36.88
C3 NAG IB . 3.21 -27.26 -37.45
C4 NAG IB . 2.95 -25.80 -37.08
C5 NAG IB . 4.18 -24.92 -37.27
C6 NAG IB . 3.99 -23.54 -36.62
C7 NAG IB . 4.84 -30.24 -36.63
C8 NAG IB . 5.07 -31.55 -37.35
N2 NAG IB . 4.75 -29.15 -37.40
O3 NAG IB . 2.13 -28.05 -36.97
O4 NAG IB . 1.89 -25.27 -37.89
O5 NAG IB . 5.33 -25.55 -36.72
O6 NAG IB . 3.89 -23.67 -35.19
O7 NAG IB . 4.74 -30.21 -35.41
C1 NAG JB . 29.68 -18.21 -25.28
C2 NAG JB . 30.48 -18.09 -26.58
C3 NAG JB . 31.98 -18.29 -26.32
C4 NAG JB . 32.51 -17.49 -25.14
C5 NAG JB . 31.63 -17.61 -23.88
C6 NAG JB . 32.01 -16.53 -22.86
C7 NAG JB . 29.52 -18.76 -28.79
C8 NAG JB . 29.24 -19.92 -29.72
N2 NAG JB . 30.09 -19.06 -27.62
O3 NAG JB . 32.69 -17.91 -27.51
O4 NAG JB . 33.84 -17.93 -24.81
O5 NAG JB . 30.24 -17.45 -24.19
O6 NAG JB . 32.08 -17.09 -21.54
O7 NAG JB . 29.24 -17.63 -29.16
C1 NAG KB . 28.33 -0.23 -32.81
C2 NAG KB . 28.34 -0.32 -34.36
C3 NAG KB . 29.71 0.09 -34.92
C4 NAG KB . 30.20 1.42 -34.34
C5 NAG KB . 30.14 1.36 -32.81
C6 NAG KB . 30.57 2.66 -32.14
C7 NAG KB . 26.98 -1.96 -35.60
C8 NAG KB . 26.87 -3.39 -36.02
N2 NAG KB . 28.05 -1.66 -34.84
O3 NAG KB . 29.59 0.19 -36.35
O4 NAG KB . 31.54 1.69 -34.77
O5 NAG KB . 28.78 1.06 -32.43
O6 NAG KB . 29.69 3.73 -32.50
O7 NAG KB . 26.14 -1.13 -35.92
C1 NAG LB . 10.68 19.32 -18.90
C2 NAG LB . 10.79 19.88 -20.33
C3 NAG LB . 11.99 20.81 -20.50
C4 NAG LB . 11.98 21.85 -19.40
C5 NAG LB . 11.94 21.15 -18.02
C6 NAG LB . 11.98 22.14 -16.87
C7 NAG LB . 9.85 18.32 -21.94
C8 NAG LB . 10.07 17.10 -22.79
N2 NAG LB . 10.88 18.74 -21.22
O3 NAG LB . 11.91 21.47 -21.78
O4 NAG LB . 13.14 22.67 -19.53
O5 NAG LB . 10.74 20.38 -17.94
O6 NAG LB . 10.84 23.00 -16.89
O7 NAG LB . 8.77 18.89 -21.93
#